data_7OUG
#
_entry.id   7OUG
#
_cell.length_a   1.00
_cell.length_b   1.00
_cell.length_c   1.00
_cell.angle_alpha   90.00
_cell.angle_beta   90.00
_cell.angle_gamma   90.00
#
_symmetry.space_group_name_H-M   'P 1'
#
loop_
_entity.id
_entity.type
_entity.pdbx_description
1 polymer Integrase
2 polymer 'Isoform 3 of PC4 and SFRS1-interacting protein,Isoform Gamma-2 of Serine/threonine-protein phosphatase 2A 56 kDa regulatory subunit gamma isoform'
3 polymer "DNA (5'-D(*AP*CP*TP*GP*TP*GP*TP*TP*TP*GP*GP*CP*GP*CP*TP*TP*CP*TP*CP*TP*C)-3')"
4 polymer "DNA (5'-D(*GP*AP*GP*AP*GP*AP*AP*GP*CP*GP*CP*CP*AP*AP*AP*CP*AP*CP*A)-3')"
5 non-polymer 'ZINC ION'
6 non-polymer 'MAGNESIUM ION'
7 non-polymer 'N-(4-fluorobenzyl)-5-hydroxy-1-methyl-2-(1-methyl-1-{[(5-methyl-1,3,4-oxadiazol-2-yl)carbonyl]amino}ethyl)-6-oxo-1,6-di hydropyrimidine-4-carboxamide'
8 water water
#
loop_
_entity_poly.entity_id
_entity_poly.type
_entity_poly.pdbx_seq_one_letter_code
_entity_poly.pdbx_strand_id
1 'polypeptide(L)'
;GPEFQLSPAKLHSFTHCGQAALTLHGATTTEALNILHSCHACRKNNPQHQMPRGHIRRGLLPNHIWQGDITHFKYKNTLY
RLHVWVDTFSGSVSATHKKRETSSEAISSLLHAIAHLGRPSHINTDNGPAYASQEFQHACTSLAIRHTTHIPYNPTSSGL
VERTNGILKTLLYKYFSDNPNLPMDNALSVALWTINHLNVLTHCQKTRWQLHHSPRLPPIPEEKPVTTSKTHWYYFKIPG
LNSRQWKGPQRALQEAAGAALIPVSDTAAQWIPWKLLKRAVCPRLAGDTADPKERDHQHHG
;
D,E,A,B
2 'polypeptide(L)'
;SMTRDFKPGDLIFAKMKGYPHWPARVDEVPDGAVKPPTNKLPIFFFGTHETAFLGPKDIFPYSENKEKYGKPNKRKGFNE
GLWEIDNNPKVKFSSQQAATKQSNASSDVEVEEKETSVSKEDTDHEEKASNEDVTKAVDITTPKAARRGRKRKAEKQVET
EEAGVVTTATASVNLKVSPKRGRPAATEVKIPKPRGRPKMVKQPCPSESDIITEEDKSKKKGQEEKQPKKQPKKDEEGQK
EEDKPRKEPDKKEGKKEVESKRKNLAKTGVTSTSDSEEEGDDQEGEKKRKGGRNFQTAHRRNMLKGQHEKEAADRKRKQE
EQMETEFMVVDAANSNGPFQPVVLLHIRDVPPADQEKLFIQKLRQCCVLFDFVSDPLSDLKWKEVKRAALSEMVEYITHN
RNVITEPIYPEVVHMFAVNMFRTLPPSSNPTGAEFDPEEDEPTLEAAWPHLQLVYEFFLRFLESPDFQPNIAKKYIDQKF
VLQLLELFDSEDPRERDFLKTTLHRIYGKFLGLRAYIRKQINNIFYRFIYETEHHNGIAELLEILGSIINGFALPLKEEH
KIFLLKVLLPLHKVKSLSVYHPQLAYCVVQFLEKDSTLTEPVVMALLKYWPKTHSPKEVMFLNELEEILDVIEPSEFVKI
MEPLFRQLAKCVSSPHFQVAERALYYWNNEYIMSLISDNAAKILPIMFPSLYRNSKT
;
F,C
3 'polydeoxyribonucleotide'
;(DA)(DC)(DT)(DG)(DT)(DG)(DT)(DT)(DT)(DG)(DG)(DC)(DG)(DC)(DT)(DT)(DC)(DT)(DC)(DT)
(DC)(DC)(DC)(DG)(DG)(DA)(DG)(DA)(DG)(DA)
;
I,K
4 'polydeoxyribonucleotide'
;(DT)(DC)(DT)(DC)(DT)(DC)(DC)(DG)(DG)(DG)(DA)(DG)(DA)(DG)(DA)(DA)(DG)(DC)(DG)(DC)
(DC)(DA)(DA)(DA)(DC)(DA)(DC)(DA)
;
J,L
#
# COMPACT_ATOMS: atom_id res chain seq x y z
N SER A 7 -3.03 -45.12 -17.50
CA SER A 7 -3.23 -46.43 -18.12
C SER A 7 -2.99 -46.36 -19.63
N PRO A 8 -1.95 -47.06 -20.09
CA PRO A 8 -1.60 -47.00 -21.52
C PRO A 8 -2.71 -47.49 -22.43
N ALA A 9 -3.54 -48.43 -21.98
CA ALA A 9 -4.63 -48.92 -22.82
C ALA A 9 -5.61 -47.81 -23.14
N LYS A 10 -6.00 -47.02 -22.15
CA LYS A 10 -6.89 -45.89 -22.39
C LYS A 10 -6.21 -44.82 -23.25
N LEU A 11 -4.91 -44.61 -23.02
CA LEU A 11 -4.17 -43.62 -23.81
C LEU A 11 -4.18 -44.00 -25.29
N HIS A 12 -3.95 -45.28 -25.60
CA HIS A 12 -4.03 -45.72 -26.98
C HIS A 12 -5.46 -45.63 -27.51
N SER A 13 -6.45 -46.05 -26.71
CA SER A 13 -7.82 -46.05 -27.18
C SER A 13 -8.35 -44.65 -27.44
N PHE A 14 -7.71 -43.63 -26.87
CA PHE A 14 -8.12 -42.25 -27.14
C PHE A 14 -7.24 -41.56 -28.17
N THR A 15 -5.94 -41.88 -28.22
CA THR A 15 -5.01 -41.18 -29.09
C THR A 15 -4.47 -42.02 -30.24
N HIS A 16 -4.42 -43.34 -30.09
CA HIS A 16 -3.86 -44.24 -31.11
C HIS A 16 -2.44 -43.85 -31.47
N CYS A 17 -1.63 -43.54 -30.46
CA CYS A 17 -0.26 -43.14 -30.67
C CYS A 17 0.62 -44.35 -30.96
N GLY A 18 1.92 -44.12 -31.04
CA GLY A 18 2.86 -45.18 -31.36
C GLY A 18 3.24 -46.03 -30.16
N GLN A 19 4.12 -47.00 -30.41
CA GLN A 19 4.55 -47.90 -29.35
C GLN A 19 5.54 -47.23 -28.41
N ALA A 20 6.43 -46.39 -28.95
CA ALA A 20 7.38 -45.70 -28.10
C ALA A 20 6.68 -44.77 -27.12
N ALA A 21 5.52 -44.23 -27.52
CA ALA A 21 4.73 -43.42 -26.60
C ALA A 21 4.24 -44.26 -25.42
N LEU A 22 3.74 -45.47 -25.69
CA LEU A 22 3.28 -46.34 -24.62
C LEU A 22 4.44 -46.77 -23.73
N THR A 23 5.60 -47.09 -24.33
CA THR A 23 6.73 -47.52 -23.53
C THR A 23 7.28 -46.38 -22.67
N LEU A 24 7.17 -45.14 -23.15
CA LEU A 24 7.55 -44.00 -22.31
C LEU A 24 6.65 -43.91 -21.08
N HIS A 25 5.42 -44.39 -21.18
CA HIS A 25 4.52 -44.50 -20.05
C HIS A 25 4.68 -45.88 -19.41
N GLY A 26 3.75 -46.26 -18.55
CA GLY A 26 3.89 -47.48 -17.76
C GLY A 26 3.90 -48.76 -18.57
N ALA A 27 3.54 -48.72 -19.85
CA ALA A 27 3.49 -49.93 -20.66
C ALA A 27 4.89 -50.48 -20.92
N THR A 28 4.94 -51.79 -21.13
CA THR A 28 6.17 -52.51 -21.47
C THR A 28 6.10 -52.93 -22.93
N THR A 29 7.27 -53.32 -23.47
CA THR A 29 7.38 -53.60 -24.90
C THR A 29 6.38 -54.67 -25.34
N THR A 30 6.31 -55.78 -24.62
CA THR A 30 5.38 -56.84 -24.99
C THR A 30 3.93 -56.39 -24.77
N GLU A 31 3.66 -55.65 -23.71
CA GLU A 31 2.32 -55.11 -23.50
C GLU A 31 1.95 -54.13 -24.61
N ALA A 32 2.91 -53.28 -25.02
CA ALA A 32 2.64 -52.35 -26.10
C ALA A 32 2.35 -53.07 -27.41
N LEU A 33 3.10 -54.14 -27.70
CA LEU A 33 2.83 -54.92 -28.90
C LEU A 33 1.45 -55.57 -28.82
N ASN A 34 1.09 -56.08 -27.64
CA ASN A 34 -0.25 -56.67 -27.47
C ASN A 34 -1.33 -55.64 -27.72
N ILE A 35 -1.15 -54.42 -27.21
CA ILE A 35 -2.12 -53.35 -27.45
C ILE A 35 -2.17 -53.01 -28.93
N LEU A 36 -1.03 -53.07 -29.61
CA LEU A 36 -1.01 -52.78 -31.05
C LEU A 36 -1.84 -53.79 -31.82
N HIS A 37 -1.61 -55.08 -31.60
CA HIS A 37 -2.32 -56.08 -32.38
C HIS A 37 -3.71 -56.36 -31.83
N SER A 38 -4.07 -55.79 -30.69
CA SER A 38 -5.44 -55.85 -30.20
C SER A 38 -6.28 -54.65 -30.63
N CYS A 39 -5.68 -53.65 -31.26
CA CYS A 39 -6.39 -52.48 -31.74
C CYS A 39 -6.87 -52.73 -33.16
N HIS A 40 -8.19 -52.78 -33.35
CA HIS A 40 -8.74 -53.11 -34.66
C HIS A 40 -8.41 -52.03 -35.69
N ALA A 41 -8.39 -50.77 -35.29
CA ALA A 41 -8.08 -49.69 -36.22
C ALA A 41 -6.59 -49.64 -36.56
N CYS A 42 -5.73 -50.02 -35.62
CA CYS A 42 -4.29 -49.95 -35.82
C CYS A 42 -3.70 -51.21 -36.43
N ARG A 43 -4.52 -52.22 -36.72
CA ARG A 43 -4.02 -53.45 -37.34
C ARG A 43 -4.13 -53.39 -38.86
N ILE A 56 14.71 -36.26 -46.09
CA ILE A 56 15.88 -35.56 -45.59
C ILE A 56 15.48 -34.24 -44.95
N ARG A 57 16.41 -33.62 -44.24
CA ARG A 57 16.17 -32.36 -43.54
C ARG A 57 16.85 -31.23 -44.33
N ARG A 58 16.06 -30.50 -45.12
CA ARG A 58 16.61 -29.43 -45.93
C ARG A 58 16.94 -28.18 -45.12
N GLY A 59 16.23 -27.96 -44.01
CA GLY A 59 16.58 -26.87 -43.12
C GLY A 59 17.76 -27.21 -42.23
N LEU A 60 18.38 -26.17 -41.68
CA LEU A 60 19.53 -26.34 -40.82
C LEU A 60 19.22 -26.17 -39.35
N LEU A 61 18.28 -25.29 -39.01
CA LEU A 61 17.94 -24.94 -37.64
C LEU A 61 16.43 -25.01 -37.49
N PRO A 62 15.93 -25.14 -36.27
CA PRO A 62 14.50 -24.94 -36.04
C PRO A 62 14.09 -23.52 -36.41
N ASN A 63 12.90 -23.40 -37.00
CA ASN A 63 12.37 -22.11 -37.46
C ASN A 63 13.33 -21.43 -38.44
N HIS A 64 13.86 -22.23 -39.36
CA HIS A 64 14.73 -21.72 -40.42
C HIS A 64 14.05 -21.78 -41.79
N ILE A 65 13.56 -22.95 -42.18
CA ILE A 65 12.77 -23.10 -43.40
C ILE A 65 11.51 -23.86 -43.04
N TRP A 66 10.37 -23.38 -43.53
CA TRP A 66 9.08 -24.04 -43.36
C TRP A 66 8.55 -24.48 -44.72
N GLN A 67 7.65 -25.46 -44.70
CA GLN A 67 6.93 -25.90 -45.88
C GLN A 67 5.45 -25.71 -45.64
N GLY A 68 4.78 -25.02 -46.57
CA GLY A 68 3.37 -24.73 -46.46
C GLY A 68 2.58 -25.48 -47.53
N ASP A 69 1.60 -26.25 -47.08
CA ASP A 69 0.76 -27.06 -47.95
C ASP A 69 -0.70 -26.84 -47.61
N ILE A 70 -1.56 -27.10 -48.59
CA ILE A 70 -3.01 -27.07 -48.41
C ILE A 70 -3.56 -28.44 -48.76
N THR A 71 -4.33 -29.01 -47.85
CA THR A 71 -4.84 -30.36 -48.01
C THR A 71 -6.36 -30.34 -47.96
N HIS A 72 -6.98 -31.24 -48.71
CA HIS A 72 -8.43 -31.38 -48.74
C HIS A 72 -8.82 -32.58 -47.90
N PHE A 73 -9.69 -32.36 -46.93
CA PHE A 73 -10.23 -33.43 -46.08
C PHE A 73 -11.62 -33.78 -46.58
N LYS A 74 -11.83 -35.07 -46.89
CA LYS A 74 -13.06 -35.54 -47.49
C LYS A 74 -14.02 -36.01 -46.41
N TYR A 75 -15.26 -35.51 -46.47
CA TYR A 75 -16.34 -35.94 -45.59
C TYR A 75 -17.47 -36.49 -46.44
N LYS A 76 -18.45 -37.11 -45.77
CA LYS A 76 -19.55 -37.74 -46.48
C LYS A 76 -20.40 -36.73 -47.24
N ASN A 77 -20.55 -35.52 -46.71
CA ASN A 77 -21.38 -34.51 -47.36
C ASN A 77 -20.77 -33.12 -47.35
N THR A 78 -19.49 -32.98 -47.04
CA THR A 78 -18.84 -31.66 -47.03
C THR A 78 -17.34 -31.86 -47.23
N LEU A 79 -16.63 -30.74 -47.34
CA LEU A 79 -15.19 -30.73 -47.57
C LEU A 79 -14.54 -29.75 -46.61
N TYR A 80 -13.32 -30.09 -46.16
CA TYR A 80 -12.56 -29.23 -45.26
C TYR A 80 -11.22 -28.89 -45.90
N ARG A 81 -10.72 -27.69 -45.62
CA ARG A 81 -9.42 -27.26 -46.09
C ARG A 81 -8.48 -27.15 -44.90
N LEU A 82 -7.33 -27.83 -44.98
CA LEU A 82 -6.34 -27.82 -43.92
C LEU A 82 -5.12 -27.06 -44.41
N HIS A 83 -4.84 -25.93 -43.77
CA HIS A 83 -3.60 -25.20 -44.01
C HIS A 83 -2.55 -25.74 -43.05
N VAL A 84 -1.49 -26.33 -43.60
CA VAL A 84 -0.50 -27.05 -42.81
C VAL A 84 0.86 -26.42 -43.05
N TRP A 85 1.57 -26.11 -41.97
CA TRP A 85 2.95 -25.65 -42.02
C TRP A 85 3.81 -26.62 -41.24
N VAL A 86 4.90 -27.06 -41.85
CA VAL A 86 5.78 -28.06 -41.25
C VAL A 86 7.20 -27.52 -41.25
N ASP A 87 7.86 -27.59 -40.09
CA ASP A 87 9.27 -27.23 -40.02
C ASP A 87 10.12 -28.30 -40.68
N THR A 88 11.16 -27.88 -41.39
CA THR A 88 12.02 -28.79 -42.14
C THR A 88 13.26 -29.20 -41.37
N PHE A 89 13.21 -29.16 -40.04
CA PHE A 89 14.31 -29.66 -39.23
C PHE A 89 13.82 -30.64 -38.17
N SER A 90 12.60 -30.41 -37.69
CA SER A 90 12.01 -31.25 -36.66
C SER A 90 10.73 -31.93 -37.09
N GLY A 91 10.13 -31.52 -38.20
CA GLY A 91 8.84 -32.06 -38.60
C GLY A 91 7.67 -31.54 -37.80
N SER A 92 7.88 -30.50 -36.99
CA SER A 92 6.80 -29.95 -36.18
C SER A 92 5.67 -29.44 -37.08
N VAL A 93 4.44 -29.76 -36.70
CA VAL A 93 3.28 -29.55 -37.54
C VAL A 93 2.39 -28.51 -36.89
N SER A 94 1.94 -27.54 -37.68
CA SER A 94 0.93 -26.57 -37.26
C SER A 94 -0.15 -26.54 -38.34
N ALA A 95 -1.35 -26.94 -37.98
CA ALA A 95 -2.44 -27.05 -38.94
C ALA A 95 -3.67 -26.30 -38.46
N THR A 96 -4.37 -25.67 -39.40
CA THR A 96 -5.64 -25.01 -39.11
C THR A 96 -6.67 -25.46 -40.12
N HIS A 97 -7.91 -25.60 -39.67
CA HIS A 97 -9.00 -26.08 -40.50
C HIS A 97 -9.93 -24.93 -40.87
N LYS A 98 -10.31 -24.87 -42.15
CA LYS A 98 -11.12 -23.80 -42.70
C LYS A 98 -12.17 -24.38 -43.64
N LYS A 99 -13.23 -23.61 -43.86
CA LYS A 99 -14.27 -23.99 -44.81
C LYS A 99 -14.07 -23.38 -46.18
N ARG A 100 -13.06 -22.54 -46.36
CA ARG A 100 -12.76 -21.94 -47.65
C ARG A 100 -11.26 -21.69 -47.73
N GLU A 101 -10.83 -20.88 -48.70
CA GLU A 101 -9.40 -20.66 -48.93
C GLU A 101 -9.22 -19.35 -49.65
N THR A 102 -8.33 -18.50 -49.12
CA THR A 102 -7.98 -17.24 -49.75
C THR A 102 -6.69 -16.74 -49.11
N SER A 103 -6.21 -15.59 -49.61
CA SER A 103 -4.94 -15.05 -49.15
C SER A 103 -4.99 -14.68 -47.67
N SER A 104 -6.08 -14.06 -47.23
CA SER A 104 -6.19 -13.66 -45.83
C SER A 104 -6.19 -14.88 -44.91
N GLU A 105 -6.83 -15.97 -45.35
CA GLU A 105 -6.80 -17.19 -44.56
C GLU A 105 -5.41 -17.80 -44.51
N ALA A 106 -4.65 -17.68 -45.59
CA ALA A 106 -3.25 -18.12 -45.55
C ALA A 106 -2.46 -17.30 -44.54
N ILE A 107 -2.71 -15.99 -44.49
CA ILE A 107 -2.06 -15.14 -43.50
C ILE A 107 -2.44 -15.57 -42.10
N SER A 108 -3.73 -15.86 -41.88
CA SER A 108 -4.19 -16.26 -40.56
C SER A 108 -3.52 -17.57 -40.11
N SER A 109 -3.42 -18.53 -41.03
CA SER A 109 -2.78 -19.80 -40.70
C SER A 109 -1.30 -19.59 -40.39
N LEU A 110 -0.62 -18.74 -41.16
CA LEU A 110 0.78 -18.45 -40.86
C LEU A 110 0.93 -17.79 -39.51
N LEU A 111 0.02 -16.88 -39.16
CA LEU A 111 0.08 -16.23 -37.85
C LEU A 111 -0.12 -17.22 -36.72
N HIS A 112 -1.08 -18.13 -36.87
CA HIS A 112 -1.27 -19.17 -35.86
C HIS A 112 -0.06 -20.07 -35.74
N ALA A 113 0.55 -20.44 -36.86
CA ALA A 113 1.76 -21.25 -36.81
C ALA A 113 2.89 -20.52 -36.09
N ILE A 114 3.00 -19.21 -36.30
CA ILE A 114 4.00 -18.43 -35.58
C ILE A 114 3.68 -18.40 -34.09
N ALA A 115 2.40 -18.28 -33.75
CA ALA A 115 2.00 -18.26 -32.35
C ALA A 115 2.29 -19.55 -31.63
N HIS A 116 2.31 -20.68 -32.34
CA HIS A 116 2.64 -21.96 -31.73
C HIS A 116 4.13 -22.29 -31.77
N LEU A 117 4.80 -22.01 -32.88
CA LEU A 117 6.18 -22.41 -33.10
C LEU A 117 7.17 -21.27 -32.96
N GLY A 118 6.87 -20.11 -33.52
CA GLY A 118 7.79 -18.98 -33.57
C GLY A 118 7.87 -18.40 -34.96
N ARG A 119 8.74 -17.40 -35.11
CA ARG A 119 8.87 -16.70 -36.38
C ARG A 119 9.89 -17.40 -37.26
N PRO A 120 9.50 -17.89 -38.44
CA PRO A 120 10.47 -18.51 -39.34
C PRO A 120 11.33 -17.47 -40.04
N SER A 121 12.46 -17.94 -40.55
CA SER A 121 13.34 -17.08 -41.34
C SER A 121 12.99 -17.10 -42.82
N HIS A 122 12.75 -18.27 -43.39
CA HIS A 122 12.29 -18.40 -44.76
C HIS A 122 11.12 -19.37 -44.80
N ILE A 123 10.20 -19.15 -45.72
CA ILE A 123 9.07 -20.05 -45.94
C ILE A 123 9.01 -20.41 -47.42
N ASN A 124 8.50 -21.62 -47.69
CA ASN A 124 8.47 -22.18 -49.02
C ASN A 124 7.09 -22.75 -49.29
N THR A 125 6.60 -22.57 -50.52
CA THR A 125 5.26 -23.04 -50.86
C THR A 125 5.10 -23.08 -52.37
N ASP A 126 3.96 -23.64 -52.80
CA ASP A 126 3.59 -23.75 -54.19
C ASP A 126 3.07 -22.41 -54.73
N ASN A 127 2.93 -22.35 -56.05
CA ASN A 127 2.32 -21.20 -56.70
C ASN A 127 0.83 -21.41 -56.84
N GLY A 128 0.05 -20.41 -56.45
CA GLY A 128 -1.39 -20.49 -56.52
C GLY A 128 -2.05 -19.15 -56.25
N PRO A 129 -3.39 -19.15 -56.18
CA PRO A 129 -4.09 -17.90 -55.86
C PRO A 129 -3.66 -17.30 -54.54
N ALA A 130 -3.41 -18.14 -53.54
CA ALA A 130 -2.84 -17.71 -52.29
C ALA A 130 -1.32 -17.86 -52.34
N TYR A 131 -0.65 -17.23 -51.37
CA TYR A 131 0.80 -17.23 -51.20
C TYR A 131 1.54 -16.47 -52.30
N ALA A 132 0.82 -15.97 -53.31
CA ALA A 132 1.44 -15.19 -54.37
C ALA A 132 0.84 -13.81 -54.53
N SER A 133 -0.30 -13.53 -53.90
CA SER A 133 -0.94 -12.23 -54.02
C SER A 133 -0.12 -11.16 -53.29
N GLN A 134 -0.48 -9.91 -53.55
CA GLN A 134 0.21 -8.80 -52.90
C GLN A 134 -0.02 -8.77 -51.40
N GLU A 135 -1.18 -9.24 -50.95
CA GLU A 135 -1.49 -9.22 -49.53
C GLU A 135 -0.56 -10.13 -48.75
N PHE A 136 -0.31 -11.34 -49.27
CA PHE A 136 0.60 -12.26 -48.60
C PHE A 136 2.03 -11.73 -48.62
N GLN A 137 2.44 -11.11 -49.73
CA GLN A 137 3.78 -10.52 -49.78
C GLN A 137 3.92 -9.41 -48.76
N HIS A 138 2.89 -8.58 -48.60
CA HIS A 138 2.92 -7.53 -47.59
C HIS A 138 3.01 -8.12 -46.19
N ALA A 139 2.25 -9.18 -45.94
CA ALA A 139 2.29 -9.83 -44.62
C ALA A 139 3.69 -10.36 -44.33
N CYS A 140 4.32 -11.02 -45.32
CA CYS A 140 5.64 -11.58 -45.11
C CYS A 140 6.68 -10.47 -44.91
N THR A 141 6.56 -9.37 -45.66
CA THR A 141 7.56 -8.31 -45.56
C THR A 141 7.50 -7.59 -44.22
N SER A 142 6.31 -7.45 -43.63
CA SER A 142 6.18 -6.79 -42.34
C SER A 142 6.87 -7.57 -41.22
N LEU A 143 6.93 -8.90 -41.33
CA LEU A 143 7.61 -9.72 -40.34
C LEU A 143 9.03 -10.08 -40.75
N ALA A 144 9.50 -9.57 -41.89
CA ALA A 144 10.84 -9.83 -42.41
C ALA A 144 11.07 -11.33 -42.63
N ILE A 145 10.18 -11.92 -43.42
CA ILE A 145 10.26 -13.32 -43.80
C ILE A 145 10.41 -13.41 -45.31
N ARG A 146 11.45 -14.11 -45.77
CA ARG A 146 11.70 -14.27 -47.19
C ARG A 146 10.87 -15.43 -47.74
N HIS A 147 10.13 -15.15 -48.80
CA HIS A 147 9.19 -16.11 -49.39
C HIS A 147 9.68 -16.52 -50.77
N THR A 148 9.78 -17.83 -50.98
CA THR A 148 10.19 -18.40 -52.26
C THR A 148 9.11 -19.34 -52.76
N THR A 149 8.90 -19.35 -54.07
CA THR A 149 7.82 -20.12 -54.68
C THR A 149 8.39 -21.12 -55.67
N HIS A 150 7.73 -22.27 -55.78
CA HIS A 150 8.14 -23.31 -56.70
C HIS A 150 6.91 -24.04 -57.23
N ILE A 151 7.07 -24.67 -58.38
CA ILE A 151 6.02 -25.46 -59.02
C ILE A 151 6.54 -26.87 -59.22
N PRO A 152 5.83 -27.90 -58.74
CA PRO A 152 6.26 -29.30 -58.87
C PRO A 152 6.29 -29.77 -60.33
N VAL A 161 6.42 -31.45 -47.13
CA VAL A 161 6.47 -32.89 -47.36
C VAL A 161 5.06 -33.46 -47.35
N GLU A 162 4.83 -34.48 -48.17
CA GLU A 162 3.53 -35.12 -48.26
C GLU A 162 3.35 -36.26 -47.25
N ARG A 163 4.41 -36.64 -46.53
CA ARG A 163 4.29 -37.69 -45.53
C ARG A 163 3.55 -37.18 -44.29
N THR A 164 3.83 -35.95 -43.87
CA THR A 164 3.13 -35.38 -42.72
C THR A 164 1.63 -35.28 -43.00
N ASN A 165 1.27 -34.90 -44.22
CA ASN A 165 -0.14 -34.87 -44.61
C ASN A 165 -0.77 -36.24 -44.47
N GLY A 166 -0.07 -37.28 -44.93
CA GLY A 166 -0.60 -38.63 -44.80
C GLY A 166 -0.78 -39.05 -43.35
N ILE A 167 0.19 -38.73 -42.49
CA ILE A 167 0.10 -39.08 -41.09
C ILE A 167 -1.11 -38.40 -40.46
N LEU A 168 -1.30 -37.12 -40.75
CA LEU A 168 -2.44 -36.39 -40.22
C LEU A 168 -3.75 -36.97 -40.73
N LYS A 169 -3.81 -37.31 -42.02
CA LYS A 169 -5.04 -37.88 -42.60
C LYS A 169 -5.40 -39.20 -41.93
N THR A 170 -4.42 -40.08 -41.74
CA THR A 170 -4.69 -41.36 -41.08
C THR A 170 -5.16 -41.14 -39.64
N LEU A 171 -4.53 -40.21 -38.92
CA LEU A 171 -4.94 -39.97 -37.54
C LEU A 171 -6.37 -39.41 -37.47
N LEU A 172 -6.71 -38.46 -38.35
CA LEU A 172 -8.07 -37.94 -38.35
C LEU A 172 -9.08 -39.02 -38.71
N TYR A 173 -8.75 -39.87 -39.69
CA TYR A 173 -9.66 -40.95 -40.06
C TYR A 173 -9.88 -41.91 -38.89
N LYS A 174 -8.81 -42.27 -38.18
CA LYS A 174 -8.95 -43.15 -37.04
C LYS A 174 -9.80 -42.52 -35.94
N TYR A 175 -9.58 -41.23 -35.66
CA TYR A 175 -10.36 -40.55 -34.64
C TYR A 175 -11.84 -40.50 -35.02
N PHE A 176 -12.13 -40.18 -36.28
CA PHE A 176 -13.52 -40.13 -36.72
C PHE A 176 -14.17 -41.50 -36.72
N SER A 177 -13.41 -42.55 -37.06
CA SER A 177 -13.93 -43.91 -36.99
C SER A 177 -14.27 -44.29 -35.56
N ASP A 178 -13.44 -43.88 -34.60
CA ASP A 178 -13.74 -44.16 -33.20
C ASP A 178 -15.05 -43.50 -32.77
N ASN A 179 -15.27 -42.24 -33.17
CA ASN A 179 -16.46 -41.52 -32.80
C ASN A 179 -16.93 -40.64 -33.96
N PRO A 180 -17.96 -41.05 -34.70
CA PRO A 180 -18.44 -40.23 -35.83
C PRO A 180 -19.02 -38.89 -35.41
N ASN A 181 -19.40 -38.73 -34.14
CA ASN A 181 -19.99 -37.49 -33.67
C ASN A 181 -18.93 -36.60 -33.01
N LEU A 182 -17.99 -36.13 -33.82
CA LEU A 182 -17.00 -35.19 -33.34
C LEU A 182 -17.18 -33.84 -34.01
N PRO A 183 -16.90 -32.74 -33.29
CA PRO A 183 -17.13 -31.40 -33.85
C PRO A 183 -15.99 -30.92 -34.74
N MET A 184 -15.24 -31.85 -35.31
CA MET A 184 -14.17 -31.63 -36.30
C MET A 184 -13.08 -30.68 -35.83
N ASP A 185 -13.10 -30.29 -34.56
CA ASP A 185 -12.08 -29.43 -33.97
C ASP A 185 -11.25 -30.16 -32.93
N ASN A 186 -11.92 -30.90 -32.04
CA ASN A 186 -11.23 -31.69 -31.04
C ASN A 186 -10.35 -32.76 -31.68
N ALA A 187 -10.82 -33.35 -32.77
CA ALA A 187 -10.02 -34.36 -33.47
C ALA A 187 -8.71 -33.76 -33.97
N LEU A 188 -8.76 -32.57 -34.58
CA LEU A 188 -7.54 -31.94 -35.06
C LEU A 188 -6.61 -31.59 -33.91
N SER A 189 -7.15 -31.05 -32.81
CA SER A 189 -6.31 -30.71 -31.67
C SER A 189 -5.65 -31.95 -31.09
N VAL A 190 -6.41 -33.05 -30.96
CA VAL A 190 -5.85 -34.29 -30.42
C VAL A 190 -4.79 -34.85 -31.36
N ALA A 191 -5.03 -34.77 -32.67
CA ALA A 191 -4.06 -35.28 -33.63
C ALA A 191 -2.74 -34.52 -33.54
N LEU A 192 -2.82 -33.18 -33.45
CA LEU A 192 -1.60 -32.39 -33.30
C LEU A 192 -0.89 -32.72 -31.99
N TRP A 193 -1.64 -32.87 -30.91
CA TRP A 193 -1.02 -33.27 -29.64
C TRP A 193 -0.31 -34.61 -29.78
N THR A 194 -0.94 -35.56 -30.48
CA THR A 194 -0.37 -36.89 -30.62
C THR A 194 0.93 -36.87 -31.42
N ILE A 195 0.92 -36.24 -32.60
CA ILE A 195 2.11 -36.27 -33.45
C ILE A 195 3.19 -35.29 -33.01
N ASN A 196 2.87 -34.35 -32.11
CA ASN A 196 3.87 -33.42 -31.62
C ASN A 196 4.46 -33.83 -30.27
N HIS A 197 3.63 -34.32 -29.35
CA HIS A 197 4.07 -34.60 -27.99
C HIS A 197 4.15 -36.07 -27.64
N LEU A 198 3.38 -36.93 -28.31
CA LEU A 198 3.27 -38.34 -27.94
C LEU A 198 4.12 -39.25 -28.81
N ASN A 199 3.95 -39.18 -30.12
CA ASN A 199 4.73 -40.03 -31.02
C ASN A 199 6.20 -39.66 -30.95
N VAL A 200 7.05 -40.66 -31.21
CA VAL A 200 8.49 -40.52 -31.12
C VAL A 200 9.09 -40.73 -32.50
N LEU A 201 9.95 -39.80 -32.92
CA LEU A 201 10.67 -39.96 -34.17
C LEU A 201 11.56 -41.20 -34.10
N THR A 202 11.55 -42.00 -35.17
CA THR A 202 12.24 -43.29 -35.12
C THR A 202 13.75 -43.13 -35.05
N HIS A 203 14.32 -42.25 -35.86
CA HIS A 203 15.77 -42.17 -35.96
C HIS A 203 16.40 -41.61 -34.69
N CYS A 204 16.05 -40.37 -34.34
CA CYS A 204 16.62 -39.71 -33.17
C CYS A 204 15.99 -40.15 -31.87
N GLN A 205 14.90 -40.92 -31.92
CA GLN A 205 14.21 -41.43 -30.74
C GLN A 205 13.82 -40.29 -29.79
N LYS A 206 13.33 -39.20 -30.38
CA LYS A 206 12.83 -38.04 -29.65
C LYS A 206 11.44 -37.71 -30.17
N THR A 207 10.72 -36.89 -29.41
CA THR A 207 9.45 -36.37 -29.87
C THR A 207 9.67 -35.08 -30.68
N ARG A 208 8.72 -34.80 -31.56
CA ARG A 208 8.82 -33.62 -32.42
C ARG A 208 8.88 -32.34 -31.58
N TRP A 209 8.05 -32.25 -30.54
CA TRP A 209 8.05 -31.08 -29.68
C TRP A 209 9.39 -30.90 -29.00
N GLN A 210 9.93 -31.99 -28.44
CA GLN A 210 11.18 -31.89 -27.69
C GLN A 210 12.35 -31.56 -28.62
N LEU A 211 12.34 -32.09 -29.84
CA LEU A 211 13.38 -31.73 -30.80
C LEU A 211 13.24 -30.29 -31.25
N HIS A 212 12.01 -29.80 -31.40
CA HIS A 212 11.79 -28.44 -31.89
C HIS A 212 12.19 -27.41 -30.86
N HIS A 213 11.76 -27.58 -29.60
CA HIS A 213 11.90 -26.56 -28.58
C HIS A 213 13.08 -26.80 -27.64
N SER A 214 13.94 -27.77 -27.93
CA SER A 214 15.09 -28.00 -27.07
C SER A 214 16.07 -26.84 -27.22
N PRO A 215 16.45 -26.19 -26.12
CA PRO A 215 17.49 -25.16 -26.21
C PRO A 215 18.79 -25.75 -26.75
N ARG A 216 19.48 -24.98 -27.58
CA ARG A 216 20.68 -25.47 -28.22
C ARG A 216 21.93 -25.13 -27.40
N LEU A 217 23.03 -25.76 -27.78
CA LEU A 217 24.28 -25.59 -27.07
C LEU A 217 24.77 -24.15 -27.21
N PRO A 218 25.04 -23.45 -26.12
CA PRO A 218 25.53 -22.08 -26.22
C PRO A 218 26.91 -22.04 -26.85
N PRO A 219 27.28 -20.93 -27.49
CA PRO A 219 28.63 -20.82 -28.04
C PRO A 219 29.66 -20.83 -26.92
N ILE A 220 30.84 -21.37 -27.23
CA ILE A 220 31.92 -21.47 -26.27
C ILE A 220 32.99 -20.45 -26.62
N PRO A 221 33.11 -19.36 -25.86
CA PRO A 221 34.12 -18.34 -26.18
C PRO A 221 35.52 -18.91 -26.07
N GLU A 222 36.41 -18.40 -26.91
CA GLU A 222 37.80 -18.84 -26.94
C GLU A 222 38.64 -18.02 -25.98
N GLU A 223 39.60 -18.68 -25.34
CA GLU A 223 40.54 -18.05 -24.41
C GLU A 223 39.82 -17.39 -23.24
N LYS A 224 38.61 -17.83 -22.94
CA LYS A 224 37.82 -17.31 -21.83
C LYS A 224 37.05 -18.44 -21.18
N PRO A 225 37.25 -18.70 -19.88
CA PRO A 225 36.52 -19.78 -19.21
C PRO A 225 35.02 -19.50 -19.20
N VAL A 226 34.24 -20.57 -19.32
CA VAL A 226 32.78 -20.48 -19.28
C VAL A 226 32.36 -20.57 -17.83
N THR A 227 32.19 -19.41 -17.19
CA THR A 227 31.80 -19.37 -15.79
C THR A 227 30.34 -19.77 -15.62
N THR A 228 30.03 -20.24 -14.41
CA THR A 228 28.66 -20.61 -14.09
C THR A 228 27.88 -19.39 -13.62
N SER A 229 26.69 -19.21 -14.19
CA SER A 229 25.84 -18.09 -13.80
C SER A 229 25.43 -18.21 -12.34
N LYS A 230 25.48 -17.10 -11.62
CA LYS A 230 25.19 -17.08 -10.19
C LYS A 230 23.81 -16.46 -9.96
N THR A 231 22.96 -17.17 -9.22
CA THR A 231 21.65 -16.66 -8.89
C THR A 231 21.76 -15.62 -7.78
N HIS A 232 20.83 -14.67 -7.78
CA HIS A 232 20.86 -13.57 -6.83
C HIS A 232 20.39 -14.03 -5.45
N TRP A 233 20.52 -13.12 -4.48
CA TRP A 233 20.17 -13.37 -3.09
C TRP A 233 18.94 -12.57 -2.70
N TYR A 234 18.13 -13.14 -1.81
CA TYR A 234 16.85 -12.53 -1.44
C TYR A 234 16.66 -12.58 0.08
N TYR A 235 16.02 -11.53 0.59
CA TYR A 235 15.31 -11.63 1.86
C TYR A 235 13.91 -12.20 1.61
N PHE A 236 13.41 -12.96 2.57
CA PHE A 236 12.15 -13.66 2.38
C PHE A 236 11.35 -13.67 3.67
N LYS A 237 10.05 -13.95 3.53
CA LYS A 237 9.16 -14.11 4.66
C LYS A 237 8.33 -15.38 4.44
N ILE A 238 7.99 -16.03 5.54
CA ILE A 238 7.25 -17.30 5.47
C ILE A 238 5.78 -17.00 5.18
N PRO A 239 5.19 -17.61 4.16
CA PRO A 239 3.78 -17.36 3.87
C PRO A 239 2.87 -17.85 4.98
N GLY A 240 1.74 -17.15 5.14
CA GLY A 240 0.71 -17.54 6.08
C GLY A 240 0.98 -17.22 7.53
N LEU A 241 1.97 -16.37 7.83
CA LEU A 241 2.33 -16.06 9.21
C LEU A 241 2.05 -14.63 9.61
N ASN A 242 1.78 -13.73 8.66
CA ASN A 242 1.57 -12.31 8.93
C ASN A 242 2.79 -11.69 9.60
N SER A 243 3.96 -12.24 9.30
CA SER A 243 5.19 -11.68 9.85
C SER A 243 5.54 -10.38 9.14
N ARG A 244 6.44 -9.60 9.75
CA ARG A 244 6.82 -8.30 9.23
C ARG A 244 8.32 -8.10 9.17
N GLN A 245 9.11 -9.05 9.68
CA GLN A 245 10.55 -8.96 9.69
C GLN A 245 11.13 -9.98 8.72
N TRP A 246 11.95 -9.52 7.79
CA TRP A 246 12.55 -10.41 6.80
C TRP A 246 13.64 -11.24 7.48
N LYS A 247 13.58 -12.56 7.28
CA LYS A 247 14.44 -13.48 8.02
C LYS A 247 15.69 -13.81 7.19
N GLY A 248 16.58 -12.83 7.12
CA GLY A 248 17.90 -13.04 6.58
C GLY A 248 17.93 -13.25 5.07
N PRO A 249 19.11 -13.03 4.47
CA PRO A 249 19.27 -13.29 3.04
C PRO A 249 19.70 -14.72 2.76
N GLN A 250 19.20 -15.26 1.65
CA GLN A 250 19.49 -16.62 1.22
C GLN A 250 19.58 -16.66 -0.30
N ARG A 251 20.09 -17.78 -0.82
CA ARG A 251 20.20 -18.01 -2.25
C ARG A 251 18.95 -18.70 -2.77
N ALA A 252 18.74 -18.62 -4.08
CA ALA A 252 17.60 -19.25 -4.72
C ALA A 252 18.06 -20.48 -5.49
N LEU A 253 17.40 -21.61 -5.25
CA LEU A 253 17.71 -22.83 -5.99
C LEU A 253 17.16 -22.76 -7.41
N GLN A 254 15.98 -22.15 -7.58
CA GLN A 254 15.33 -22.11 -8.87
C GLN A 254 14.43 -20.88 -8.91
N GLU A 255 14.18 -20.39 -10.13
CA GLU A 255 13.28 -19.27 -10.35
C GLU A 255 12.23 -19.64 -11.39
N ALA A 256 11.03 -19.11 -11.20
CA ALA A 256 9.93 -19.37 -12.12
C ALA A 256 9.01 -18.16 -12.12
N ALA A 257 7.90 -18.26 -12.85
CA ALA A 257 6.93 -17.19 -12.92
C ALA A 257 6.07 -17.22 -11.67
N GLY A 258 6.29 -16.27 -10.76
CA GLY A 258 5.46 -16.15 -9.58
C GLY A 258 6.06 -16.69 -8.30
N ALA A 259 7.19 -17.39 -8.36
CA ALA A 259 7.78 -17.92 -7.13
C ALA A 259 9.25 -18.22 -7.37
N ALA A 260 9.98 -18.39 -6.28
CA ALA A 260 11.37 -18.79 -6.30
C ALA A 260 11.60 -19.86 -5.24
N LEU A 261 12.45 -20.84 -5.55
CA LEU A 261 12.74 -21.93 -4.63
C LEU A 261 13.78 -21.44 -3.63
N ILE A 262 13.37 -21.27 -2.38
CA ILE A 262 14.22 -20.75 -1.31
C ILE A 262 14.34 -21.83 -0.25
N PRO A 263 15.56 -22.20 0.18
CA PRO A 263 15.70 -23.14 1.29
C PRO A 263 15.45 -22.45 2.62
N VAL A 264 14.28 -22.73 3.20
CA VAL A 264 13.91 -22.07 4.45
C VAL A 264 14.81 -22.52 5.59
N SER A 265 15.23 -23.79 5.58
CA SER A 265 16.14 -24.32 6.58
C SER A 265 17.15 -25.21 5.86
N ASP A 266 18.05 -25.81 6.63
CA ASP A 266 19.03 -26.74 6.08
C ASP A 266 18.46 -28.14 5.89
N THR A 267 17.15 -28.29 5.93
CA THR A 267 16.49 -29.58 5.77
C THR A 267 15.47 -29.59 4.64
N ALA A 268 14.73 -28.51 4.44
CA ALA A 268 13.69 -28.45 3.43
C ALA A 268 13.73 -27.11 2.71
N ALA A 269 13.08 -27.07 1.55
CA ALA A 269 12.99 -25.86 0.74
C ALA A 269 11.54 -25.64 0.35
N GLN A 270 11.20 -24.38 0.08
CA GLN A 270 9.83 -23.98 -0.24
C GLN A 270 9.82 -22.95 -1.35
N TRP A 271 8.76 -22.96 -2.15
CA TRP A 271 8.57 -21.99 -3.22
C TRP A 271 7.90 -20.75 -2.64
N ILE A 272 8.67 -19.68 -2.49
CA ILE A 272 8.20 -18.42 -1.90
C ILE A 272 7.79 -17.48 -3.03
N PRO A 273 6.62 -16.85 -2.94
CA PRO A 273 6.21 -15.92 -3.99
C PRO A 273 7.07 -14.67 -4.02
N TRP A 274 7.03 -13.98 -5.17
CA TRP A 274 7.82 -12.76 -5.35
C TRP A 274 7.40 -11.66 -4.39
N LYS A 275 6.10 -11.57 -4.08
CA LYS A 275 5.62 -10.51 -3.19
C LYS A 275 6.25 -10.59 -1.82
N LEU A 276 6.66 -11.79 -1.40
CA LEU A 276 7.31 -11.99 -0.11
C LEU A 276 8.82 -12.05 -0.23
N LEU A 277 9.37 -11.64 -1.37
CA LEU A 277 10.80 -11.65 -1.62
C LEU A 277 11.30 -10.22 -1.84
N LYS A 278 12.54 -9.97 -1.45
CA LYS A 278 13.16 -8.67 -1.61
C LYS A 278 14.59 -8.86 -2.07
N ARG A 279 14.93 -8.31 -3.23
CA ARG A 279 16.27 -8.47 -3.77
C ARG A 279 17.30 -7.86 -2.83
N ALA A 280 18.42 -8.56 -2.66
CA ALA A 280 19.44 -8.19 -1.70
C ALA A 280 20.80 -8.14 -2.39
N VAL A 281 21.84 -7.90 -1.58
CA VAL A 281 23.23 -7.88 -2.02
C VAL A 281 23.97 -8.97 -1.26
N CYS A 282 24.88 -9.65 -1.94
CA CYS A 282 25.62 -10.74 -1.33
C CYS A 282 26.37 -10.25 -0.10
N PRO A 283 26.30 -10.98 1.02
CA PRO A 283 26.91 -10.47 2.26
C PRO A 283 28.42 -10.29 2.17
N ARG A 284 29.08 -11.00 1.25
CA ARG A 284 30.54 -10.94 1.10
C ARG A 284 31.26 -11.29 2.41
N SER B 7 -15.17 4.36 36.99
CA SER B 7 -14.75 3.02 36.59
C SER B 7 -14.53 2.92 35.09
N PRO B 8 -13.33 2.48 34.68
CA PRO B 8 -13.07 2.33 33.24
C PRO B 8 -14.03 1.37 32.56
N ALA B 9 -14.42 0.29 33.24
CA ALA B 9 -15.36 -0.65 32.66
C ALA B 9 -16.71 0.00 32.42
N LYS B 10 -17.21 0.76 33.40
CA LYS B 10 -18.48 1.44 33.24
C LYS B 10 -18.40 2.56 32.21
N LEU B 11 -17.27 3.29 32.20
CA LEU B 11 -17.11 4.36 31.22
C LEU B 11 -17.12 3.81 29.80
N HIS B 12 -16.41 2.70 29.57
CA HIS B 12 -16.40 2.10 28.25
C HIS B 12 -17.76 1.49 27.91
N SER B 13 -18.44 0.91 28.90
CA SER B 13 -19.75 0.33 28.64
C SER B 13 -20.75 1.40 28.25
N PHE B 14 -20.57 2.63 28.72
CA PHE B 14 -21.49 3.71 28.36
C PHE B 14 -21.09 4.39 27.06
N THR B 15 -19.80 4.67 26.87
CA THR B 15 -19.35 5.51 25.77
C THR B 15 -18.50 4.78 24.73
N HIS B 16 -17.97 3.61 25.05
CA HIS B 16 -17.11 2.85 24.14
C HIS B 16 -15.91 3.66 23.68
N CYS B 17 -15.32 4.41 24.61
CA CYS B 17 -14.16 5.23 24.30
C CYS B 17 -12.93 4.36 24.10
N GLY B 18 -11.89 4.98 23.55
CA GLY B 18 -10.67 4.26 23.19
C GLY B 18 -9.75 4.03 24.37
N GLN B 19 -8.58 3.47 24.05
CA GLN B 19 -7.62 3.08 25.08
C GLN B 19 -7.09 4.30 25.84
N ALA B 20 -6.67 5.33 25.10
CA ALA B 20 -6.11 6.50 25.76
C ALA B 20 -7.14 7.22 26.61
N ALA B 21 -8.42 7.18 26.20
CA ALA B 21 -9.47 7.74 27.04
C ALA B 21 -9.63 6.96 28.34
N LEU B 22 -9.57 5.62 28.26
CA LEU B 22 -9.71 4.80 29.46
C LEU B 22 -8.50 4.95 30.38
N THR B 23 -7.33 5.21 29.82
CA THR B 23 -6.13 5.36 30.64
C THR B 23 -6.22 6.56 31.58
N LEU B 24 -6.69 7.70 31.05
CA LEU B 24 -6.71 8.92 31.84
C LEU B 24 -7.70 8.87 32.99
N HIS B 25 -8.76 8.08 32.87
CA HIS B 25 -9.71 7.88 33.96
C HIS B 25 -9.21 6.85 34.97
N GLY B 26 -7.99 6.36 34.80
CA GLY B 26 -7.35 5.50 35.75
C GLY B 26 -7.38 4.03 35.35
N ALA B 27 -6.30 3.58 34.72
CA ALA B 27 -6.14 2.20 34.30
C ALA B 27 -4.75 2.01 33.70
N THR B 28 -4.16 0.83 33.85
CA THR B 28 -2.94 0.57 33.14
C THR B 28 -3.25 0.23 31.69
N THR B 29 -2.22 0.30 30.84
CA THR B 29 -2.41 0.04 29.42
C THR B 29 -2.95 -1.36 29.19
N THR B 30 -2.50 -2.33 29.99
CA THR B 30 -2.96 -3.70 29.84
C THR B 30 -4.44 -3.84 30.16
N GLU B 31 -4.91 -3.20 31.23
CA GLU B 31 -6.32 -3.33 31.60
C GLU B 31 -7.23 -2.68 30.56
N ALA B 32 -6.88 -1.48 30.08
CA ALA B 32 -7.67 -0.85 29.04
C ALA B 32 -7.63 -1.66 27.75
N LEU B 33 -6.46 -2.23 27.43
CA LEU B 33 -6.33 -3.04 26.23
C LEU B 33 -7.20 -4.29 26.33
N ASN B 34 -7.26 -4.91 27.52
CA ASN B 34 -8.12 -6.07 27.71
C ASN B 34 -9.60 -5.69 27.69
N ILE B 35 -9.93 -4.49 28.19
CA ILE B 35 -11.31 -4.02 28.12
C ILE B 35 -11.73 -3.88 26.67
N LEU B 36 -10.87 -3.31 25.83
CA LEU B 36 -11.18 -3.18 24.41
C LEU B 36 -11.28 -4.55 23.74
N HIS B 37 -10.35 -5.45 24.04
CA HIS B 37 -10.36 -6.77 23.42
C HIS B 37 -11.60 -7.57 23.80
N SER B 38 -12.03 -7.49 25.06
CA SER B 38 -13.16 -8.27 25.52
C SER B 38 -14.51 -7.67 25.13
N CYS B 39 -14.52 -6.49 24.52
CA CYS B 39 -15.78 -5.87 24.13
C CYS B 39 -16.27 -6.44 22.80
N HIS B 40 -17.48 -7.00 22.81
CA HIS B 40 -18.02 -7.55 21.58
C HIS B 40 -18.47 -6.45 20.63
N ALA B 41 -19.07 -5.37 21.16
CA ALA B 41 -19.59 -4.32 20.30
C ALA B 41 -18.48 -3.65 19.50
N CYS B 42 -17.33 -3.43 20.12
CA CYS B 42 -16.22 -2.80 19.42
C CYS B 42 -15.71 -3.67 18.28
N ARG B 43 -15.60 -4.97 18.49
CA ARG B 43 -15.01 -5.85 17.50
C ARG B 43 -15.98 -6.27 16.40
N LYS B 44 -17.29 -6.27 16.67
CA LYS B 44 -18.25 -6.55 15.60
C LYS B 44 -18.39 -5.37 14.65
N ASN B 45 -18.07 -4.16 15.11
CA ASN B 45 -18.36 -2.96 14.34
C ASN B 45 -17.13 -2.27 13.76
N ASN B 46 -15.94 -2.64 14.20
CA ASN B 46 -14.72 -2.12 13.59
C ASN B 46 -14.43 -2.89 12.31
N PRO B 47 -14.37 -2.24 11.14
CA PRO B 47 -14.07 -2.97 9.91
C PRO B 47 -12.62 -3.41 9.77
N GLN B 48 -11.75 -3.02 10.69
CA GLN B 48 -10.34 -3.38 10.61
C GLN B 48 -10.09 -4.77 11.17
N HIS B 49 -9.13 -5.47 10.57
CA HIS B 49 -8.70 -6.77 11.04
C HIS B 49 -7.28 -7.01 10.53
N GLN B 50 -6.59 -7.95 11.17
CA GLN B 50 -5.21 -8.27 10.81
C GLN B 50 -5.08 -9.79 10.73
N MET B 51 -5.09 -10.32 9.52
CA MET B 51 -5.01 -11.74 9.25
C MET B 51 -4.04 -11.96 8.10
N PRO B 52 -3.45 -13.15 8.00
CA PRO B 52 -2.42 -13.39 6.98
C PRO B 52 -3.01 -13.38 5.57
N ARG B 53 -2.10 -13.38 4.60
CA ARG B 53 -2.46 -13.37 3.19
C ARG B 53 -2.35 -14.77 2.62
N GLY B 54 -3.25 -15.09 1.69
CA GLY B 54 -3.21 -16.35 0.98
C GLY B 54 -2.58 -16.21 -0.39
N HIS B 55 -2.10 -17.34 -0.92
CA HIS B 55 -1.48 -17.38 -2.23
C HIS B 55 -1.95 -18.63 -2.96
N ILE B 56 -2.29 -18.48 -4.24
CA ILE B 56 -2.79 -19.61 -5.02
C ILE B 56 -1.76 -20.74 -5.04
N ARG B 57 -2.24 -21.95 -5.26
CA ARG B 57 -1.36 -23.11 -5.33
C ARG B 57 -0.63 -23.11 -6.67
N ARG B 58 0.68 -23.31 -6.62
CA ARG B 58 1.52 -23.24 -7.81
C ARG B 58 2.18 -24.59 -8.06
N GLY B 59 2.26 -24.98 -9.32
CA GLY B 59 2.82 -26.26 -9.66
C GLY B 59 4.31 -26.34 -9.39
N LEU B 60 4.78 -27.58 -9.19
CA LEU B 60 6.18 -27.84 -8.90
C LEU B 60 7.05 -27.89 -10.15
N LEU B 61 6.43 -27.99 -11.32
CA LEU B 61 7.13 -28.11 -12.59
C LEU B 61 6.12 -27.85 -13.71
N PRO B 62 6.58 -27.62 -14.94
CA PRO B 62 5.64 -27.31 -16.02
C PRO B 62 4.59 -28.40 -16.21
N ASN B 63 3.38 -27.98 -16.55
CA ASN B 63 2.25 -28.88 -16.80
C ASN B 63 1.86 -29.68 -15.57
N HIS B 64 1.84 -29.02 -14.41
CA HIS B 64 1.39 -29.63 -13.17
C HIS B 64 0.06 -29.06 -12.69
N ILE B 65 -0.07 -27.75 -12.62
CA ILE B 65 -1.32 -27.09 -12.24
C ILE B 65 -1.57 -25.96 -13.23
N TRP B 66 -2.80 -25.87 -13.72
CA TRP B 66 -3.22 -24.81 -14.63
C TRP B 66 -4.39 -24.05 -14.05
N GLN B 67 -4.55 -22.81 -14.49
CA GLN B 67 -5.69 -21.97 -14.12
C GLN B 67 -6.40 -21.51 -15.38
N GLY B 68 -7.73 -21.61 -15.37
CA GLY B 68 -8.51 -21.24 -16.54
C GLY B 68 -9.62 -20.28 -16.17
N ASP B 69 -10.04 -19.50 -17.16
CA ASP B 69 -11.10 -18.52 -16.96
C ASP B 69 -11.65 -18.08 -18.31
N ILE B 70 -12.82 -17.45 -18.28
CA ILE B 70 -13.47 -16.91 -19.46
C ILE B 70 -13.52 -15.40 -19.33
N THR B 71 -13.25 -14.70 -20.43
CA THR B 71 -13.24 -13.25 -20.45
C THR B 71 -14.06 -12.76 -21.63
N HIS B 72 -14.73 -11.63 -21.45
CA HIS B 72 -15.52 -11.02 -22.52
C HIS B 72 -14.71 -9.93 -23.20
N PHE B 73 -14.89 -9.82 -24.52
CA PHE B 73 -14.25 -8.79 -25.32
C PHE B 73 -15.28 -8.25 -26.30
N LYS B 74 -15.29 -6.94 -26.48
CA LYS B 74 -16.24 -6.28 -27.37
C LYS B 74 -15.53 -5.82 -28.62
N TYR B 75 -16.07 -6.19 -29.79
CA TYR B 75 -15.39 -5.93 -31.05
C TYR B 75 -16.41 -6.04 -32.19
N LYS B 76 -16.56 -4.95 -32.96
CA LYS B 76 -17.44 -4.92 -34.12
C LYS B 76 -18.87 -5.32 -33.75
N ASN B 77 -19.36 -4.73 -32.66
CA ASN B 77 -20.69 -5.01 -32.12
C ASN B 77 -20.90 -6.50 -31.84
N THR B 78 -19.81 -7.23 -31.59
CA THR B 78 -19.87 -8.65 -31.30
C THR B 78 -19.12 -8.91 -29.99
N LEU B 79 -19.71 -9.75 -29.15
CA LEU B 79 -19.11 -10.12 -27.87
C LEU B 79 -18.40 -11.45 -28.03
N TYR B 80 -17.07 -11.43 -27.95
CA TYR B 80 -16.27 -12.63 -28.04
C TYR B 80 -15.93 -13.14 -26.65
N ARG B 81 -15.92 -14.46 -26.50
CA ARG B 81 -15.56 -15.11 -25.24
C ARG B 81 -14.19 -15.74 -25.40
N LEU B 82 -13.22 -15.24 -24.64
CA LEU B 82 -11.86 -15.75 -24.68
C LEU B 82 -11.68 -16.73 -23.54
N HIS B 83 -11.41 -17.99 -23.88
CA HIS B 83 -11.05 -19.00 -22.90
C HIS B 83 -9.53 -18.98 -22.73
N VAL B 84 -9.08 -18.75 -21.51
CA VAL B 84 -7.66 -18.55 -21.22
C VAL B 84 -7.21 -19.62 -20.23
N TRP B 85 -6.06 -20.23 -20.52
CA TRP B 85 -5.40 -21.18 -19.65
C TRP B 85 -3.97 -20.71 -19.40
N VAL B 86 -3.56 -20.72 -18.14
CA VAL B 86 -2.23 -20.25 -17.75
C VAL B 86 -1.56 -21.34 -16.92
N ASP B 87 -0.29 -21.59 -17.21
CA ASP B 87 0.49 -22.57 -16.46
C ASP B 87 1.06 -21.90 -15.22
N THR B 88 0.74 -22.44 -14.04
CA THR B 88 1.09 -21.79 -12.78
C THR B 88 2.58 -21.81 -12.49
N PHE B 89 3.37 -22.56 -13.25
CA PHE B 89 4.82 -22.59 -13.08
C PHE B 89 5.53 -21.61 -14.02
N SER B 90 5.20 -21.64 -15.31
CA SER B 90 5.89 -20.84 -16.30
C SER B 90 5.11 -19.62 -16.75
N GLY B 91 3.81 -19.57 -16.49
CA GLY B 91 3.00 -18.45 -16.93
C GLY B 91 2.59 -18.52 -18.39
N SER B 92 2.85 -19.62 -19.08
CA SER B 92 2.51 -19.72 -20.49
C SER B 92 1.00 -19.67 -20.67
N VAL B 93 0.57 -19.01 -21.73
CA VAL B 93 -0.83 -18.68 -21.95
C VAL B 93 -1.33 -19.37 -23.22
N SER B 94 -2.52 -19.95 -23.14
CA SER B 94 -3.24 -20.41 -24.32
C SER B 94 -4.62 -19.77 -24.29
N ALA B 95 -4.98 -19.08 -25.37
CA ALA B 95 -6.25 -18.38 -25.42
C ALA B 95 -6.94 -18.68 -26.74
N THR B 96 -8.25 -18.92 -26.67
CA THR B 96 -9.06 -19.16 -27.85
C THR B 96 -10.32 -18.30 -27.79
N HIS B 97 -10.71 -17.74 -28.92
CA HIS B 97 -11.88 -16.88 -29.01
C HIS B 97 -13.06 -17.66 -29.58
N LYS B 98 -14.19 -17.62 -28.88
CA LYS B 98 -15.39 -18.32 -29.27
C LYS B 98 -16.58 -17.36 -29.25
N LYS B 99 -17.69 -17.81 -29.83
CA LYS B 99 -18.90 -17.01 -29.91
C LYS B 99 -19.75 -17.08 -28.64
N ARG B 100 -19.59 -18.13 -27.85
CA ARG B 100 -20.39 -18.28 -26.64
C ARG B 100 -19.66 -19.19 -25.67
N GLU B 101 -20.12 -19.18 -24.42
CA GLU B 101 -19.57 -20.02 -23.36
C GLU B 101 -20.45 -21.26 -23.22
N THR B 102 -19.84 -22.43 -23.39
CA THR B 102 -20.57 -23.68 -23.39
C THR B 102 -19.60 -24.78 -22.95
N SER B 103 -20.15 -25.88 -22.43
CA SER B 103 -19.31 -26.99 -22.01
C SER B 103 -18.50 -27.54 -23.17
N SER B 104 -19.10 -27.61 -24.37
CA SER B 104 -18.36 -28.05 -25.55
C SER B 104 -17.22 -27.09 -25.86
N GLU B 105 -17.47 -25.79 -25.77
CA GLU B 105 -16.40 -24.81 -26.01
C GLU B 105 -15.31 -24.93 -24.97
N ALA B 106 -15.68 -25.19 -23.70
CA ALA B 106 -14.68 -25.39 -22.67
C ALA B 106 -13.79 -26.58 -22.98
N ILE B 107 -14.40 -27.69 -23.40
CA ILE B 107 -13.61 -28.88 -23.74
C ILE B 107 -12.72 -28.61 -24.94
N SER B 108 -13.26 -27.94 -25.97
CA SER B 108 -12.46 -27.65 -27.15
C SER B 108 -11.28 -26.76 -26.82
N SER B 109 -11.51 -25.74 -25.99
CA SER B 109 -10.42 -24.86 -25.59
C SER B 109 -9.38 -25.60 -24.77
N LEU B 110 -9.82 -26.50 -23.88
CA LEU B 110 -8.87 -27.27 -23.09
C LEU B 110 -8.02 -28.16 -23.99
N LEU B 111 -8.63 -28.81 -24.98
CA LEU B 111 -7.88 -29.66 -25.88
C LEU B 111 -6.91 -28.84 -26.74
N HIS B 112 -7.35 -27.66 -27.18
CA HIS B 112 -6.45 -26.77 -27.90
C HIS B 112 -5.26 -26.36 -27.04
N ALA B 113 -5.52 -26.07 -25.76
CA ALA B 113 -4.43 -25.73 -24.84
C ALA B 113 -3.50 -26.92 -24.65
N ILE B 114 -4.04 -28.13 -24.59
CA ILE B 114 -3.21 -29.31 -24.44
C ILE B 114 -2.30 -29.48 -25.66
N ALA B 115 -2.87 -29.27 -26.86
CA ALA B 115 -2.06 -29.37 -28.07
C ALA B 115 -1.00 -28.29 -28.12
N HIS B 116 -1.30 -27.10 -27.60
CA HIS B 116 -0.35 -26.01 -27.63
C HIS B 116 0.76 -26.20 -26.60
N LEU B 117 0.41 -26.63 -25.38
CA LEU B 117 1.33 -26.63 -24.25
C LEU B 117 1.68 -28.03 -23.78
N GLY B 118 0.69 -28.89 -23.59
CA GLY B 118 0.93 -30.22 -23.04
C GLY B 118 -0.20 -30.69 -22.16
N ARG B 119 -0.04 -31.86 -21.53
CA ARG B 119 -1.09 -32.40 -20.68
C ARG B 119 -0.84 -32.03 -19.23
N PRO B 120 -1.76 -31.34 -18.56
CA PRO B 120 -1.57 -30.98 -17.16
C PRO B 120 -2.06 -32.04 -16.19
N SER B 121 -1.38 -32.11 -15.04
CA SER B 121 -1.78 -33.03 -14.00
C SER B 121 -3.09 -32.59 -13.33
N HIS B 122 -3.14 -31.35 -12.84
CA HIS B 122 -4.32 -30.79 -12.21
C HIS B 122 -4.67 -29.46 -12.85
N ILE B 123 -5.96 -29.14 -12.84
CA ILE B 123 -6.45 -27.84 -13.26
C ILE B 123 -7.47 -27.35 -12.23
N ASN B 124 -7.46 -26.05 -11.98
CA ASN B 124 -8.45 -25.47 -11.08
C ASN B 124 -9.03 -24.20 -11.70
N THR B 125 -10.33 -24.04 -11.56
CA THR B 125 -11.06 -22.89 -12.09
C THR B 125 -12.16 -22.52 -11.11
N ASP B 126 -12.64 -21.28 -11.22
CA ASP B 126 -13.79 -20.87 -10.43
C ASP B 126 -15.02 -21.65 -10.86
N ASN B 127 -15.99 -21.76 -9.95
CA ASN B 127 -17.16 -22.59 -10.22
C ASN B 127 -18.11 -21.95 -11.21
N GLY B 128 -17.66 -21.80 -12.46
CA GLY B 128 -18.49 -21.29 -13.52
C GLY B 128 -19.50 -22.31 -13.97
N PRO B 129 -20.55 -21.85 -14.66
CA PRO B 129 -21.60 -22.79 -15.11
C PRO B 129 -21.09 -23.89 -16.03
N ALA B 130 -20.11 -23.58 -16.88
CA ALA B 130 -19.63 -24.53 -17.88
C ALA B 130 -18.46 -25.38 -17.39
N TYR B 131 -18.01 -25.18 -16.15
CA TYR B 131 -16.91 -25.95 -15.58
C TYR B 131 -17.37 -27.02 -14.61
N ALA B 132 -18.54 -26.86 -14.01
CA ALA B 132 -19.08 -27.83 -13.06
C ALA B 132 -19.98 -28.86 -13.72
N SER B 133 -20.12 -28.81 -15.04
CA SER B 133 -21.00 -29.73 -15.74
C SER B 133 -20.43 -31.15 -15.72
N GLN B 134 -21.34 -32.12 -15.86
CA GLN B 134 -20.92 -33.51 -15.97
C GLN B 134 -20.07 -33.73 -17.21
N GLU B 135 -20.37 -33.01 -18.29
CA GLU B 135 -19.62 -33.17 -19.53
C GLU B 135 -18.15 -32.84 -19.35
N PHE B 136 -17.87 -31.70 -18.69
CA PHE B 136 -16.48 -31.30 -18.47
C PHE B 136 -15.75 -32.26 -17.55
N GLN B 137 -16.43 -32.74 -16.51
CA GLN B 137 -15.81 -33.70 -15.60
C GLN B 137 -15.49 -35.01 -16.31
N HIS B 138 -16.40 -35.49 -17.16
CA HIS B 138 -16.14 -36.70 -17.92
C HIS B 138 -14.96 -36.51 -18.87
N ALA B 139 -14.90 -35.36 -19.53
CA ALA B 139 -13.78 -35.08 -20.43
C ALA B 139 -12.46 -35.04 -19.68
N CYS B 140 -12.45 -34.42 -18.50
CA CYS B 140 -11.23 -34.37 -17.70
C CYS B 140 -10.84 -35.75 -17.21
N THR B 141 -11.81 -36.55 -16.77
CA THR B 141 -11.51 -37.87 -16.24
C THR B 141 -10.98 -38.81 -17.32
N SER B 142 -11.50 -38.70 -18.55
CA SER B 142 -10.98 -39.51 -19.64
C SER B 142 -9.52 -39.23 -19.92
N LEU B 143 -9.02 -38.04 -19.58
CA LEU B 143 -7.64 -37.66 -19.79
C LEU B 143 -6.81 -37.72 -18.51
N ALA B 144 -7.39 -38.25 -17.42
CA ALA B 144 -6.72 -38.34 -16.13
C ALA B 144 -6.30 -36.95 -15.63
N ILE B 145 -7.23 -35.99 -15.72
CA ILE B 145 -7.01 -34.63 -15.25
C ILE B 145 -7.89 -34.41 -14.03
N ARG B 146 -7.28 -34.11 -12.89
CA ARG B 146 -8.01 -33.86 -11.66
C ARG B 146 -8.40 -32.39 -11.60
N HIS B 147 -9.69 -32.12 -11.47
CA HIS B 147 -10.23 -30.77 -11.52
C HIS B 147 -10.80 -30.39 -10.15
N THR B 148 -10.36 -29.25 -9.62
CA THR B 148 -10.87 -28.69 -8.38
C THR B 148 -11.45 -27.31 -8.65
N THR B 149 -12.27 -26.83 -7.73
CA THR B 149 -12.90 -25.54 -7.85
C THR B 149 -12.51 -24.65 -6.67
N HIS B 150 -12.82 -23.36 -6.80
CA HIS B 150 -12.47 -22.35 -5.81
C HIS B 150 -13.63 -22.09 -4.86
N ILE B 151 -13.36 -21.29 -3.85
CA ILE B 151 -14.42 -20.78 -2.97
C ILE B 151 -15.31 -19.84 -3.78
N PRO B 152 -16.63 -19.98 -3.72
CA PRO B 152 -17.50 -19.10 -4.52
C PRO B 152 -17.36 -17.63 -4.12
N TYR B 153 -17.58 -16.77 -5.11
CA TYR B 153 -17.55 -15.31 -4.95
C TYR B 153 -16.19 -14.80 -4.47
N ASN B 154 -15.11 -15.47 -4.84
CA ASN B 154 -13.76 -15.04 -4.49
C ASN B 154 -12.88 -15.07 -5.73
N PRO B 155 -13.01 -14.07 -6.61
CA PRO B 155 -12.18 -14.04 -7.82
C PRO B 155 -10.69 -13.92 -7.55
N THR B 156 -10.28 -13.47 -6.37
CA THR B 156 -8.85 -13.36 -6.08
C THR B 156 -8.19 -14.72 -5.90
N SER B 157 -8.96 -15.79 -5.71
CA SER B 157 -8.39 -17.13 -5.61
C SER B 157 -7.88 -17.63 -6.95
N SER B 158 -8.16 -16.92 -8.05
CA SER B 158 -7.62 -17.26 -9.35
C SER B 158 -6.82 -16.07 -9.90
N GLY B 159 -5.93 -15.52 -9.07
CA GLY B 159 -5.31 -14.24 -9.39
C GLY B 159 -4.48 -14.27 -10.66
N LEU B 160 -3.75 -15.35 -10.88
CA LEU B 160 -2.83 -15.42 -12.02
C LEU B 160 -3.60 -15.36 -13.34
N VAL B 161 -4.69 -16.13 -13.45
CA VAL B 161 -5.43 -16.14 -14.70
C VAL B 161 -6.14 -14.81 -14.92
N GLU B 162 -6.67 -14.19 -13.87
CA GLU B 162 -7.34 -12.90 -14.03
C GLU B 162 -6.35 -11.83 -14.47
N ARG B 163 -5.15 -11.82 -13.88
CA ARG B 163 -4.12 -10.89 -14.31
C ARG B 163 -3.75 -11.11 -15.77
N THR B 164 -3.67 -12.38 -16.18
CA THR B 164 -3.38 -12.68 -17.59
C THR B 164 -4.51 -12.20 -18.50
N ASN B 165 -5.76 -12.29 -18.04
CA ASN B 165 -6.86 -11.70 -18.81
C ASN B 165 -6.63 -10.22 -19.04
N GLY B 166 -6.22 -9.50 -17.99
CA GLY B 166 -5.94 -8.08 -18.13
C GLY B 166 -4.83 -7.79 -19.13
N ILE B 167 -3.73 -8.55 -19.04
CA ILE B 167 -2.60 -8.34 -19.94
C ILE B 167 -3.02 -8.60 -21.39
N LEU B 168 -3.74 -9.70 -21.62
CA LEU B 168 -4.16 -10.05 -22.97
C LEU B 168 -5.07 -8.99 -23.57
N LYS B 169 -6.05 -8.51 -22.78
CA LYS B 169 -6.95 -7.48 -23.30
C LYS B 169 -6.23 -6.17 -23.56
N THR B 170 -5.25 -5.82 -22.73
CA THR B 170 -4.49 -4.60 -22.96
C THR B 170 -3.75 -4.67 -24.30
N LEU B 171 -3.11 -5.81 -24.59
CA LEU B 171 -2.43 -5.96 -25.88
C LEU B 171 -3.43 -5.90 -27.03
N LEU B 172 -4.61 -6.53 -26.86
CA LEU B 172 -5.61 -6.49 -27.93
C LEU B 172 -6.06 -5.05 -28.21
N TYR B 173 -6.25 -4.26 -27.15
CA TYR B 173 -6.63 -2.86 -27.35
C TYR B 173 -5.53 -2.07 -28.04
N LYS B 174 -4.28 -2.32 -27.66
CA LYS B 174 -3.16 -1.65 -28.34
C LYS B 174 -3.15 -1.96 -29.83
N TYR B 175 -3.38 -3.23 -30.20
CA TYR B 175 -3.39 -3.59 -31.61
C TYR B 175 -4.56 -2.95 -32.35
N PHE B 176 -5.77 -3.04 -31.77
CA PHE B 176 -6.94 -2.48 -32.41
C PHE B 176 -6.90 -0.95 -32.48
N SER B 177 -6.04 -0.31 -31.68
CA SER B 177 -5.90 1.14 -31.77
C SER B 177 -5.32 1.56 -33.11
N ASP B 178 -4.56 0.69 -33.76
CA ASP B 178 -3.93 1.00 -35.05
C ASP B 178 -4.81 0.58 -36.22
N ASN B 179 -5.27 -0.67 -36.23
CA ASN B 179 -6.09 -1.21 -37.31
C ASN B 179 -7.45 -1.59 -36.75
N PRO B 180 -8.44 -0.70 -36.82
CA PRO B 180 -9.80 -1.09 -36.43
C PRO B 180 -10.39 -2.18 -37.31
N ASN B 181 -9.83 -2.40 -38.50
CA ASN B 181 -10.30 -3.43 -39.41
C ASN B 181 -9.47 -4.70 -39.34
N LEU B 182 -8.55 -4.80 -38.38
CA LEU B 182 -7.74 -6.01 -38.22
C LEU B 182 -8.63 -7.16 -37.77
N PRO B 183 -8.53 -8.33 -38.39
CA PRO B 183 -9.35 -9.47 -37.95
C PRO B 183 -8.98 -9.91 -36.53
N MET B 184 -9.97 -10.46 -35.84
CA MET B 184 -9.79 -10.82 -34.43
C MET B 184 -8.75 -11.92 -34.27
N ASP B 185 -8.80 -12.95 -35.10
CA ASP B 185 -7.88 -14.07 -34.94
C ASP B 185 -6.44 -13.66 -35.23
N ASN B 186 -6.24 -12.79 -36.22
CA ASN B 186 -4.91 -12.24 -36.47
C ASN B 186 -4.35 -11.56 -35.22
N ALA B 187 -5.16 -10.69 -34.60
CA ALA B 187 -4.72 -9.97 -33.42
C ALA B 187 -4.43 -10.92 -32.26
N LEU B 188 -5.30 -11.91 -32.06
CA LEU B 188 -5.10 -12.86 -30.97
C LEU B 188 -3.82 -13.65 -31.17
N SER B 189 -3.56 -14.11 -32.40
CA SER B 189 -2.34 -14.86 -32.66
C SER B 189 -1.10 -14.01 -32.44
N VAL B 190 -1.12 -12.75 -32.90
CA VAL B 190 0.02 -11.87 -32.71
C VAL B 190 0.25 -11.61 -31.23
N ALA B 191 -0.84 -11.38 -30.49
CA ALA B 191 -0.72 -11.13 -29.05
C ALA B 191 -0.17 -12.34 -28.32
N LEU B 192 -0.64 -13.54 -28.69
CA LEU B 192 -0.12 -14.76 -28.05
C LEU B 192 1.35 -14.95 -28.34
N TRP B 193 1.77 -14.71 -29.59
CA TRP B 193 3.18 -14.80 -29.92
C TRP B 193 4.00 -13.80 -29.12
N THR B 194 3.50 -12.56 -29.00
CA THR B 194 4.20 -11.54 -28.24
C THR B 194 4.33 -11.92 -26.78
N ILE B 195 3.25 -12.43 -26.18
CA ILE B 195 3.25 -12.72 -24.75
C ILE B 195 4.17 -13.88 -24.43
N ASN B 196 4.07 -14.96 -25.21
CA ASN B 196 4.80 -16.17 -24.86
C ASN B 196 6.24 -16.14 -25.37
N HIS B 197 6.49 -15.54 -26.53
CA HIS B 197 7.80 -15.62 -27.17
C HIS B 197 8.60 -14.34 -27.14
N LEU B 198 7.97 -13.18 -26.96
CA LEU B 198 8.68 -11.91 -27.03
C LEU B 198 8.78 -11.21 -25.69
N ASN B 199 7.67 -11.04 -24.97
CA ASN B 199 7.70 -10.34 -23.70
C ASN B 199 8.52 -11.12 -22.67
N VAL B 200 9.13 -10.39 -21.75
CA VAL B 200 10.00 -10.96 -20.73
C VAL B 200 9.36 -10.76 -19.36
N LEU B 201 9.34 -11.82 -18.56
CA LEU B 201 8.79 -11.73 -17.22
C LEU B 201 9.60 -10.77 -16.36
N THR B 202 8.90 -10.06 -15.48
CA THR B 202 9.52 -8.92 -14.79
C THR B 202 10.59 -9.36 -13.79
N HIS B 203 10.36 -10.45 -13.08
CA HIS B 203 11.23 -10.79 -11.95
C HIS B 203 12.27 -11.84 -12.25
N CYS B 204 11.95 -12.85 -13.06
CA CYS B 204 12.93 -13.88 -13.42
C CYS B 204 13.72 -13.53 -14.68
N GLN B 205 13.33 -12.46 -15.39
CA GLN B 205 14.06 -11.97 -16.57
C GLN B 205 14.16 -13.05 -17.65
N LYS B 206 13.10 -13.83 -17.82
CA LYS B 206 13.02 -14.84 -18.85
C LYS B 206 11.61 -14.84 -19.43
N THR B 207 11.49 -15.34 -20.65
CA THR B 207 10.18 -15.41 -21.27
C THR B 207 9.41 -16.63 -20.77
N ARG B 208 8.10 -16.62 -21.03
CA ARG B 208 7.26 -17.75 -20.60
C ARG B 208 7.65 -19.02 -21.34
N TRP B 209 7.93 -18.91 -22.64
CA TRP B 209 8.31 -20.08 -23.42
C TRP B 209 9.64 -20.66 -22.96
N GLN B 210 10.58 -19.80 -22.54
CA GLN B 210 11.86 -20.29 -22.04
C GLN B 210 11.66 -21.12 -20.77
N LEU B 211 10.79 -20.68 -19.87
CA LEU B 211 10.52 -21.45 -18.66
C LEU B 211 9.78 -22.75 -18.99
N HIS B 212 8.85 -22.69 -19.95
CA HIS B 212 8.02 -23.86 -20.23
C HIS B 212 8.82 -25.01 -20.84
N HIS B 213 9.84 -24.71 -21.64
CA HIS B 213 10.65 -25.73 -22.29
C HIS B 213 12.06 -25.80 -21.71
N SER B 214 12.25 -25.26 -20.50
CA SER B 214 13.53 -25.38 -19.82
C SER B 214 13.79 -26.85 -19.50
N PRO B 215 15.06 -27.23 -19.36
CA PRO B 215 15.37 -28.63 -19.02
C PRO B 215 14.68 -29.05 -17.74
N ARG B 216 13.89 -30.12 -17.83
CA ARG B 216 13.15 -30.66 -16.70
C ARG B 216 14.01 -31.48 -15.76
N LEU B 217 15.33 -31.34 -15.87
CA LEU B 217 16.24 -32.11 -15.03
C LEU B 217 15.97 -31.95 -13.53
N PRO B 218 15.72 -30.76 -12.98
CA PRO B 218 15.37 -30.67 -11.56
C PRO B 218 14.10 -31.45 -11.27
N PRO B 219 14.15 -32.43 -10.37
CA PRO B 219 12.97 -33.22 -10.05
C PRO B 219 11.99 -32.45 -9.19
N ILE B 220 10.86 -33.08 -8.94
CA ILE B 220 9.81 -32.46 -8.12
C ILE B 220 10.25 -32.48 -6.66
N PRO B 221 10.27 -31.34 -5.98
CA PRO B 221 10.50 -31.37 -4.53
C PRO B 221 9.37 -32.06 -3.81
N GLU B 222 9.68 -32.64 -2.65
CA GLU B 222 8.71 -33.37 -1.87
C GLU B 222 7.71 -32.42 -1.23
N GLU B 223 6.54 -32.95 -0.90
CA GLU B 223 5.45 -32.20 -0.29
C GLU B 223 5.15 -32.74 1.10
N LYS B 224 4.41 -31.96 1.88
CA LYS B 224 4.01 -32.35 3.23
C LYS B 224 2.55 -31.98 3.46
N PRO B 225 1.69 -32.95 3.75
CA PRO B 225 0.28 -32.66 4.01
C PRO B 225 -0.06 -32.33 5.47
N VAL B 226 0.94 -32.10 6.31
CA VAL B 226 0.69 -31.82 7.72
C VAL B 226 0.22 -30.38 7.87
N THR B 227 -0.88 -30.18 8.58
CA THR B 227 -1.44 -28.87 8.86
C THR B 227 -1.48 -28.64 10.36
N THR B 228 -1.87 -27.43 10.75
CA THR B 228 -1.98 -27.09 12.16
C THR B 228 -3.11 -27.89 12.80
N SER B 229 -2.85 -28.43 13.99
CA SER B 229 -3.81 -29.28 14.69
C SER B 229 -4.72 -28.52 15.64
N LYS B 230 -4.58 -27.20 15.71
CA LYS B 230 -5.39 -26.39 16.61
C LYS B 230 -6.36 -25.52 15.80
N THR B 231 -7.44 -25.13 16.47
CA THR B 231 -8.46 -24.28 15.87
C THR B 231 -8.87 -23.19 16.87
N HIS B 232 -9.38 -22.09 16.33
CA HIS B 232 -9.73 -20.92 17.12
C HIS B 232 -11.15 -20.48 16.80
N TRP B 233 -11.56 -19.40 17.46
CA TRP B 233 -12.84 -18.75 17.22
C TRP B 233 -12.64 -17.58 16.26
N TYR B 234 -13.66 -17.31 15.45
CA TYR B 234 -13.53 -16.31 14.40
C TYR B 234 -14.81 -15.53 14.21
N TYR B 235 -14.70 -14.21 14.13
CA TYR B 235 -15.72 -13.41 13.46
C TYR B 235 -15.53 -13.56 11.95
N PHE B 236 -16.63 -13.44 11.21
CA PHE B 236 -16.54 -13.74 9.79
C PHE B 236 -17.56 -12.92 9.01
N LYS B 237 -17.30 -12.81 7.70
CA LYS B 237 -18.24 -12.28 6.73
C LYS B 237 -18.37 -13.27 5.59
N ILE B 238 -19.56 -13.38 5.03
CA ILE B 238 -19.82 -14.33 3.95
C ILE B 238 -19.32 -13.72 2.64
N PRO B 239 -18.48 -14.42 1.88
CA PRO B 239 -17.93 -13.82 0.65
C PRO B 239 -19.00 -13.38 -0.35
N GLY B 240 -20.09 -14.13 -0.47
CA GLY B 240 -21.09 -13.81 -1.46
C GLY B 240 -21.75 -12.47 -1.22
N LEU B 241 -22.17 -12.22 0.02
CA LEU B 241 -22.89 -11.01 0.39
C LEU B 241 -22.02 -10.19 1.34
N ASN B 242 -21.76 -8.94 0.96
CA ASN B 242 -21.01 -8.06 1.84
C ASN B 242 -21.89 -7.58 2.99
N SER B 243 -21.27 -7.43 4.16
CA SER B 243 -21.99 -6.99 5.35
C SER B 243 -21.19 -5.91 6.03
N ARG B 244 -21.90 -4.98 6.66
CA ARG B 244 -21.24 -3.88 7.38
C ARG B 244 -20.49 -4.40 8.59
N GLN B 245 -21.12 -5.27 9.38
CA GLN B 245 -20.55 -5.74 10.63
C GLN B 245 -20.29 -7.24 10.56
N TRP B 246 -19.37 -7.70 11.40
CA TRP B 246 -18.99 -9.10 11.43
C TRP B 246 -20.12 -9.96 11.98
N LYS B 247 -19.97 -11.27 11.80
CA LYS B 247 -20.89 -12.26 12.34
C LYS B 247 -20.11 -13.22 13.22
N GLY B 248 -20.81 -13.80 14.20
CA GLY B 248 -20.19 -14.74 15.09
C GLY B 248 -20.06 -14.21 16.50
N PRO B 249 -19.00 -14.63 17.22
CA PRO B 249 -17.96 -15.56 16.75
C PRO B 249 -18.36 -17.03 16.82
N GLN B 250 -17.61 -17.87 16.10
CA GLN B 250 -17.85 -19.30 16.04
C GLN B 250 -16.52 -20.01 15.95
N ARG B 251 -16.53 -21.30 16.30
CA ARG B 251 -15.30 -22.09 16.33
C ARG B 251 -15.07 -22.77 14.98
N ALA B 252 -13.80 -22.84 14.58
CA ALA B 252 -13.44 -23.42 13.30
C ALA B 252 -13.29 -24.93 13.43
N LEU B 253 -13.95 -25.66 12.53
CA LEU B 253 -13.82 -27.11 12.52
C LEU B 253 -12.38 -27.54 12.22
N GLN B 254 -11.78 -26.92 11.20
CA GLN B 254 -10.37 -27.11 10.90
C GLN B 254 -9.94 -25.96 9.99
N GLU B 255 -8.67 -25.58 10.10
CA GLU B 255 -8.15 -24.44 9.37
C GLU B 255 -6.95 -24.88 8.53
N ALA B 256 -7.05 -24.66 7.22
CA ALA B 256 -5.96 -24.93 6.30
C ALA B 256 -5.12 -23.67 6.11
N ALA B 257 -4.12 -23.75 5.26
CA ALA B 257 -3.26 -22.60 4.95
C ALA B 257 -3.97 -21.74 3.92
N GLY B 258 -4.71 -20.73 4.40
CA GLY B 258 -5.40 -19.80 3.52
C GLY B 258 -6.90 -19.70 3.71
N ALA B 259 -7.53 -20.61 4.46
CA ALA B 259 -8.97 -20.55 4.68
C ALA B 259 -9.31 -21.40 5.90
N ALA B 260 -10.59 -21.43 6.26
CA ALA B 260 -11.05 -22.25 7.37
C ALA B 260 -12.50 -22.65 7.16
N LEU B 261 -12.89 -23.73 7.86
CA LEU B 261 -14.28 -24.14 7.96
C LEU B 261 -14.94 -23.42 9.12
N ILE B 262 -15.93 -22.60 8.80
CA ILE B 262 -16.76 -21.91 9.79
C ILE B 262 -18.17 -22.45 9.66
N PRO B 263 -18.78 -22.92 10.74
CA PRO B 263 -20.19 -23.29 10.67
C PRO B 263 -21.07 -22.06 10.58
N VAL B 264 -21.58 -21.77 9.37
CA VAL B 264 -22.35 -20.56 9.17
C VAL B 264 -23.71 -20.68 9.86
N SER B 265 -24.36 -21.83 9.71
CA SER B 265 -25.65 -22.09 10.36
C SER B 265 -25.51 -23.33 11.24
N ASP B 266 -26.65 -23.79 11.76
CA ASP B 266 -26.65 -24.96 12.63
C ASP B 266 -26.51 -26.26 11.84
N THR B 267 -26.63 -26.21 10.51
CA THR B 267 -26.64 -27.41 9.70
C THR B 267 -25.51 -27.49 8.68
N ALA B 268 -25.10 -26.37 8.10
CA ALA B 268 -24.11 -26.37 7.04
C ALA B 268 -22.91 -25.51 7.44
N ALA B 269 -21.71 -26.03 7.17
CA ALA B 269 -20.47 -25.29 7.34
C ALA B 269 -20.00 -24.77 5.98
N GLN B 270 -18.96 -23.94 6.00
CA GLN B 270 -18.53 -23.29 4.77
C GLN B 270 -17.06 -22.92 4.89
N TRP B 271 -16.42 -22.73 3.73
CA TRP B 271 -15.03 -22.35 3.67
C TRP B 271 -14.93 -20.83 3.48
N ILE B 272 -14.16 -20.19 4.36
CA ILE B 272 -13.99 -18.74 4.31
C ILE B 272 -12.50 -18.42 4.25
N PRO B 273 -12.05 -17.57 3.33
CA PRO B 273 -10.64 -17.20 3.27
C PRO B 273 -10.25 -16.30 4.44
N TRP B 274 -8.94 -16.20 4.65
CA TRP B 274 -8.42 -15.41 5.76
C TRP B 274 -8.71 -13.92 5.63
N LYS B 275 -9.05 -13.45 4.44
CA LYS B 275 -9.33 -12.03 4.24
C LYS B 275 -10.70 -11.62 4.76
N LEU B 276 -11.56 -12.58 5.08
CA LEU B 276 -12.89 -12.29 5.60
C LEU B 276 -13.07 -12.87 7.00
N LEU B 277 -11.97 -13.05 7.73
CA LEU B 277 -11.98 -13.59 9.09
C LEU B 277 -11.33 -12.59 10.02
N LYS B 278 -11.78 -12.59 11.28
CA LYS B 278 -11.24 -11.73 12.30
C LYS B 278 -11.05 -12.54 13.58
N ARG B 279 -9.90 -12.36 14.21
CA ARG B 279 -9.58 -13.13 15.41
C ARG B 279 -10.50 -12.74 16.55
N ALA B 280 -11.00 -13.74 17.27
CA ALA B 280 -11.87 -13.56 18.41
C ALA B 280 -11.16 -14.05 19.68
N VAL B 281 -11.90 -14.03 20.79
CA VAL B 281 -11.40 -14.49 22.07
C VAL B 281 -12.28 -15.63 22.55
N CYS B 282 -11.67 -16.56 23.29
CA CYS B 282 -12.38 -17.75 23.73
C CYS B 282 -13.44 -17.38 24.76
N PRO B 283 -14.71 -17.74 24.55
CA PRO B 283 -15.75 -17.41 25.53
C PRO B 283 -15.54 -18.06 26.89
N ARG B 284 -14.82 -19.17 26.97
CA ARG B 284 -14.56 -19.83 28.24
C ARG B 284 -13.16 -19.54 28.72
N LEU C 344 19.40 -49.28 3.27
CA LEU C 344 20.03 -48.49 4.32
C LEU C 344 19.04 -47.51 4.93
N LEU C 345 19.33 -46.22 4.79
CA LEU C 345 18.47 -45.17 5.32
C LEU C 345 18.48 -43.97 4.38
N HIS C 346 17.42 -43.18 4.46
CA HIS C 346 17.32 -41.97 3.64
C HIS C 346 18.39 -40.97 4.04
N ILE C 347 18.97 -40.30 3.03
CA ILE C 347 20.07 -39.38 3.29
C ILE C 347 19.58 -38.14 4.03
N ARG C 348 18.34 -37.73 3.82
CA ARG C 348 17.83 -36.52 4.44
C ARG C 348 17.30 -36.73 5.86
N ASP C 349 17.33 -37.97 6.36
CA ASP C 349 16.82 -38.28 7.69
C ASP C 349 17.93 -38.56 8.69
N VAL C 350 19.13 -38.03 8.46
CA VAL C 350 20.26 -38.25 9.36
C VAL C 350 20.88 -36.90 9.69
N PRO C 351 21.58 -36.82 10.83
CA PRO C 351 22.21 -35.55 11.19
C PRO C 351 23.24 -35.15 10.15
N PRO C 352 23.43 -33.84 9.95
CA PRO C 352 24.40 -33.40 8.92
C PRO C 352 25.83 -33.77 9.22
N ALA C 353 26.16 -34.15 10.46
CA ALA C 353 27.53 -34.48 10.81
C ALA C 353 28.02 -35.68 10.02
N ASP C 354 27.18 -36.71 9.89
CA ASP C 354 27.54 -37.93 9.16
C ASP C 354 26.71 -38.10 7.89
N GLN C 355 26.04 -37.04 7.43
CA GLN C 355 25.25 -37.14 6.21
C GLN C 355 26.14 -37.39 4.99
N GLU C 356 27.30 -36.73 4.94
CA GLU C 356 28.22 -36.96 3.83
C GLU C 356 28.72 -38.39 3.79
N LYS C 357 28.93 -39.00 4.97
CA LYS C 357 29.33 -40.40 5.02
C LYS C 357 28.26 -41.30 4.40
N LEU C 358 26.99 -41.05 4.72
CA LEU C 358 25.92 -41.85 4.14
C LEU C 358 25.81 -41.61 2.64
N PHE C 359 26.06 -40.38 2.20
CA PHE C 359 26.08 -40.10 0.77
C PHE C 359 27.18 -40.90 0.06
N ILE C 360 28.37 -40.97 0.67
CA ILE C 360 29.45 -41.76 0.10
C ILE C 360 29.07 -43.24 0.08
N GLN C 361 28.42 -43.73 1.14
CA GLN C 361 28.01 -45.12 1.19
C GLN C 361 27.02 -45.45 0.08
N LYS C 362 26.05 -44.56 -0.17
CA LYS C 362 25.11 -44.80 -1.26
C LYS C 362 25.81 -44.67 -2.62
N LEU C 363 26.81 -43.79 -2.72
CA LEU C 363 27.58 -43.69 -3.95
C LEU C 363 28.30 -44.98 -4.26
N ARG C 364 28.92 -45.59 -3.25
CA ARG C 364 29.57 -46.89 -3.44
C ARG C 364 28.55 -48.00 -3.60
N GLN C 365 27.31 -47.79 -3.19
CA GLN C 365 26.27 -48.81 -3.37
C GLN C 365 25.84 -48.95 -4.83
N CYS C 366 26.14 -47.96 -5.67
CA CYS C 366 25.85 -48.04 -7.09
C CYS C 366 27.00 -48.59 -7.90
N CYS C 367 28.11 -48.98 -7.24
CA CYS C 367 29.24 -49.58 -7.93
C CYS C 367 28.97 -51.00 -8.37
N VAL C 368 27.96 -51.65 -7.81
CA VAL C 368 27.62 -53.02 -8.18
C VAL C 368 26.92 -53.00 -9.54
N LEU C 369 27.34 -53.90 -10.43
CA LEU C 369 26.81 -53.97 -11.77
C LEU C 369 25.60 -54.90 -11.82
N PHE C 370 24.76 -54.70 -12.83
CA PHE C 370 23.62 -55.57 -13.08
C PHE C 370 23.49 -55.80 -14.58
N ASP C 371 23.30 -57.06 -14.96
CA ASP C 371 23.23 -57.45 -16.37
C ASP C 371 21.77 -57.57 -16.78
N PHE C 372 21.36 -56.76 -17.76
CA PHE C 372 20.01 -56.81 -18.31
C PHE C 372 19.92 -57.68 -19.56
N VAL C 373 21.04 -57.84 -20.27
CA VAL C 373 21.01 -58.61 -21.52
C VAL C 373 21.19 -60.10 -21.27
N SER C 374 21.80 -60.48 -20.14
CA SER C 374 22.00 -61.89 -19.85
C SER C 374 20.68 -62.62 -19.70
N ASP C 375 19.73 -62.03 -18.96
CA ASP C 375 18.41 -62.61 -18.78
C ASP C 375 17.48 -61.52 -18.28
N PRO C 376 16.25 -61.45 -18.77
CA PRO C 376 15.35 -60.35 -18.36
C PRO C 376 15.03 -60.32 -16.88
N LEU C 377 14.96 -61.46 -16.21
CA LEU C 377 14.55 -61.53 -14.81
C LEU C 377 15.72 -62.05 -13.98
N SER C 378 16.36 -61.16 -13.23
CA SER C 378 17.45 -61.54 -12.34
C SER C 378 17.67 -60.41 -11.35
N ASP C 379 17.55 -60.71 -10.05
CA ASP C 379 17.76 -59.74 -8.98
C ASP C 379 16.88 -58.50 -9.18
N LEU C 380 15.57 -58.75 -9.23
CA LEU C 380 14.62 -57.67 -9.49
C LEU C 380 14.65 -56.63 -8.38
N LYS C 381 14.66 -57.06 -7.12
CA LYS C 381 14.63 -56.11 -6.02
C LYS C 381 15.94 -55.33 -5.91
N TRP C 382 17.06 -55.96 -6.26
CA TRP C 382 18.33 -55.23 -6.27
C TRP C 382 18.29 -54.09 -7.29
N LYS C 383 17.78 -54.37 -8.48
CA LYS C 383 17.66 -53.32 -9.50
C LYS C 383 16.70 -52.23 -9.05
N GLU C 384 15.60 -52.62 -8.41
CA GLU C 384 14.62 -51.64 -7.95
C GLU C 384 15.22 -50.72 -6.89
N VAL C 385 15.95 -51.27 -5.92
CA VAL C 385 16.55 -50.43 -4.89
C VAL C 385 17.68 -49.58 -5.48
N LYS C 386 18.38 -50.09 -6.50
CA LYS C 386 19.38 -49.26 -7.17
C LYS C 386 18.73 -48.06 -7.86
N ARG C 387 17.61 -48.29 -8.53
CA ARG C 387 16.88 -47.20 -9.16
C ARG C 387 16.41 -46.18 -8.13
N ALA C 388 15.86 -46.66 -7.02
CA ALA C 388 15.41 -45.75 -5.97
C ALA C 388 16.57 -44.95 -5.40
N ALA C 389 17.72 -45.60 -5.19
CA ALA C 389 18.88 -44.91 -4.65
C ALA C 389 19.38 -43.82 -5.61
N LEU C 390 19.43 -44.13 -6.90
CA LEU C 390 19.86 -43.13 -7.88
C LEU C 390 18.91 -41.94 -7.91
N SER C 391 17.61 -42.21 -7.92
CA SER C 391 16.63 -41.13 -7.94
C SER C 391 16.74 -40.27 -6.68
N GLU C 392 16.88 -40.90 -5.52
CA GLU C 392 16.98 -40.15 -4.28
C GLU C 392 18.24 -39.30 -4.25
N MET C 393 19.37 -39.86 -4.67
CA MET C 393 20.62 -39.09 -4.65
C MET C 393 20.55 -37.90 -5.57
N VAL C 394 19.99 -38.07 -6.78
CA VAL C 394 19.94 -36.95 -7.70
C VAL C 394 18.93 -35.90 -7.23
N GLU C 395 17.85 -36.34 -6.58
CA GLU C 395 16.93 -35.37 -6.00
C GLU C 395 17.57 -34.62 -4.84
N TYR C 396 18.49 -35.27 -4.12
CA TYR C 396 19.17 -34.63 -3.01
C TYR C 396 20.18 -33.61 -3.51
N ILE C 397 20.93 -33.95 -4.56
CA ILE C 397 22.08 -33.13 -4.94
C ILE C 397 21.66 -31.77 -5.49
N THR C 398 20.47 -31.68 -6.10
CA THR C 398 20.05 -30.46 -6.78
C THR C 398 19.16 -29.58 -5.91
N HIS C 399 19.05 -29.88 -4.62
CA HIS C 399 18.26 -29.07 -3.71
C HIS C 399 19.04 -28.65 -2.47
N ASN C 400 20.35 -28.84 -2.46
CA ASN C 400 21.20 -28.47 -1.32
C ASN C 400 22.45 -27.78 -1.84
N ARG C 401 23.01 -26.91 -1.01
CA ARG C 401 24.24 -26.21 -1.33
C ARG C 401 25.31 -26.51 -0.28
N ASN C 402 26.57 -26.35 -0.69
CA ASN C 402 27.72 -26.64 0.16
C ASN C 402 27.73 -28.10 0.62
N VAL C 403 27.31 -29.00 -0.27
CA VAL C 403 27.43 -30.42 -0.02
C VAL C 403 28.62 -31.03 -0.78
N ILE C 404 29.17 -30.31 -1.75
CA ILE C 404 30.31 -30.82 -2.52
C ILE C 404 31.59 -30.46 -1.78
N THR C 405 32.38 -31.48 -1.45
CA THR C 405 33.63 -31.31 -0.74
C THR C 405 34.65 -32.27 -1.34
N GLU C 406 35.93 -32.02 -1.04
CA GLU C 406 37.02 -32.80 -1.64
C GLU C 406 36.84 -34.31 -1.53
N PRO C 407 36.53 -34.89 -0.36
CA PRO C 407 36.38 -36.35 -0.28
C PRO C 407 35.21 -36.91 -1.08
N ILE C 408 34.47 -36.09 -1.80
CA ILE C 408 33.36 -36.56 -2.64
C ILE C 408 33.78 -36.49 -4.10
N TYR C 409 34.76 -35.65 -4.41
CA TYR C 409 35.12 -35.41 -5.81
C TYR C 409 35.56 -36.67 -6.56
N PRO C 410 36.55 -37.45 -6.09
CA PRO C 410 37.08 -38.53 -6.95
C PRO C 410 36.11 -39.67 -7.23
N GLU C 411 35.57 -40.31 -6.19
CA GLU C 411 34.89 -41.58 -6.42
C GLU C 411 33.57 -41.40 -7.17
N VAL C 412 33.00 -40.21 -7.17
CA VAL C 412 31.84 -39.96 -8.02
C VAL C 412 32.19 -40.27 -9.47
N VAL C 413 33.31 -39.72 -9.94
CA VAL C 413 33.81 -40.07 -11.27
C VAL C 413 34.01 -41.57 -11.37
N HIS C 414 34.57 -42.17 -10.31
CA HIS C 414 34.75 -43.61 -10.28
C HIS C 414 33.44 -44.34 -10.57
N MET C 415 32.36 -43.91 -9.90
CA MET C 415 31.06 -44.54 -10.13
C MET C 415 30.68 -44.42 -11.60
N PHE C 416 30.87 -43.24 -12.18
CA PHE C 416 30.62 -43.06 -13.61
C PHE C 416 31.46 -44.04 -14.41
N ALA C 417 32.76 -44.11 -14.10
CA ALA C 417 33.65 -45.04 -14.79
C ALA C 417 33.22 -46.49 -14.58
N VAL C 418 32.64 -46.79 -13.41
CA VAL C 418 32.16 -48.16 -13.18
C VAL C 418 30.95 -48.49 -14.03
N ASN C 419 30.11 -47.49 -14.34
CA ASN C 419 28.84 -47.75 -15.00
C ASN C 419 28.90 -47.63 -16.51
N MET C 420 29.80 -46.81 -17.05
CA MET C 420 29.76 -46.49 -18.47
C MET C 420 30.97 -47.00 -19.24
N PHE C 421 32.17 -46.81 -18.72
CA PHE C 421 33.38 -47.21 -19.42
C PHE C 421 33.42 -48.73 -19.49
N ARG C 422 33.07 -49.26 -20.66
CA ARG C 422 32.88 -50.70 -20.81
C ARG C 422 33.02 -51.06 -22.28
N THR C 423 33.05 -52.36 -22.56
CA THR C 423 33.09 -52.84 -23.93
C THR C 423 31.77 -52.55 -24.63
N LEU C 424 31.86 -52.20 -25.91
CA LEU C 424 30.67 -51.86 -26.67
C LEU C 424 29.90 -53.12 -27.06
N PRO C 425 28.57 -53.03 -27.16
CA PRO C 425 27.79 -54.16 -27.64
C PRO C 425 28.13 -54.47 -29.08
N PRO C 426 28.00 -55.72 -29.50
CA PRO C 426 28.32 -56.08 -30.89
C PRO C 426 27.44 -55.32 -31.87
N SER C 427 28.04 -54.92 -32.99
CA SER C 427 27.33 -54.16 -34.00
C SER C 427 26.27 -55.01 -34.69
N SER C 428 25.15 -54.38 -35.04
CA SER C 428 24.05 -55.06 -35.71
C SER C 428 23.54 -54.31 -36.93
N ASN C 429 24.10 -53.14 -37.24
CA ASN C 429 23.68 -52.32 -38.38
C ASN C 429 22.18 -52.03 -38.36
N GLU C 441 14.60 -49.95 -37.56
CA GLU C 441 14.82 -49.11 -36.38
C GLU C 441 15.98 -49.65 -35.54
N PRO C 442 16.78 -48.74 -34.99
CA PRO C 442 17.91 -49.17 -34.14
C PRO C 442 17.43 -49.74 -32.82
N THR C 443 18.22 -50.69 -32.30
CA THR C 443 17.90 -51.30 -31.03
C THR C 443 18.27 -50.38 -29.87
N LEU C 444 17.62 -50.61 -28.74
CA LEU C 444 17.85 -49.83 -27.52
C LEU C 444 18.47 -50.73 -26.45
N GLU C 445 19.39 -50.17 -25.68
CA GLU C 445 20.07 -50.94 -24.65
C GLU C 445 19.10 -51.39 -23.57
N ALA C 446 19.23 -52.64 -23.14
CA ALA C 446 18.35 -53.19 -22.14
C ALA C 446 18.62 -52.62 -20.75
N ALA C 447 19.79 -52.04 -20.53
CA ALA C 447 20.13 -51.42 -19.26
C ALA C 447 19.84 -49.92 -19.24
N TRP C 448 18.98 -49.46 -20.16
CA TRP C 448 18.72 -48.03 -20.26
C TRP C 448 18.14 -47.37 -19.01
N PRO C 449 17.31 -48.02 -18.18
CA PRO C 449 16.83 -47.35 -16.96
C PRO C 449 17.95 -46.80 -16.08
N HIS C 450 18.82 -47.69 -15.61
CA HIS C 450 19.93 -47.24 -14.77
C HIS C 450 20.87 -46.32 -15.54
N LEU C 451 21.01 -46.54 -16.85
CA LEU C 451 21.85 -45.68 -17.67
C LEU C 451 21.32 -44.25 -17.68
N GLN C 452 20.02 -44.09 -17.82
CA GLN C 452 19.43 -42.75 -17.83
C GLN C 452 19.54 -42.09 -16.46
N LEU C 453 19.33 -42.87 -15.39
CA LEU C 453 19.49 -42.31 -14.05
C LEU C 453 20.91 -41.83 -13.81
N VAL C 454 21.91 -42.62 -14.18
CA VAL C 454 23.29 -42.21 -13.92
C VAL C 454 23.68 -41.05 -14.83
N TYR C 455 23.20 -41.04 -16.08
CA TYR C 455 23.46 -39.90 -16.95
C TYR C 455 22.90 -38.61 -16.36
N GLU C 456 21.64 -38.63 -15.94
CA GLU C 456 21.02 -37.42 -15.42
C GLU C 456 21.67 -37.00 -14.11
N PHE C 457 22.08 -37.97 -13.28
CA PHE C 457 22.80 -37.65 -12.05
C PHE C 457 24.13 -36.96 -12.35
N PHE C 458 24.91 -37.51 -13.28
CA PHE C 458 26.19 -36.91 -13.61
C PHE C 458 26.01 -35.53 -14.22
N LEU C 459 24.99 -35.37 -15.08
CA LEU C 459 24.75 -34.09 -15.72
C LEU C 459 24.40 -33.01 -14.70
N ARG C 460 23.52 -33.32 -13.74
CA ARG C 460 23.19 -32.35 -12.71
C ARG C 460 24.37 -32.10 -11.78
N PHE C 461 25.18 -33.14 -11.51
CA PHE C 461 26.37 -32.97 -10.68
C PHE C 461 27.34 -31.99 -11.33
N LEU C 462 27.55 -32.11 -12.63
CA LEU C 462 28.48 -31.23 -13.34
C LEU C 462 27.98 -29.79 -13.43
N GLU C 463 26.69 -29.57 -13.23
CA GLU C 463 26.10 -28.24 -13.30
C GLU C 463 25.82 -27.64 -11.92
N SER C 464 26.29 -28.27 -10.86
CA SER C 464 26.04 -27.75 -9.51
C SER C 464 26.79 -26.43 -9.32
N PRO C 465 26.15 -25.39 -8.79
CA PRO C 465 26.85 -24.12 -8.60
C PRO C 465 28.03 -24.20 -7.64
N ASP C 466 28.06 -25.19 -6.76
CA ASP C 466 29.18 -25.37 -5.84
C ASP C 466 30.32 -26.17 -6.44
N PHE C 467 30.18 -26.63 -7.68
CA PHE C 467 31.25 -27.36 -8.36
C PHE C 467 32.43 -26.43 -8.62
N GLN C 468 33.63 -26.89 -8.26
CA GLN C 468 34.84 -26.11 -8.49
C GLN C 468 35.64 -26.71 -9.62
N PRO C 469 35.94 -25.95 -10.67
CA PRO C 469 36.70 -26.49 -11.80
C PRO C 469 38.17 -26.75 -11.51
N ASN C 470 38.70 -26.26 -10.39
CA ASN C 470 40.11 -26.43 -10.06
C ASN C 470 40.36 -27.68 -9.21
N ILE C 471 39.32 -28.44 -8.89
CA ILE C 471 39.48 -29.67 -8.12
C ILE C 471 39.45 -30.91 -9.01
N ALA C 472 38.79 -30.84 -10.17
CA ALA C 472 38.74 -31.96 -11.09
C ALA C 472 39.99 -32.07 -11.96
N LYS C 473 40.91 -31.11 -11.87
CA LYS C 473 42.14 -31.18 -12.64
C LYS C 473 43.07 -32.30 -12.19
N LYS C 474 42.84 -32.86 -11.00
CA LYS C 474 43.62 -34.00 -10.52
C LYS C 474 42.83 -35.30 -10.52
N TYR C 475 41.55 -35.25 -10.91
CA TYR C 475 40.71 -36.45 -10.94
C TYR C 475 40.13 -36.75 -12.31
N ILE C 476 39.98 -35.75 -13.18
CA ILE C 476 39.52 -35.95 -14.55
C ILE C 476 40.69 -35.58 -15.45
N ASP C 477 41.20 -36.56 -16.20
CA ASP C 477 42.34 -36.34 -17.07
C ASP C 477 42.09 -36.90 -18.46
N GLN C 478 43.13 -36.97 -19.28
CA GLN C 478 42.96 -37.34 -20.69
C GLN C 478 42.45 -38.77 -20.85
N LYS C 479 42.77 -39.67 -19.90
CA LYS C 479 42.25 -41.03 -20.01
C LYS C 479 40.73 -41.05 -19.84
N PHE C 480 40.20 -40.22 -18.93
CA PHE C 480 38.75 -40.09 -18.82
C PHE C 480 38.16 -39.51 -20.09
N VAL C 481 38.86 -38.56 -20.72
CA VAL C 481 38.38 -37.97 -21.97
C VAL C 481 38.30 -39.03 -23.07
N LEU C 482 39.34 -39.85 -23.18
CA LEU C 482 39.32 -40.91 -24.19
C LEU C 482 38.21 -41.92 -23.93
N GLN C 483 38.06 -42.35 -22.67
CA GLN C 483 37.02 -43.33 -22.36
C GLN C 483 35.63 -42.76 -22.58
N LEU C 484 35.46 -41.45 -22.39
CA LEU C 484 34.18 -40.83 -22.67
C LEU C 484 33.93 -40.70 -24.16
N LEU C 485 34.95 -40.30 -24.92
CA LEU C 485 34.77 -40.07 -26.35
C LEU C 485 34.55 -41.38 -27.10
N GLU C 486 35.23 -42.46 -26.68
CA GLU C 486 35.03 -43.75 -27.33
C GLU C 486 33.60 -44.27 -27.19
N LEU C 487 32.84 -43.74 -26.24
CA LEU C 487 31.44 -44.11 -26.06
C LEU C 487 30.55 -43.50 -27.13
N PHE C 488 31.04 -42.52 -27.89
CA PHE C 488 30.24 -41.90 -28.94
C PHE C 488 29.93 -42.84 -30.09
N ASP C 489 30.62 -43.97 -30.18
CA ASP C 489 30.33 -44.97 -31.21
C ASP C 489 29.03 -45.73 -30.94
N SER C 490 28.42 -45.54 -29.77
CA SER C 490 27.24 -46.29 -29.41
C SER C 490 26.10 -46.03 -30.39
N GLU C 491 25.38 -47.10 -30.71
CA GLU C 491 24.23 -47.00 -31.61
C GLU C 491 22.97 -46.47 -30.91
N ASP C 492 23.03 -46.29 -29.59
CA ASP C 492 21.88 -45.79 -28.84
C ASP C 492 21.82 -44.27 -28.95
N PRO C 493 20.79 -43.72 -29.60
CA PRO C 493 20.73 -42.25 -29.74
C PRO C 493 20.63 -41.52 -28.42
N ARG C 494 19.98 -42.11 -27.40
CA ARG C 494 19.93 -41.46 -26.10
C ARG C 494 21.33 -41.27 -25.53
N GLU C 495 22.17 -42.30 -25.63
CA GLU C 495 23.53 -42.20 -25.12
C GLU C 495 24.30 -41.09 -25.85
N ARG C 496 24.11 -40.99 -27.17
CA ARG C 496 24.82 -39.98 -27.94
C ARG C 496 24.35 -38.58 -27.57
N ASP C 497 23.05 -38.40 -27.36
CA ASP C 497 22.53 -37.10 -26.95
C ASP C 497 23.07 -36.69 -25.58
N PHE C 498 23.06 -37.63 -24.63
CA PHE C 498 23.60 -37.34 -23.30
C PHE C 498 25.11 -37.08 -23.36
N LEU C 499 25.82 -37.83 -24.20
CA LEU C 499 27.26 -37.62 -24.34
C LEU C 499 27.55 -36.26 -24.94
N LYS C 500 26.73 -35.82 -25.89
CA LYS C 500 26.88 -34.47 -26.44
C LYS C 500 26.72 -33.42 -25.35
N THR C 501 25.64 -33.51 -24.58
CA THR C 501 25.40 -32.50 -23.55
C THR C 501 26.38 -32.61 -22.39
N THR C 502 27.08 -33.74 -22.26
CA THR C 502 28.10 -33.86 -21.21
C THR C 502 29.44 -33.32 -21.69
N LEU C 503 29.86 -33.73 -22.89
CA LEU C 503 31.13 -33.27 -23.45
C LEU C 503 31.13 -31.76 -23.63
N HIS C 504 29.99 -31.18 -24.01
CA HIS C 504 29.94 -29.72 -24.18
C HIS C 504 30.27 -29.00 -22.88
N ARG C 505 29.65 -29.43 -21.78
CA ARG C 505 29.91 -28.78 -20.50
C ARG C 505 31.33 -29.04 -20.01
N ILE C 506 31.85 -30.25 -20.23
CA ILE C 506 33.23 -30.53 -19.83
C ILE C 506 34.21 -29.65 -20.59
N TYR C 507 33.99 -29.50 -21.89
CA TYR C 507 34.86 -28.63 -22.69
C TYR C 507 34.73 -27.18 -22.24
N GLY C 508 33.51 -26.73 -21.95
CA GLY C 508 33.31 -25.34 -21.54
C GLY C 508 33.95 -25.01 -20.21
N LYS C 509 33.78 -25.90 -19.22
CA LYS C 509 34.28 -25.60 -17.87
C LYS C 509 35.80 -25.64 -17.83
N PHE C 510 36.41 -26.67 -18.40
CA PHE C 510 37.85 -26.85 -18.32
C PHE C 510 38.56 -26.04 -19.39
N LEU C 511 39.79 -25.64 -19.09
CA LEU C 511 40.61 -24.85 -20.01
C LEU C 511 41.85 -25.57 -20.49
N GLY C 512 42.41 -26.47 -19.69
CA GLY C 512 43.61 -27.20 -20.06
C GLY C 512 43.40 -28.46 -20.85
N LEU C 513 42.16 -28.76 -21.24
CA LEU C 513 41.84 -29.99 -21.96
C LEU C 513 41.13 -29.72 -23.28
N ARG C 514 41.28 -28.53 -23.84
CA ARG C 514 40.56 -28.17 -25.06
C ARG C 514 41.30 -28.61 -26.32
N ALA C 515 42.58 -28.25 -26.44
CA ALA C 515 43.36 -28.65 -27.60
C ALA C 515 43.46 -30.17 -27.70
N TYR C 516 43.49 -30.87 -26.57
CA TYR C 516 43.53 -32.32 -26.59
C TYR C 516 42.27 -32.91 -27.21
N ILE C 517 41.11 -32.37 -26.84
CA ILE C 517 39.86 -32.84 -27.44
C ILE C 517 39.82 -32.50 -28.93
N ARG C 518 40.33 -31.32 -29.30
CA ARG C 518 40.35 -30.96 -30.71
C ARG C 518 41.21 -31.92 -31.52
N LYS C 519 42.40 -32.25 -31.01
CA LYS C 519 43.25 -33.20 -31.71
C LYS C 519 42.62 -34.59 -31.75
N GLN C 520 41.97 -35.00 -30.66
CA GLN C 520 41.32 -36.30 -30.64
C GLN C 520 40.19 -36.39 -31.66
N ILE C 521 39.39 -35.32 -31.77
CA ILE C 521 38.30 -35.35 -32.74
C ILE C 521 38.85 -35.28 -34.16
N ASN C 522 39.97 -34.60 -34.37
CA ASN C 522 40.62 -34.65 -35.68
C ASN C 522 41.07 -36.07 -36.02
N ASN C 523 41.64 -36.78 -35.04
CA ASN C 523 42.07 -38.15 -35.25
C ASN C 523 40.89 -39.06 -35.56
N ILE C 524 39.78 -38.89 -34.83
CA ILE C 524 38.61 -39.74 -35.09
C ILE C 524 38.00 -39.41 -36.45
N PHE C 525 38.05 -38.15 -36.87
CA PHE C 525 37.60 -37.81 -38.22
C PHE C 525 38.46 -38.48 -39.28
N TYR C 526 39.78 -38.46 -39.08
CA TYR C 526 40.68 -39.13 -40.03
C TYR C 526 40.37 -40.62 -40.11
N ARG C 527 40.24 -41.27 -38.95
CA ARG C 527 39.98 -42.71 -38.94
C ARG C 527 38.63 -43.03 -39.56
N PHE C 528 37.62 -42.20 -39.30
CA PHE C 528 36.29 -42.44 -39.87
C PHE C 528 36.30 -42.25 -41.39
N ILE C 529 37.03 -41.26 -41.88
CA ILE C 529 36.96 -40.94 -43.30
C ILE C 529 37.87 -41.85 -44.13
N TYR C 530 38.93 -42.40 -43.52
CA TYR C 530 39.93 -43.17 -44.26
C TYR C 530 39.96 -44.63 -43.83
N GLU C 531 40.11 -44.91 -42.54
CA GLU C 531 40.35 -46.28 -42.10
C GLU C 531 39.07 -47.10 -42.05
N THR C 532 38.12 -46.71 -41.21
CA THR C 532 36.88 -47.45 -41.02
C THR C 532 35.69 -46.53 -41.23
N GLU C 533 34.76 -46.95 -42.09
CA GLU C 533 33.57 -46.17 -42.36
C GLU C 533 32.48 -46.34 -41.30
N HIS C 534 32.59 -47.36 -40.46
CA HIS C 534 31.55 -47.69 -39.48
C HIS C 534 31.61 -46.68 -38.35
N HIS C 535 30.71 -45.70 -38.38
CA HIS C 535 30.57 -44.74 -37.29
C HIS C 535 29.19 -44.11 -37.37
N ASN C 536 28.59 -43.87 -36.21
CA ASN C 536 27.25 -43.29 -36.16
C ASN C 536 27.12 -42.13 -35.17
N GLY C 537 28.17 -41.78 -34.45
CA GLY C 537 28.11 -40.64 -33.55
C GLY C 537 28.63 -39.38 -34.21
N ILE C 538 28.37 -39.25 -35.51
CA ILE C 538 28.93 -38.15 -36.28
C ILE C 538 28.04 -36.91 -36.28
N ALA C 539 26.73 -37.06 -36.07
CA ALA C 539 25.84 -35.91 -36.12
C ALA C 539 26.04 -34.98 -34.92
N GLU C 540 26.18 -35.55 -33.73
CA GLU C 540 26.31 -34.74 -32.53
C GLU C 540 27.70 -34.12 -32.41
N LEU C 541 28.73 -34.80 -32.91
CA LEU C 541 30.08 -34.25 -32.86
C LEU C 541 30.17 -32.94 -33.63
N LEU C 542 29.52 -32.87 -34.80
CA LEU C 542 29.51 -31.63 -35.56
C LEU C 542 28.76 -30.52 -34.84
N GLU C 543 27.71 -30.87 -34.09
CA GLU C 543 27.01 -29.87 -33.30
C GLU C 543 27.91 -29.29 -32.21
N ILE C 544 28.66 -30.14 -31.52
CA ILE C 544 29.62 -29.66 -30.54
C ILE C 544 30.67 -28.78 -31.20
N LEU C 545 31.16 -29.21 -32.37
CA LEU C 545 32.13 -28.41 -33.11
C LEU C 545 31.56 -27.04 -33.45
N GLY C 546 30.32 -26.99 -33.94
CA GLY C 546 29.72 -25.71 -34.27
C GLY C 546 29.60 -24.80 -33.06
N SER C 547 29.28 -25.38 -31.89
CA SER C 547 29.27 -24.60 -30.66
C SER C 547 30.65 -24.01 -30.38
N ILE C 548 31.71 -24.79 -30.61
CA ILE C 548 33.06 -24.27 -30.38
C ILE C 548 33.42 -23.22 -31.41
N ILE C 549 33.04 -23.45 -32.68
CA ILE C 549 33.43 -22.53 -33.76
C ILE C 549 32.78 -21.17 -33.57
N ASN C 550 31.50 -21.15 -33.15
CA ASN C 550 30.80 -19.89 -32.99
C ASN C 550 31.48 -18.96 -31.97
N GLY C 551 32.26 -19.52 -31.05
CA GLY C 551 32.93 -18.70 -30.05
C GLY C 551 34.31 -18.23 -30.44
N PHE C 552 34.63 -18.28 -31.73
CA PHE C 552 35.93 -17.84 -32.19
C PHE C 552 36.04 -16.32 -32.16
N ALA C 553 37.26 -15.83 -32.26
CA ALA C 553 37.56 -14.41 -32.27
C ALA C 553 38.32 -14.05 -33.56
N LEU C 554 38.74 -12.79 -33.64
CA LEU C 554 39.46 -12.29 -34.80
C LEU C 554 40.85 -11.82 -34.40
N PRO C 555 41.88 -12.12 -35.22
CA PRO C 555 41.79 -12.92 -36.44
C PRO C 555 41.78 -14.41 -36.18
N LEU C 556 41.32 -15.19 -37.15
CA LEU C 556 41.25 -16.64 -36.99
C LEU C 556 42.63 -17.26 -36.98
N LYS C 557 42.78 -18.31 -36.17
CA LYS C 557 44.04 -19.04 -36.12
C LYS C 557 44.17 -19.96 -37.33
N GLU C 558 45.42 -20.16 -37.76
CA GLU C 558 45.69 -20.98 -38.93
C GLU C 558 45.39 -22.46 -38.68
N GLU C 559 45.37 -22.88 -37.41
CA GLU C 559 45.02 -24.26 -37.08
C GLU C 559 43.59 -24.56 -37.49
N HIS C 560 42.67 -23.61 -37.29
CA HIS C 560 41.29 -23.81 -37.73
C HIS C 560 41.20 -23.91 -39.24
N LYS C 561 42.05 -23.16 -39.96
CA LYS C 561 42.12 -23.30 -41.40
C LYS C 561 42.56 -24.71 -41.81
N ILE C 562 43.57 -25.25 -41.10
CA ILE C 562 43.97 -26.63 -41.35
C ILE C 562 42.81 -27.57 -41.05
N PHE C 563 42.09 -27.32 -39.97
CA PHE C 563 40.95 -28.17 -39.60
C PHE C 563 39.94 -28.24 -40.74
N LEU C 564 39.51 -27.09 -41.23
CA LEU C 564 38.51 -27.07 -42.30
C LEU C 564 39.06 -27.66 -43.60
N LEU C 565 40.31 -27.33 -43.94
CA LEU C 565 40.86 -27.78 -45.22
C LEU C 565 41.33 -29.23 -45.20
N LYS C 566 41.36 -29.88 -44.04
CA LYS C 566 41.85 -31.26 -43.95
C LYS C 566 40.79 -32.26 -43.51
N VAL C 567 39.97 -31.93 -42.52
CA VAL C 567 39.01 -32.89 -41.98
C VAL C 567 37.56 -32.46 -42.11
N LEU C 568 37.29 -31.21 -42.50
CA LEU C 568 35.90 -30.76 -42.55
C LEU C 568 35.33 -30.83 -43.97
N LEU C 569 36.01 -30.21 -44.95
CA LEU C 569 35.57 -30.33 -46.33
C LEU C 569 35.59 -31.75 -46.86
N PRO C 570 36.65 -32.54 -46.66
CA PRO C 570 36.63 -33.92 -47.20
C PRO C 570 35.51 -34.78 -46.63
N LEU C 571 34.96 -34.41 -45.47
CA LEU C 571 33.84 -35.16 -44.90
C LEU C 571 32.66 -35.27 -45.85
N HIS C 572 32.66 -34.54 -46.96
CA HIS C 572 31.57 -34.62 -47.92
C HIS C 572 31.64 -35.88 -48.77
N LYS C 573 32.82 -36.46 -48.97
CA LYS C 573 32.95 -37.60 -49.88
C LYS C 573 32.55 -38.92 -49.24
N VAL C 574 31.85 -38.89 -48.11
CA VAL C 574 31.39 -40.10 -47.43
C VAL C 574 30.01 -40.47 -47.96
N LYS C 575 29.77 -41.76 -48.17
CA LYS C 575 28.48 -42.22 -48.68
C LYS C 575 27.36 -41.91 -47.69
N SER C 576 27.66 -41.90 -46.40
CA SER C 576 26.63 -41.74 -45.36
C SER C 576 26.48 -40.29 -44.91
N LEU C 577 26.68 -39.33 -45.80
CA LEU C 577 26.50 -37.92 -45.45
C LEU C 577 25.03 -37.59 -45.20
N SER C 578 24.11 -38.35 -45.81
CA SER C 578 22.69 -38.02 -45.73
C SER C 578 22.19 -37.91 -44.30
N VAL C 579 22.74 -38.72 -43.40
CA VAL C 579 22.26 -38.70 -42.01
C VAL C 579 22.66 -37.40 -41.32
N TYR C 580 23.84 -36.86 -41.65
CA TYR C 580 24.38 -35.70 -40.95
C TYR C 580 24.71 -34.56 -41.89
N HIS C 581 23.95 -34.41 -42.97
CA HIS C 581 24.18 -33.29 -43.89
C HIS C 581 23.98 -31.93 -43.25
N PRO C 582 22.91 -31.66 -42.46
CA PRO C 582 22.65 -30.27 -42.05
C PRO C 582 23.70 -29.74 -41.06
N GLN C 583 23.99 -30.54 -40.03
CA GLN C 583 24.92 -30.10 -39.00
C GLN C 583 26.26 -29.69 -39.60
N LEU C 584 26.83 -30.56 -40.44
CA LEU C 584 28.06 -30.22 -41.14
C LEU C 584 27.93 -28.89 -41.87
N ALA C 585 26.84 -28.73 -42.62
CA ALA C 585 26.62 -27.46 -43.32
C ALA C 585 26.60 -26.30 -42.34
N TYR C 586 25.86 -26.45 -41.23
CA TYR C 586 25.82 -25.40 -40.23
C TYR C 586 27.22 -24.99 -39.82
N CYS C 587 28.10 -25.99 -39.63
CA CYS C 587 29.45 -25.70 -39.14
C CYS C 587 30.19 -24.77 -40.09
N VAL C 588 30.11 -25.03 -41.40
CA VAL C 588 30.86 -24.17 -42.33
C VAL C 588 30.24 -22.77 -42.34
N VAL C 589 28.93 -22.68 -42.20
CA VAL C 589 28.30 -21.36 -42.11
C VAL C 589 28.74 -20.65 -40.85
N GLN C 590 29.07 -21.40 -39.80
CA GLN C 590 29.60 -20.82 -38.58
C GLN C 590 31.07 -20.48 -38.67
N PHE C 591 31.74 -20.81 -39.78
CA PHE C 591 33.16 -20.53 -39.93
C PHE C 591 33.41 -19.38 -40.89
N LEU C 592 32.79 -19.41 -42.07
CA LEU C 592 33.04 -18.39 -43.08
C LEU C 592 32.43 -17.05 -42.72
N GLU C 593 31.48 -17.01 -41.78
CA GLU C 593 30.90 -15.73 -41.39
C GLU C 593 31.91 -14.85 -40.67
N LYS C 594 32.89 -15.44 -40.00
CA LYS C 594 33.94 -14.66 -39.34
C LYS C 594 34.78 -13.90 -40.36
N ASP C 595 35.15 -14.56 -41.45
CA ASP C 595 35.99 -13.95 -42.48
C ASP C 595 35.50 -14.40 -43.86
N SER C 596 35.08 -13.45 -44.68
CA SER C 596 34.61 -13.76 -46.04
C SER C 596 35.75 -13.90 -47.03
N THR C 597 36.98 -13.53 -46.67
CA THR C 597 38.11 -13.66 -47.56
C THR C 597 38.52 -15.12 -47.76
N LEU C 598 38.39 -15.94 -46.72
CA LEU C 598 38.84 -17.33 -46.75
C LEU C 598 37.76 -18.29 -47.22
N THR C 599 36.82 -17.82 -48.04
CA THR C 599 35.75 -18.67 -48.55
C THR C 599 36.07 -19.26 -49.92
N GLU C 600 37.00 -18.67 -50.65
CA GLU C 600 37.34 -19.19 -51.98
C GLU C 600 37.87 -20.62 -51.94
N PRO C 601 38.78 -21.01 -51.04
CA PRO C 601 39.16 -22.44 -50.99
C PRO C 601 37.97 -23.35 -50.69
N VAL C 602 37.01 -22.88 -49.90
CA VAL C 602 35.86 -23.70 -49.55
C VAL C 602 35.06 -24.06 -50.79
N VAL C 603 34.73 -23.05 -51.61
CA VAL C 603 33.95 -23.32 -52.82
C VAL C 603 34.79 -24.07 -53.84
N MET C 604 36.10 -23.81 -53.87
CA MET C 604 36.96 -24.53 -54.81
C MET C 604 36.98 -26.02 -54.52
N ALA C 605 37.09 -26.40 -53.25
CA ALA C 605 37.04 -27.81 -52.90
C ALA C 605 35.62 -28.36 -53.03
N LEU C 606 34.61 -27.55 -52.73
CA LEU C 606 33.23 -27.99 -52.85
C LEU C 606 32.88 -28.35 -54.28
N LEU C 607 33.34 -27.56 -55.25
CA LEU C 607 33.11 -27.87 -56.65
C LEU C 607 33.84 -29.13 -57.11
N LYS C 608 34.94 -29.48 -56.47
CA LYS C 608 35.70 -30.68 -56.81
C LYS C 608 35.09 -31.95 -56.22
N TYR C 609 34.54 -31.87 -55.00
CA TYR C 609 33.89 -33.03 -54.42
C TYR C 609 32.53 -33.32 -55.05
N TRP C 610 32.05 -32.44 -55.92
CA TRP C 610 30.78 -32.66 -56.59
C TRP C 610 30.86 -33.91 -57.46
N PRO C 611 29.96 -34.88 -57.30
CA PRO C 611 29.98 -36.08 -58.15
C PRO C 611 29.55 -35.74 -59.57
N LYS C 612 30.41 -36.06 -60.53
CA LYS C 612 30.17 -35.69 -61.93
C LYS C 612 29.00 -36.44 -62.55
N THR C 613 28.52 -37.51 -61.93
CA THR C 613 27.42 -38.30 -62.47
C THR C 613 26.12 -37.95 -61.75
N HIS C 614 25.01 -38.29 -62.41
CA HIS C 614 23.70 -38.03 -61.84
C HIS C 614 23.42 -38.98 -60.69
N SER C 615 22.94 -38.44 -59.57
CA SER C 615 22.65 -39.23 -58.39
C SER C 615 21.67 -38.46 -57.53
N PRO C 616 20.89 -39.14 -56.68
CA PRO C 616 20.01 -38.40 -55.75
C PRO C 616 20.76 -37.53 -54.77
N LYS C 617 22.03 -37.82 -54.49
CA LYS C 617 22.82 -37.08 -53.51
C LYS C 617 23.19 -35.69 -53.98
N GLU C 618 22.95 -35.35 -55.25
CA GLU C 618 23.36 -34.05 -55.76
C GLU C 618 22.61 -32.91 -55.07
N VAL C 619 21.32 -33.10 -54.81
CA VAL C 619 20.46 -32.00 -54.37
C VAL C 619 20.99 -31.39 -53.08
N MET C 620 21.47 -32.21 -52.15
CA MET C 620 21.99 -31.70 -50.89
C MET C 620 23.11 -30.70 -51.14
N PHE C 621 24.01 -31.03 -52.06
CA PHE C 621 25.10 -30.12 -52.40
C PHE C 621 24.53 -28.76 -52.80
N LEU C 622 23.53 -28.77 -53.69
CA LEU C 622 22.89 -27.52 -54.11
C LEU C 622 22.39 -26.74 -52.90
N ASN C 623 21.73 -27.44 -51.97
CA ASN C 623 21.22 -26.78 -50.77
C ASN C 623 22.33 -26.02 -50.07
N GLU C 624 23.48 -26.67 -49.86
CA GLU C 624 24.59 -26.01 -49.21
C GLU C 624 24.98 -24.75 -49.96
N LEU C 625 25.12 -24.87 -51.28
CA LEU C 625 25.50 -23.71 -52.09
C LEU C 625 24.56 -22.54 -51.83
N GLU C 626 23.26 -22.82 -51.74
CA GLU C 626 22.29 -21.75 -51.53
C GLU C 626 22.66 -20.92 -50.31
N GLU C 627 22.91 -21.58 -49.18
CA GLU C 627 23.27 -20.84 -47.97
C GLU C 627 24.55 -20.05 -48.19
N ILE C 628 25.56 -20.69 -48.80
CA ILE C 628 26.79 -19.98 -49.11
C ILE C 628 26.50 -18.80 -50.02
N LEU C 629 25.64 -19.01 -51.01
CA LEU C 629 25.27 -17.90 -51.89
C LEU C 629 24.66 -16.75 -51.09
N ASP C 630 23.78 -17.08 -50.14
CA ASP C 630 23.10 -16.05 -49.36
C ASP C 630 24.09 -15.23 -48.54
N VAL C 631 25.31 -15.71 -48.37
CA VAL C 631 26.35 -14.96 -47.67
C VAL C 631 27.41 -14.42 -48.62
N ILE C 632 27.63 -15.05 -49.77
CA ILE C 632 28.79 -14.72 -50.60
C ILE C 632 28.50 -13.57 -51.56
N GLU C 633 27.23 -13.24 -51.81
CA GLU C 633 26.92 -12.16 -52.74
C GLU C 633 27.53 -10.82 -52.36
N PRO C 634 27.48 -10.36 -51.10
CA PRO C 634 28.13 -9.09 -50.77
C PRO C 634 29.65 -9.19 -50.87
N SER C 635 30.30 -8.05 -50.63
CA SER C 635 31.76 -7.94 -50.64
C SER C 635 32.35 -8.19 -52.03
N GLU C 636 31.49 -8.18 -53.06
CA GLU C 636 31.91 -8.31 -54.46
C GLU C 636 32.73 -9.58 -54.67
N PHE C 637 32.09 -10.72 -54.42
CA PHE C 637 32.73 -12.03 -54.57
C PHE C 637 32.28 -12.64 -55.89
N VAL C 638 32.99 -12.30 -56.97
CA VAL C 638 32.69 -12.83 -58.29
C VAL C 638 33.96 -13.45 -58.86
N LYS C 639 34.96 -13.67 -58.00
CA LYS C 639 36.21 -14.26 -58.45
C LYS C 639 36.01 -15.68 -58.96
N ILE C 640 35.18 -16.47 -58.29
CA ILE C 640 34.92 -17.84 -58.66
C ILE C 640 33.47 -18.05 -59.12
N MET C 641 32.78 -16.96 -59.47
CA MET C 641 31.41 -17.07 -59.93
C MET C 641 31.33 -17.78 -61.28
N GLU C 642 32.21 -17.43 -62.22
CA GLU C 642 32.18 -18.05 -63.54
C GLU C 642 32.45 -19.55 -63.50
N PRO C 643 33.52 -20.06 -62.87
CA PRO C 643 33.68 -21.52 -62.81
C PRO C 643 32.57 -22.21 -62.05
N LEU C 644 32.02 -21.57 -61.01
CA LEU C 644 30.90 -22.17 -60.30
C LEU C 644 29.69 -22.32 -61.20
N PHE C 645 29.39 -21.29 -62.00
CA PHE C 645 28.28 -21.39 -62.96
C PHE C 645 28.56 -22.44 -64.01
N ARG C 646 29.80 -22.53 -64.49
CA ARG C 646 30.15 -23.52 -65.49
C ARG C 646 29.97 -24.94 -64.95
N GLN C 647 30.40 -25.18 -63.72
CA GLN C 647 30.22 -26.49 -63.11
C GLN C 647 28.75 -26.79 -62.82
N LEU C 648 27.98 -25.76 -62.43
CA LEU C 648 26.56 -25.97 -62.14
C LEU C 648 25.77 -26.27 -63.40
N ALA C 649 26.16 -25.68 -64.54
CA ALA C 649 25.43 -25.92 -65.78
C ALA C 649 25.48 -27.38 -66.19
N LYS C 650 26.64 -28.03 -66.05
CA LYS C 650 26.78 -29.43 -66.41
C LYS C 650 26.04 -30.34 -65.44
N SER F 7 -17.46 44.26 9.48
CA SER F 7 -18.13 45.53 9.76
C SER F 7 -18.96 45.43 11.04
N PRO F 8 -18.57 46.18 12.07
CA PRO F 8 -19.28 46.11 13.35
C PRO F 8 -20.75 46.50 13.26
N ALA F 9 -21.12 47.38 12.33
CA ALA F 9 -22.52 47.76 12.19
C ALA F 9 -23.38 46.57 11.80
N LYS F 10 -22.92 45.79 10.82
CA LYS F 10 -23.66 44.59 10.43
C LYS F 10 -23.66 43.55 11.55
N LEU F 11 -22.54 43.44 12.27
CA LEU F 11 -22.47 42.49 13.38
C LEU F 11 -23.50 42.82 14.45
N HIS F 12 -23.63 44.10 14.80
CA HIS F 12 -24.68 44.49 15.74
C HIS F 12 -26.07 44.28 15.17
N SER F 13 -26.27 44.66 13.91
CA SER F 13 -27.59 44.55 13.31
C SER F 13 -28.05 43.10 13.18
N PHE F 14 -27.13 42.14 13.22
CA PHE F 14 -27.50 40.74 13.19
C PHE F 14 -27.51 40.09 14.56
N THR F 15 -26.62 40.50 15.47
CA THR F 15 -26.48 39.84 16.76
C THR F 15 -26.93 40.67 17.94
N HIS F 16 -26.88 42.00 17.83
CA HIS F 16 -27.23 42.91 18.93
C HIS F 16 -26.41 42.61 20.17
N CYS F 17 -25.11 42.39 19.99
CA CYS F 17 -24.22 42.08 21.09
C CYS F 17 -23.88 43.35 21.86
N GLY F 18 -22.95 43.23 22.81
CA GLY F 18 -22.56 44.34 23.66
C GLY F 18 -21.54 45.24 23.01
N GLN F 19 -21.13 46.26 23.76
CA GLN F 19 -20.17 47.23 23.24
C GLN F 19 -18.76 46.65 23.25
N ALA F 20 -18.41 45.89 24.28
CA ALA F 20 -17.08 45.28 24.31
C ALA F 20 -16.87 44.33 23.14
N ALA F 21 -17.94 43.69 22.67
CA ALA F 21 -17.84 42.86 21.48
C ALA F 21 -17.46 43.69 20.25
N LEU F 22 -18.10 44.84 20.08
CA LEU F 22 -17.77 45.72 18.96
C LEU F 22 -16.35 46.26 19.08
N THR F 23 -15.94 46.65 20.29
CA THR F 23 -14.59 47.18 20.47
C THR F 23 -13.53 46.11 20.24
N LEU F 24 -13.84 44.85 20.55
CA LEU F 24 -12.91 43.78 20.22
C LEU F 24 -12.72 43.65 18.72
N HIS F 25 -13.73 44.03 17.94
CA HIS F 25 -13.62 44.11 16.50
C HIS F 25 -13.18 45.52 16.11
N GLY F 26 -13.31 45.86 14.82
CA GLY F 26 -12.77 47.11 14.31
C GLY F 26 -13.40 48.37 14.87
N ALA F 27 -14.52 48.25 15.58
CA ALA F 27 -15.20 49.43 16.10
C ALA F 27 -14.40 50.08 17.21
N THR F 28 -14.60 51.38 17.37
CA THR F 28 -13.99 52.17 18.43
C THR F 28 -15.05 52.55 19.45
N THR F 29 -14.60 53.00 20.62
CA THR F 29 -15.50 53.25 21.75
C THR F 29 -16.62 54.22 21.36
N THR F 30 -16.24 55.36 20.75
CA THR F 30 -17.27 56.33 20.36
C THR F 30 -18.15 55.79 19.24
N GLU F 31 -17.56 55.06 18.28
CA GLU F 31 -18.37 54.43 17.24
C GLU F 31 -19.31 53.38 17.84
N ALA F 32 -18.83 52.61 18.81
CA ALA F 32 -19.68 51.61 19.45
C ALA F 32 -20.84 52.28 20.18
N LEU F 33 -20.57 53.38 20.88
CA LEU F 33 -21.64 54.11 21.55
C LEU F 33 -22.65 54.66 20.55
N ASN F 34 -22.15 55.18 19.41
CA ASN F 34 -23.04 55.67 18.37
C ASN F 34 -23.94 54.55 17.84
N ILE F 35 -23.36 53.37 17.62
CA ILE F 35 -24.16 52.24 17.17
C ILE F 35 -25.18 51.84 18.23
N LEU F 36 -24.81 51.96 19.51
CA LEU F 36 -25.75 51.63 20.59
C LEU F 36 -26.96 52.55 20.56
N HIS F 37 -26.72 53.87 20.53
CA HIS F 37 -27.85 54.79 20.59
C HIS F 37 -28.52 54.98 19.23
N SER F 38 -27.97 54.41 18.16
CA SER F 38 -28.63 54.39 16.87
C SER F 38 -29.45 53.12 16.65
N CYS F 39 -29.37 52.16 17.55
CA CYS F 39 -30.13 50.91 17.44
C CYS F 39 -31.45 51.09 18.17
N HIS F 40 -32.55 51.04 17.41
CA HIS F 40 -33.87 51.28 17.99
C HIS F 40 -34.25 50.21 19.00
N ALA F 41 -33.86 48.96 18.74
CA ALA F 41 -34.20 47.88 19.67
C ALA F 41 -33.33 47.93 20.93
N CYS F 42 -32.10 48.41 20.81
CA CYS F 42 -31.16 48.42 21.94
C CYS F 42 -31.25 49.71 22.76
N ARG F 43 -32.12 50.64 22.39
CA ARG F 43 -32.26 51.89 23.13
C ARG F 43 -33.38 51.77 24.17
N ILE F 56 -23.24 35.86 42.75
CA ILE F 56 -21.99 35.27 43.22
C ILE F 56 -21.75 33.95 42.50
N ARG F 57 -20.55 33.42 42.63
CA ARG F 57 -20.16 32.16 41.99
C ARG F 57 -20.11 31.07 43.05
N ARG F 58 -21.16 30.26 43.12
CA ARG F 58 -21.23 29.20 44.12
C ARG F 58 -20.35 28.01 43.78
N GLY F 59 -20.09 27.77 42.50
CA GLY F 59 -19.16 26.73 42.11
C GLY F 59 -17.72 27.19 42.23
N LEU F 60 -16.82 26.22 42.29
CA LEU F 60 -15.40 26.49 42.45
C LEU F 60 -14.61 26.35 41.15
N LEU F 61 -15.01 25.41 40.29
CA LEU F 61 -14.30 25.08 39.07
C LEU F 61 -15.31 25.04 37.93
N PRO F 62 -14.85 25.17 36.69
CA PRO F 62 -15.73 24.87 35.56
C PRO F 62 -16.17 23.42 35.59
N ASN F 63 -17.43 23.19 35.22
CA ASN F 63 -18.04 21.85 35.23
C ASN F 63 -17.95 21.22 36.62
N HIS F 64 -18.25 22.02 37.64
CA HIS F 64 -18.30 21.56 39.02
C HIS F 64 -19.72 21.52 39.55
N ILE F 65 -20.44 22.64 39.49
CA ILE F 65 -21.85 22.70 39.83
C ILE F 65 -22.60 23.37 38.69
N TRP F 66 -23.71 22.79 38.28
CA TRP F 66 -24.59 23.36 37.28
C TRP F 66 -25.94 23.71 37.90
N GLN F 67 -26.64 24.62 37.25
CA GLN F 67 -28.01 24.98 37.62
C GLN F 67 -28.92 24.69 36.44
N GLY F 68 -29.98 23.92 36.69
CA GLY F 68 -30.93 23.54 35.65
C GLY F 68 -32.27 24.19 35.89
N ASP F 69 -32.75 24.90 34.87
CA ASP F 69 -34.00 25.62 34.92
C ASP F 69 -34.84 25.30 33.67
N ILE F 70 -36.14 25.47 33.80
CA ILE F 70 -37.08 25.33 32.69
C ILE F 70 -37.82 26.65 32.54
N THR F 71 -37.81 27.19 31.33
CA THR F 71 -38.39 28.50 31.06
C THR F 71 -39.46 28.37 30.00
N HIS F 72 -40.49 29.20 30.11
CA HIS F 72 -41.58 29.23 29.14
C HIS F 72 -41.39 30.42 28.21
N PHE F 73 -41.35 30.17 26.91
CA PHE F 73 -41.25 31.22 25.91
C PHE F 73 -42.63 31.45 25.31
N LYS F 74 -43.09 32.70 25.37
CA LYS F 74 -44.43 33.07 24.96
C LYS F 74 -44.44 33.50 23.50
N TYR F 75 -45.33 32.91 22.72
CA TYR F 75 -45.56 33.28 21.33
C TYR F 75 -47.02 33.71 21.17
N LYS F 76 -47.31 34.29 20.00
CA LYS F 76 -48.65 34.82 19.76
C LYS F 76 -49.71 33.72 19.76
N ASN F 77 -49.36 32.52 19.30
CA ASN F 77 -50.34 31.44 19.25
C ASN F 77 -49.79 30.09 19.70
N THR F 78 -48.62 30.05 20.34
CA THR F 78 -48.05 28.79 20.80
C THR F 78 -47.10 29.09 21.96
N LEU F 79 -46.58 28.02 22.57
CA LEU F 79 -45.68 28.11 23.71
C LEU F 79 -44.47 27.22 23.47
N TYR F 80 -43.32 27.66 23.96
CA TYR F 80 -42.09 26.88 23.84
C TYR F 80 -41.50 26.63 25.22
N ARG F 81 -40.86 25.47 25.39
CA ARG F 81 -40.20 25.12 26.64
C ARG F 81 -38.70 25.12 26.40
N LEU F 82 -37.98 25.88 27.23
CA LEU F 82 -36.53 25.97 27.12
C LEU F 82 -35.90 25.29 28.33
N HIS F 83 -35.18 24.21 28.08
CA HIS F 83 -34.38 23.55 29.11
C HIS F 83 -33.00 24.20 29.11
N VAL F 84 -32.65 24.86 30.21
CA VAL F 84 -31.44 25.67 30.29
C VAL F 84 -30.57 25.13 31.41
N TRP F 85 -29.29 24.91 31.11
CA TRP F 85 -28.28 24.54 32.09
C TRP F 85 -27.19 25.60 32.07
N VAL F 86 -26.84 26.11 33.24
CA VAL F 86 -25.87 27.19 33.38
C VAL F 86 -24.79 26.74 34.36
N ASP F 87 -23.54 26.90 33.96
CA ASP F 87 -22.43 26.66 34.86
C ASP F 87 -22.33 27.77 35.90
N THR F 88 -22.03 27.39 37.14
CA THR F 88 -21.98 28.34 38.25
C THR F 88 -20.57 28.87 38.51
N PHE F 89 -19.71 28.87 37.49
CA PHE F 89 -18.38 29.47 37.65
C PHE F 89 -18.11 30.43 36.50
N SER F 90 -18.65 30.13 35.32
CA SER F 90 -18.44 30.97 34.15
C SER F 90 -19.72 31.53 33.56
N GLY F 91 -20.88 31.04 33.98
CA GLY F 91 -22.12 31.48 33.39
C GLY F 91 -22.40 30.90 32.03
N SER F 92 -21.63 29.90 31.60
CA SER F 92 -21.82 29.29 30.29
C SER F 92 -23.21 28.68 30.20
N VAL F 93 -23.88 28.92 29.09
CA VAL F 93 -25.29 28.60 28.91
C VAL F 93 -25.42 27.51 27.85
N SER F 94 -26.21 26.48 28.17
CA SER F 94 -26.60 25.47 27.20
C SER F 94 -28.11 25.31 27.26
N ALA F 95 -28.79 25.63 26.16
CA ALA F 95 -30.24 25.65 26.14
C ALA F 95 -30.76 24.82 24.96
N THR F 96 -31.85 24.12 25.20
CA THR F 96 -32.53 23.37 24.14
C THR F 96 -34.02 23.71 24.18
N HIS F 97 -34.62 23.77 22.99
CA HIS F 97 -36.02 24.14 22.84
C HIS F 97 -36.87 22.92 22.52
N LYS F 98 -38.00 22.80 23.21
CA LYS F 98 -38.88 21.65 23.09
C LYS F 98 -40.33 22.13 23.06
N LYS F 99 -41.20 21.27 22.52
CA LYS F 99 -42.63 21.54 22.49
C LYS F 99 -43.37 20.92 23.65
N ARG F 100 -42.69 20.14 24.50
CA ARG F 100 -43.31 19.52 25.67
C ARG F 100 -42.24 19.39 26.75
N GLU F 101 -42.53 18.59 27.78
CA GLU F 101 -41.63 18.47 28.91
C GLU F 101 -41.89 17.14 29.62
N THR F 102 -40.81 16.38 29.84
CA THR F 102 -40.89 15.14 30.58
C THR F 102 -39.48 14.75 31.00
N SER F 103 -39.38 13.62 31.72
CA SER F 103 -38.09 13.19 32.26
C SER F 103 -37.11 12.86 31.16
N SER F 104 -37.56 12.17 30.11
CA SER F 104 -36.66 11.81 29.02
C SER F 104 -36.13 13.05 28.31
N GLU F 105 -36.97 14.08 28.16
CA GLU F 105 -36.50 15.33 27.56
C GLU F 105 -35.49 16.04 28.46
N ALA F 106 -35.67 15.95 29.78
CA ALA F 106 -34.64 16.48 30.68
C ALA F 106 -33.32 15.76 30.50
N ILE F 107 -33.37 14.43 30.33
CA ILE F 107 -32.17 13.66 30.08
C ILE F 107 -31.52 14.09 28.77
N SER F 108 -32.34 14.30 27.73
CA SER F 108 -31.81 14.71 26.43
C SER F 108 -31.12 16.07 26.53
N SER F 109 -31.73 17.02 27.23
CA SER F 109 -31.13 18.34 27.39
C SER F 109 -29.83 18.25 28.17
N LEU F 110 -29.79 17.43 29.22
CA LEU F 110 -28.55 17.25 29.97
C LEU F 110 -27.47 16.64 29.09
N LEU F 111 -27.83 15.68 28.24
CA LEU F 111 -26.85 15.07 27.36
C LEU F 111 -26.30 16.08 26.36
N HIS F 112 -27.17 16.92 25.79
CA HIS F 112 -26.71 17.96 24.88
C HIS F 112 -25.79 18.96 25.58
N ALA F 113 -26.15 19.33 26.82
CA ALA F 113 -25.29 20.23 27.58
C ALA F 113 -23.92 19.61 27.84
N ILE F 114 -23.89 18.31 28.10
CA ILE F 114 -22.61 17.62 28.28
C ILE F 114 -21.83 17.61 26.97
N ALA F 115 -22.52 17.41 25.85
CA ALA F 115 -21.87 17.39 24.54
C ALA F 115 -21.26 18.74 24.18
N HIS F 116 -21.82 19.84 24.69
CA HIS F 116 -21.26 21.17 24.42
C HIS F 116 -20.22 21.60 25.45
N LEU F 117 -20.47 21.34 26.74
CA LEU F 117 -19.62 21.83 27.82
C LEU F 117 -18.72 20.77 28.42
N GLY F 118 -19.24 19.56 28.67
CA GLY F 118 -18.51 18.51 29.35
C GLY F 118 -19.36 17.89 30.44
N ARG F 119 -18.74 16.96 31.17
CA ARG F 119 -19.46 16.23 32.21
C ARG F 119 -19.37 16.98 33.54
N PRO F 120 -20.49 17.40 34.12
CA PRO F 120 -20.45 18.07 35.42
C PRO F 120 -20.21 17.07 36.55
N SER F 121 -19.76 17.61 37.68
CA SER F 121 -19.58 16.80 38.88
C SER F 121 -20.85 16.73 39.72
N HIS F 122 -21.50 17.87 39.95
CA HIS F 122 -22.78 17.94 40.64
C HIS F 122 -23.73 18.82 39.85
N ILE F 123 -25.02 18.49 39.90
CA ILE F 123 -26.05 19.30 39.28
C ILE F 123 -27.12 19.61 40.30
N ASN F 124 -27.77 20.77 40.12
CA ASN F 124 -28.74 21.28 41.08
C ASN F 124 -29.97 21.75 40.31
N THR F 125 -31.15 21.50 40.89
CA THR F 125 -32.40 21.86 40.22
C THR F 125 -33.54 21.83 41.22
N ASP F 126 -34.71 22.29 40.74
CA ASP F 126 -35.94 22.34 41.51
C ASP F 126 -36.58 20.95 41.60
N ASN F 127 -37.57 20.84 42.47
CA ASN F 127 -38.37 19.62 42.56
C ASN F 127 -39.57 19.73 41.64
N GLY F 128 -39.80 18.68 40.86
CA GLY F 128 -40.91 18.65 39.92
C GLY F 128 -41.11 17.28 39.32
N PRO F 129 -42.04 17.18 38.37
CA PRO F 129 -42.25 15.89 37.69
C PRO F 129 -40.99 15.37 37.03
N ALA F 130 -40.19 16.25 36.44
CA ALA F 130 -38.89 15.90 35.92
C ALA F 130 -37.82 16.15 36.98
N TYR F 131 -36.63 15.62 36.74
CA TYR F 131 -35.46 15.73 37.61
C TYR F 131 -35.61 14.99 38.92
N ALA F 132 -36.78 14.41 39.20
CA ALA F 132 -36.99 13.64 40.42
C ALA F 132 -37.44 12.22 40.16
N SER F 133 -37.81 11.87 38.94
CA SER F 133 -38.27 10.52 38.63
C SER F 133 -37.10 9.54 38.68
N GLN F 134 -37.44 8.25 38.66
CA GLN F 134 -36.41 7.22 38.70
C GLN F 134 -35.56 7.23 37.43
N GLU F 135 -36.15 7.62 36.30
CA GLU F 135 -35.40 7.62 35.04
C GLU F 135 -34.25 8.62 35.08
N PHE F 136 -34.51 9.83 35.59
CA PHE F 136 -33.46 10.83 35.69
C PHE F 136 -32.39 10.41 36.70
N GLN F 137 -32.80 9.79 37.81
CA GLN F 137 -31.82 9.30 38.77
C GLN F 137 -30.93 8.23 38.15
N HIS F 138 -31.52 7.33 37.36
CA HIS F 138 -30.74 6.31 36.66
C HIS F 138 -29.77 6.95 35.68
N ALA F 139 -30.22 7.97 34.95
CA ALA F 139 -29.36 8.65 34.00
C ALA F 139 -28.17 9.30 34.72
N CYS F 140 -28.43 9.97 35.84
CA CYS F 140 -27.36 10.62 36.57
C CYS F 140 -26.39 9.61 37.17
N THR F 141 -26.90 8.49 37.66
CA THR F 141 -26.04 7.49 38.30
C THR F 141 -25.11 6.82 37.30
N SER F 142 -25.57 6.61 36.06
CA SER F 142 -24.74 5.98 35.05
C SER F 142 -23.53 6.84 34.67
N LEU F 143 -23.65 8.16 34.75
CA LEU F 143 -22.56 9.07 34.47
C LEU F 143 -21.82 9.51 35.72
N ALA F 144 -22.21 9.01 36.89
CA ALA F 144 -21.61 9.35 38.18
C ALA F 144 -21.70 10.86 38.44
N ILE F 145 -22.93 11.36 38.41
CA ILE F 145 -23.23 12.75 38.71
C ILE F 145 -24.15 12.79 39.92
N ARG F 146 -23.76 13.56 40.93
CA ARG F 146 -24.55 13.70 42.14
C ARG F 146 -25.62 14.76 41.95
N HIS F 147 -26.86 14.41 42.22
CA HIS F 147 -28.01 15.28 42.00
C HIS F 147 -28.62 15.69 43.32
N THR F 148 -28.79 16.99 43.52
CA THR F 148 -29.40 17.55 44.72
C THR F 148 -30.60 18.40 44.32
N THR F 149 -31.64 18.36 45.14
CA THR F 149 -32.91 19.01 44.84
C THR F 149 -33.24 20.03 45.93
N HIS F 150 -33.88 21.13 45.53
CA HIS F 150 -34.27 22.17 46.45
C HIS F 150 -35.59 22.79 45.98
N ILE F 151 -36.30 23.39 46.93
CA ILE F 151 -37.56 24.07 46.66
C ILE F 151 -37.42 25.52 47.11
N PRO F 152 -37.70 26.51 46.25
CA PRO F 152 -37.57 27.93 46.60
C PRO F 152 -38.57 28.35 47.68
N VAL F 161 -29.64 30.43 38.04
CA VAL F 161 -29.87 31.86 38.20
C VAL F 161 -30.94 32.32 37.21
N GLU F 162 -31.74 33.31 37.63
CA GLU F 162 -32.80 33.85 36.78
C GLU F 162 -32.33 34.99 35.90
N ARG F 163 -31.10 35.47 36.08
CA ARG F 163 -30.58 36.54 35.23
C ARG F 163 -30.24 36.03 33.83
N THR F 164 -29.66 34.83 33.75
CA THR F 164 -29.35 34.24 32.45
C THR F 164 -30.62 34.03 31.64
N ASN F 165 -31.69 33.58 32.29
CA ASN F 165 -32.98 33.44 31.64
C ASN F 165 -33.44 34.76 31.06
N GLY F 166 -33.32 35.84 31.84
CA GLY F 166 -33.72 37.14 31.35
C GLY F 166 -32.90 37.59 30.15
N ILE F 167 -31.59 37.38 30.20
CA ILE F 167 -30.73 37.76 29.09
C ILE F 167 -31.14 37.01 27.82
N LEU F 168 -31.37 35.70 27.95
CA LEU F 168 -31.80 34.91 26.80
C LEU F 168 -33.15 35.39 26.27
N LYS F 169 -34.09 35.68 27.17
CA LYS F 169 -35.41 36.13 26.75
C LYS F 169 -35.33 37.44 25.97
N THR F 170 -34.55 38.40 26.48
CA THR F 170 -34.39 39.67 25.77
C THR F 170 -33.75 39.47 24.41
N LEU F 171 -32.73 38.60 24.34
CA LEU F 171 -32.08 38.37 23.05
C LEU F 171 -33.02 37.72 22.05
N LEU F 172 -33.80 36.73 22.47
CA LEU F 172 -34.75 36.10 21.57
C LEU F 172 -35.82 37.09 21.12
N TYR F 173 -36.30 37.94 22.03
CA TYR F 173 -37.30 38.93 21.65
C TYR F 173 -36.74 39.92 20.63
N LYS F 174 -35.50 40.36 20.83
CA LYS F 174 -34.89 41.28 19.86
C LYS F 174 -34.73 40.61 18.50
N TYR F 175 -34.28 39.35 18.48
CA TYR F 175 -34.11 38.65 17.21
C TYR F 175 -35.44 38.46 16.50
N PHE F 176 -36.49 38.10 17.23
CA PHE F 176 -37.79 37.93 16.60
C PHE F 176 -38.38 39.26 16.14
N SER F 177 -38.12 40.34 16.87
CA SER F 177 -38.57 41.65 16.42
C SER F 177 -37.87 42.07 15.14
N ASP F 178 -36.58 41.73 15.00
CA ASP F 178 -35.87 42.04 13.77
C ASP F 178 -36.48 41.30 12.58
N ASN F 179 -36.81 40.02 12.77
CA ASN F 179 -37.39 39.22 11.70
C ASN F 179 -38.45 38.28 12.26
N PRO F 180 -39.74 38.59 12.09
CA PRO F 180 -40.79 37.70 12.62
C PRO F 180 -40.83 36.33 11.95
N ASN F 181 -40.24 36.18 10.77
CA ASN F 181 -40.26 34.91 10.05
C ASN F 181 -38.97 34.12 10.31
N LEU F 182 -38.80 33.70 11.57
CA LEU F 182 -37.68 32.85 11.92
C LEU F 182 -38.16 31.47 12.32
N PRO F 183 -37.39 30.42 12.01
CA PRO F 183 -37.84 29.05 12.30
C PRO F 183 -37.58 28.62 13.74
N MET F 184 -37.47 29.60 14.65
CA MET F 184 -37.36 29.43 16.11
C MET F 184 -36.18 28.57 16.53
N ASP F 185 -35.30 28.22 15.60
CA ASP F 185 -34.08 27.47 15.88
C ASP F 185 -32.82 28.28 15.64
N ASN F 186 -32.77 29.00 14.52
CA ASN F 186 -31.63 29.87 14.23
C ASN F 186 -31.52 30.97 15.27
N ALA F 187 -32.65 31.49 15.74
CA ALA F 187 -32.61 32.53 16.77
C ALA F 187 -31.95 32.02 18.03
N LEU F 188 -32.31 30.81 18.48
CA LEU F 188 -31.70 30.26 19.68
C LEU F 188 -30.20 30.01 19.49
N SER F 189 -29.82 29.47 18.32
CA SER F 189 -28.40 29.23 18.07
C SER F 189 -27.61 30.54 18.05
N VAL F 190 -28.16 31.57 17.42
CA VAL F 190 -27.48 32.86 17.36
C VAL F 190 -27.39 33.47 18.75
N ALA F 191 -28.45 33.33 19.55
CA ALA F 191 -28.43 33.88 20.90
C ALA F 191 -27.35 33.22 21.75
N LEU F 192 -27.24 31.89 21.68
CA LEU F 192 -26.19 31.19 22.41
C LEU F 192 -24.81 31.61 21.92
N TRP F 193 -24.64 31.75 20.61
CA TRP F 193 -23.36 32.22 20.09
C TRP F 193 -23.03 33.61 20.64
N THR F 194 -24.02 34.48 20.70
CA THR F 194 -23.80 35.86 21.15
C THR F 194 -23.40 35.90 22.62
N ILE F 195 -24.15 35.24 23.50
CA ILE F 195 -23.86 35.33 24.93
C ILE F 195 -22.71 34.45 25.37
N ASN F 196 -22.26 33.52 24.51
CA ASN F 196 -21.12 32.68 24.86
C ASN F 196 -19.82 33.17 24.26
N HIS F 197 -19.83 33.62 23.01
CA HIS F 197 -18.61 33.97 22.30
C HIS F 197 -18.42 35.46 22.05
N LEU F 198 -19.50 36.24 22.00
CA LEU F 198 -19.43 37.64 21.61
C LEU F 198 -19.47 38.59 22.80
N ASN F 199 -20.48 38.47 23.66
CA ASN F 199 -20.59 39.34 24.82
C ASN F 199 -19.43 39.09 25.79
N VAL F 200 -19.06 40.14 26.51
CA VAL F 200 -17.94 40.10 27.43
C VAL F 200 -18.45 40.31 28.85
N LEU F 201 -18.03 39.45 29.77
CA LEU F 201 -18.38 39.62 31.17
C LEU F 201 -17.77 40.92 31.69
N THR F 202 -18.56 41.68 32.43
CA THR F 202 -18.12 43.02 32.83
C THR F 202 -16.95 42.98 33.80
N HIS F 203 -17.03 42.12 34.81
CA HIS F 203 -16.03 42.15 35.88
C HIS F 203 -14.66 41.67 35.39
N CYS F 204 -14.59 40.42 34.92
CA CYS F 204 -13.34 39.84 34.48
C CYS F 204 -12.93 40.27 33.08
N GLN F 205 -13.83 40.95 32.36
CA GLN F 205 -13.57 41.44 31.01
C GLN F 205 -13.13 40.31 30.08
N LYS F 206 -13.81 39.17 30.21
CA LYS F 206 -13.58 38.01 29.36
C LYS F 206 -14.93 37.55 28.82
N THR F 207 -14.88 36.70 27.79
CA THR F 207 -16.08 36.07 27.28
C THR F 207 -16.37 34.79 28.05
N ARG F 208 -17.65 34.41 28.06
CA ARG F 208 -18.06 33.21 28.80
C ARG F 208 -17.37 31.97 28.26
N TRP F 209 -17.26 31.85 26.94
CA TRP F 209 -16.59 30.70 26.33
C TRP F 209 -15.13 30.65 26.75
N GLN F 210 -14.44 31.79 26.68
CA GLN F 210 -13.01 31.80 26.98
C GLN F 210 -12.76 31.52 28.47
N LEU F 211 -13.63 32.03 29.34
CA LEU F 211 -13.50 31.72 30.75
C LEU F 211 -13.79 30.25 31.03
N HIS F 212 -14.77 29.68 30.33
CA HIS F 212 -15.15 28.30 30.58
C HIS F 212 -14.09 27.31 30.11
N HIS F 213 -13.56 27.50 28.90
CA HIS F 213 -12.68 26.52 28.28
C HIS F 213 -11.21 26.87 28.38
N SER F 214 -10.85 27.89 29.14
CA SER F 214 -9.45 28.23 29.30
C SER F 214 -8.73 27.15 30.09
N PRO F 215 -7.66 26.56 29.57
CA PRO F 215 -6.88 25.60 30.37
C PRO F 215 -6.35 26.28 31.62
N ARG F 216 -6.35 25.53 32.72
CA ARG F 216 -5.94 26.09 34.00
C ARG F 216 -4.46 25.87 34.24
N LEU F 217 -3.96 26.56 35.26
CA LEU F 217 -2.54 26.51 35.59
C LEU F 217 -2.18 25.10 36.07
N PRO F 218 -1.18 24.46 35.48
CA PRO F 218 -0.80 23.12 35.92
C PRO F 218 -0.20 23.17 37.31
N PRO F 219 -0.30 22.07 38.06
CA PRO F 219 0.33 22.04 39.38
C PRO F 219 1.85 22.16 39.27
N ILE F 220 2.44 22.77 40.28
CA ILE F 220 3.89 23.00 40.30
C ILE F 220 4.51 22.04 41.32
N PRO F 221 5.18 20.98 40.87
CA PRO F 221 5.78 20.03 41.82
C PRO F 221 6.85 20.70 42.67
N GLU F 222 6.96 20.24 43.91
CA GLU F 222 7.93 20.78 44.85
C GLU F 222 9.26 20.04 44.75
N GLU F 223 10.34 20.80 44.91
CA GLU F 223 11.71 20.27 44.89
C GLU F 223 12.02 19.58 43.56
N LYS F 224 11.30 19.95 42.50
CA LYS F 224 11.53 19.41 41.16
C LYS F 224 11.32 20.50 40.13
N PRO F 225 12.32 20.81 39.32
CA PRO F 225 12.15 21.85 38.29
C PRO F 225 11.09 21.46 37.28
N VAL F 226 10.36 22.46 36.80
CA VAL F 226 9.33 22.26 35.80
C VAL F 226 10.00 22.37 34.43
N THR F 227 10.39 21.22 33.88
CA THR F 227 11.07 21.20 32.59
C THR F 227 10.09 21.49 31.46
N THR F 228 10.64 21.97 30.35
CA THR F 228 9.84 22.26 29.17
C THR F 228 9.66 20.99 28.34
N SER F 229 8.43 20.71 27.94
CA SER F 229 8.16 19.53 27.13
C SER F 229 8.83 19.68 25.77
N LYS F 230 9.45 18.59 25.30
CA LYS F 230 10.20 18.59 24.06
C LYS F 230 9.41 17.87 22.97
N THR F 231 9.23 18.55 21.84
CA THR F 231 8.53 17.95 20.71
C THR F 231 9.44 16.96 20.00
N HIS F 232 8.84 15.95 19.39
CA HIS F 232 9.58 14.88 18.75
C HIS F 232 10.15 15.34 17.41
N TRP F 233 10.96 14.48 16.81
CA TRP F 233 11.63 14.75 15.55
C TRP F 233 11.06 13.86 14.44
N TYR F 234 11.03 14.40 13.23
CA TYR F 234 10.39 13.71 12.11
C TYR F 234 11.27 13.79 10.86
N TYR F 235 11.22 12.72 10.07
CA TYR F 235 11.56 12.79 8.66
C TYR F 235 10.34 13.25 7.89
N PHE F 236 10.56 14.00 6.82
CA PHE F 236 9.46 14.60 6.09
C PHE F 236 9.75 14.60 4.59
N LYS F 237 8.69 14.77 3.81
CA LYS F 237 8.78 14.90 2.36
C LYS F 237 7.93 16.09 1.92
N ILE F 238 8.39 16.75 0.87
CA ILE F 238 7.71 17.96 0.38
C ILE F 238 6.46 17.54 -0.39
N PRO F 239 5.30 18.09 -0.07
CA PRO F 239 4.07 17.72 -0.80
C PRO F 239 4.13 18.17 -2.25
N GLY F 240 3.47 17.40 -3.11
CA GLY F 240 3.33 17.75 -4.51
C GLY F 240 4.53 17.48 -5.38
N LEU F 241 5.52 16.72 -4.90
CA LEU F 241 6.73 16.48 -5.67
C LEU F 241 6.91 15.04 -6.10
N ASN F 242 6.13 14.11 -5.57
CA ASN F 242 6.27 12.68 -5.87
C ASN F 242 7.66 12.18 -5.52
N SER F 243 8.29 12.79 -4.52
CA SER F 243 9.59 12.34 -4.07
C SER F 243 9.46 11.05 -3.28
N ARG F 244 10.59 10.36 -3.08
CA ARG F 244 10.60 9.07 -2.42
C ARG F 244 11.69 8.98 -1.35
N GLN F 245 12.53 10.00 -1.22
CA GLN F 245 13.61 10.02 -0.24
C GLN F 245 13.29 11.05 0.83
N TRP F 246 13.29 10.62 2.09
CA TRP F 246 13.00 11.52 3.20
C TRP F 246 14.19 12.45 3.42
N LYS F 247 13.92 13.76 3.48
CA LYS F 247 14.97 14.76 3.50
C LYS F 247 15.29 15.15 4.94
N GLY F 248 15.97 14.25 5.63
CA GLY F 248 16.55 14.54 6.92
C GLY F 248 15.55 14.70 8.04
N PRO F 249 16.00 14.55 9.28
CA PRO F 249 15.13 14.78 10.44
C PRO F 249 15.15 16.23 10.89
N GLN F 250 14.00 16.69 11.36
CA GLN F 250 13.82 18.06 11.83
C GLN F 250 12.86 18.06 13.00
N ARG F 251 12.79 19.20 13.69
CA ARG F 251 11.88 19.39 14.81
C ARG F 251 10.56 19.97 14.33
N ALA F 252 9.53 19.85 15.15
CA ALA F 252 8.20 20.37 14.83
C ALA F 252 7.94 21.61 15.68
N LEU F 253 7.53 22.69 15.02
CA LEU F 253 7.16 23.90 15.73
C LEU F 253 5.80 23.74 16.40
N GLN F 254 4.87 23.05 15.75
CA GLN F 254 3.52 22.92 16.25
C GLN F 254 2.92 21.62 15.72
N GLU F 255 1.95 21.09 16.45
CA GLU F 255 1.23 19.89 16.03
C GLU F 255 -0.27 20.16 16.07
N ALA F 256 -0.99 19.55 15.14
CA ALA F 256 -2.43 19.70 15.05
C ALA F 256 -3.00 18.43 14.46
N ALA F 257 -4.32 18.43 14.25
CA ALA F 257 -5.00 17.27 13.66
C ALA F 257 -4.77 17.29 12.16
N GLY F 258 -3.94 16.38 11.67
CA GLY F 258 -3.72 16.24 10.25
C GLY F 258 -2.46 16.86 9.70
N ALA F 259 -1.73 17.64 10.49
CA ALA F 259 -0.51 18.24 9.98
C ALA F 259 0.38 18.64 11.15
N ALA F 260 1.65 18.90 10.83
CA ALA F 260 2.62 19.40 11.78
C ALA F 260 3.43 20.52 11.12
N LEU F 261 3.76 21.54 11.90
CA LEU F 261 4.52 22.67 11.39
C LEU F 261 6.00 22.29 11.38
N ILE F 262 6.56 22.14 10.19
CA ILE F 262 7.95 21.70 10.00
C ILE F 262 8.67 22.83 9.26
N PRO F 263 9.82 23.30 9.77
CA PRO F 263 10.61 24.29 9.03
C PRO F 263 11.38 23.61 7.90
N VAL F 264 10.91 23.83 6.66
CA VAL F 264 11.52 23.18 5.51
C VAL F 264 12.93 23.72 5.28
N SER F 265 13.13 25.02 5.53
CA SER F 265 14.43 25.64 5.41
C SER F 265 14.62 26.58 6.60
N ASP F 266 15.75 27.28 6.63
CA ASP F 266 16.02 28.26 7.66
C ASP F 266 15.38 29.61 7.38
N THR F 267 14.44 29.66 6.46
CA THR F 267 13.75 30.89 6.09
C THR F 267 12.24 30.80 6.23
N ALA F 268 11.64 29.65 5.90
CA ALA F 268 10.20 29.49 5.93
C ALA F 268 9.85 28.14 6.53
N ALA F 269 8.59 28.01 6.94
CA ALA F 269 8.06 26.78 7.51
C ALA F 269 6.75 26.44 6.81
N GLN F 270 6.41 25.15 6.83
CA GLN F 270 5.23 24.65 6.14
C GLN F 270 4.54 23.58 6.98
N TRP F 271 3.22 23.49 6.84
CA TRP F 271 2.43 22.48 7.53
C TRP F 271 2.42 21.21 6.68
N ILE F 272 3.17 20.20 7.13
CA ILE F 272 3.32 18.94 6.41
C ILE F 272 2.33 17.93 6.97
N PRO F 273 1.56 17.22 6.14
CA PRO F 273 0.62 16.23 6.66
C PRO F 273 1.33 15.05 7.30
N TRP F 274 0.57 14.32 8.14
CA TRP F 274 1.12 13.17 8.83
C TRP F 274 1.55 12.06 7.87
N LYS F 275 0.82 11.89 6.77
CA LYS F 275 1.13 10.82 5.82
C LYS F 275 2.53 10.99 5.24
N LEU F 276 3.03 12.22 5.18
CA LEU F 276 4.36 12.51 4.67
C LEU F 276 5.38 12.67 5.79
N LEU F 277 5.04 12.27 7.00
CA LEU F 277 5.91 12.38 8.16
C LEU F 277 6.23 10.99 8.69
N LYS F 278 7.43 10.84 9.26
CA LYS F 278 7.87 9.58 9.82
C LYS F 278 8.58 9.87 11.14
N ARG F 279 8.08 9.30 12.23
CA ARG F 279 8.68 9.55 13.53
C ARG F 279 10.12 9.05 13.56
N ALA F 280 11.00 9.83 14.17
CA ALA F 280 12.43 9.56 14.17
C ALA F 280 12.96 9.59 15.60
N VAL F 281 14.28 9.46 15.72
CA VAL F 281 14.99 9.53 16.98
C VAL F 281 15.97 10.68 16.91
N CYS F 282 16.13 11.41 18.01
CA CYS F 282 17.00 12.57 18.03
C CYS F 282 18.42 12.18 17.65
N PRO F 283 19.08 12.93 16.75
CA PRO F 283 20.41 12.51 16.27
C PRO F 283 21.46 12.44 17.37
N ARG F 284 21.27 13.16 18.47
CA ARG F 284 22.24 13.21 19.57
C ARG F 284 23.61 13.66 19.08
N SER G 7 14.31 -4.34 -37.35
CA SER G 7 14.26 -2.98 -36.81
C SER G 7 13.39 -2.91 -35.57
N PRO G 8 13.95 -2.40 -34.47
CA PRO G 8 13.15 -2.27 -33.24
C PRO G 8 11.93 -1.40 -33.42
N ALA G 9 12.02 -0.33 -34.21
CA ALA G 9 10.86 0.52 -34.45
C ALA G 9 9.76 -0.24 -35.18
N LYS G 10 10.13 -1.00 -36.21
CA LYS G 10 9.14 -1.78 -36.94
C LYS G 10 8.58 -2.93 -36.08
N LEU G 11 9.45 -3.57 -35.30
CA LEU G 11 8.99 -4.65 -34.43
C LEU G 11 7.98 -4.14 -33.42
N HIS G 12 8.26 -3.00 -32.80
CA HIS G 12 7.31 -2.44 -31.84
C HIS G 12 6.06 -1.93 -32.54
N SER G 13 6.19 -1.37 -33.74
CA SER G 13 5.01 -0.90 -34.45
C SER G 13 4.08 -2.05 -34.81
N PHE G 14 4.64 -3.25 -34.99
CA PHE G 14 3.79 -4.40 -35.33
C PHE G 14 3.25 -5.09 -34.08
N THR G 15 4.09 -5.29 -33.06
CA THR G 15 3.73 -6.12 -31.92
C THR G 15 3.60 -5.37 -30.61
N HIS G 16 4.12 -4.14 -30.51
CA HIS G 16 4.07 -3.35 -29.28
C HIS G 16 4.69 -4.09 -28.11
N CYS G 17 5.81 -4.77 -28.37
CA CYS G 17 6.51 -5.51 -27.33
C CYS G 17 7.21 -4.56 -26.38
N GLY G 18 7.64 -5.11 -25.24
CA GLY G 18 8.22 -4.32 -24.18
C GLY G 18 9.68 -3.98 -24.43
N GLN G 19 10.28 -3.35 -23.42
CA GLN G 19 11.66 -2.86 -23.54
C GLN G 19 12.65 -4.01 -23.68
N ALA G 20 12.53 -5.03 -22.84
CA ALA G 20 13.48 -6.14 -22.90
C ALA G 20 13.35 -6.91 -24.22
N ALA G 21 12.14 -6.97 -24.78
CA ALA G 21 11.98 -7.58 -26.09
C ALA G 21 12.69 -6.78 -27.17
N LEU G 22 12.58 -5.44 -27.11
CA LEU G 22 13.23 -4.59 -28.11
C LEU G 22 14.74 -4.63 -27.96
N THR G 23 15.25 -4.82 -26.75
CA THR G 23 16.69 -4.85 -26.54
C THR G 23 17.35 -6.03 -27.25
N LEU G 24 16.74 -7.22 -27.15
CA LEU G 24 17.35 -8.42 -27.71
C LEU G 24 17.40 -8.40 -29.23
N HIS G 25 16.48 -7.69 -29.88
CA HIS G 25 16.52 -7.53 -31.33
C HIS G 25 17.49 -6.45 -31.76
N GLY G 26 18.21 -5.86 -30.82
CA GLY G 26 19.28 -4.92 -31.10
C GLY G 26 18.88 -3.49 -30.88
N ALA G 27 19.20 -2.97 -29.70
CA ALA G 27 18.93 -1.59 -29.32
C ALA G 27 19.53 -1.33 -27.94
N THR G 28 19.97 -0.10 -27.69
CA THR G 28 20.37 0.23 -26.33
C THR G 28 19.12 0.50 -25.49
N THR G 29 19.31 0.49 -24.17
CA THR G 29 18.18 0.68 -23.27
C THR G 29 17.53 2.04 -23.51
N THR G 30 18.33 3.06 -23.81
CA THR G 30 17.80 4.39 -24.05
C THR G 30 16.91 4.43 -25.30
N GLU G 31 17.34 3.79 -26.38
CA GLU G 31 16.55 3.81 -27.61
C GLU G 31 15.23 3.07 -27.44
N ALA G 32 15.26 1.90 -26.82
CA ALA G 32 14.01 1.17 -26.58
C ALA G 32 13.11 1.94 -25.63
N LEU G 33 13.70 2.58 -24.62
CA LEU G 33 12.93 3.38 -23.68
C LEU G 33 12.26 4.56 -24.37
N ASN G 34 12.98 5.21 -25.29
CA ASN G 34 12.40 6.30 -26.06
C ASN G 34 11.34 5.81 -27.04
N ILE G 35 11.52 4.62 -27.60
CA ILE G 35 10.50 4.03 -28.47
C ILE G 35 9.21 3.83 -27.69
N LEU G 36 9.32 3.29 -26.46
CA LEU G 36 8.14 3.10 -25.64
C LEU G 36 7.50 4.44 -25.24
N HIS G 37 8.33 5.41 -24.86
CA HIS G 37 7.80 6.71 -24.45
C HIS G 37 7.09 7.43 -25.59
N SER G 38 7.64 7.35 -26.80
CA SER G 38 7.07 8.05 -27.94
C SER G 38 5.86 7.36 -28.54
N CYS G 39 5.52 6.15 -28.07
CA CYS G 39 4.38 5.43 -28.63
C CYS G 39 3.09 5.92 -28.00
N HIS G 40 2.16 6.39 -28.83
CA HIS G 40 0.89 6.87 -28.32
C HIS G 40 0.00 5.71 -27.90
N ALA G 41 0.00 4.62 -28.66
CA ALA G 41 -0.89 3.49 -28.35
C ALA G 41 -0.56 2.88 -27.00
N CYS G 42 0.72 2.77 -26.66
CA CYS G 42 1.10 2.20 -25.37
C CYS G 42 0.63 3.07 -24.22
N ARG G 43 0.76 4.39 -24.34
CA ARG G 43 0.44 5.29 -23.23
C ARG G 43 -1.04 5.59 -23.09
N LYS G 44 -1.81 5.51 -24.18
CA LYS G 44 -3.25 5.67 -24.05
C LYS G 44 -3.91 4.46 -23.41
N ASN G 45 -3.28 3.29 -23.50
CA ASN G 45 -3.93 2.05 -23.10
C ASN G 45 -3.37 1.44 -21.82
N ASN G 46 -2.23 1.91 -21.34
CA ASN G 46 -1.72 1.45 -20.06
C ASN G 46 -2.42 2.21 -18.94
N PRO G 47 -3.12 1.53 -18.03
CA PRO G 47 -3.81 2.24 -16.94
C PRO G 47 -2.87 2.79 -15.87
N GLN G 48 -1.58 2.49 -15.94
CA GLN G 48 -0.64 2.94 -14.93
C GLN G 48 -0.18 4.37 -15.22
N HIS G 49 0.08 5.11 -14.14
CA HIS G 49 0.61 6.46 -14.24
C HIS G 49 1.28 6.79 -12.91
N GLN G 50 2.15 7.79 -12.94
CA GLN G 50 2.89 8.21 -11.75
C GLN G 50 2.83 9.73 -11.64
N MET G 51 1.96 10.22 -10.76
CA MET G 51 1.72 11.63 -10.55
C MET G 51 1.65 11.89 -9.06
N PRO G 52 1.92 13.12 -8.62
CA PRO G 52 1.95 13.40 -7.18
C PRO G 52 0.58 13.30 -6.54
N ARG G 53 0.57 13.34 -5.22
CA ARG G 53 -0.64 13.26 -4.42
C ARG G 53 -1.06 14.66 -3.97
N GLY G 54 -2.37 14.88 -3.91
CA GLY G 54 -2.92 16.12 -3.39
C GLY G 54 -3.38 15.98 -1.95
N HIS G 55 -3.47 17.13 -1.28
CA HIS G 55 -3.91 17.17 0.10
C HIS G 55 -4.84 18.37 0.30
N ILE G 56 -5.95 18.15 1.00
CA ILE G 56 -6.92 19.22 1.20
C ILE G 56 -6.26 20.41 1.89
N ARG G 57 -6.86 21.58 1.68
CA ARG G 57 -6.35 22.80 2.30
C ARG G 57 -6.72 22.82 3.78
N ARG G 58 -5.75 23.11 4.64
CA ARG G 58 -5.93 23.07 6.07
C ARG G 58 -5.71 24.45 6.67
N GLY G 59 -6.55 24.81 7.64
CA GLY G 59 -6.47 26.12 8.24
C GLY G 59 -5.19 26.32 9.04
N LEU G 60 -4.82 27.59 9.18
CA LEU G 60 -3.61 27.95 9.91
C LEU G 60 -3.83 28.04 11.41
N LEU G 61 -5.08 28.06 11.86
CA LEU G 61 -5.44 28.19 13.26
C LEU G 61 -6.92 27.82 13.39
N PRO G 62 -7.40 27.59 14.61
CA PRO G 62 -8.80 27.18 14.78
C PRO G 62 -9.77 28.20 14.18
N ASN G 63 -10.86 27.67 13.62
CA ASN G 63 -11.93 28.47 13.01
C ASN G 63 -11.42 29.29 11.82
N HIS G 64 -10.60 28.66 10.98
CA HIS G 64 -10.14 29.26 9.73
C HIS G 64 -10.75 28.62 8.51
N ILE G 65 -10.68 27.29 8.41
CA ILE G 65 -11.29 26.56 7.30
C ILE G 65 -12.07 25.39 7.88
N TRP G 66 -13.30 25.19 7.41
CA TRP G 66 -14.15 24.08 7.83
C TRP G 66 -14.55 23.25 6.62
N GLN G 67 -14.87 21.99 6.87
CA GLN G 67 -15.38 21.09 5.85
C GLN G 67 -16.73 20.54 6.30
N GLY G 68 -17.71 20.53 5.40
CA GLY G 68 -19.03 20.08 5.73
C GLY G 68 -19.53 19.05 4.73
N ASP G 69 -20.45 18.21 5.20
CA ASP G 69 -21.01 17.15 4.36
C ASP G 69 -22.30 16.64 5.00
N ILE G 70 -23.09 15.93 4.19
CA ILE G 70 -24.33 15.31 4.63
C ILE G 70 -24.17 13.80 4.53
N THR G 71 -24.65 13.09 5.55
CA THR G 71 -24.55 11.64 5.62
C THR G 71 -25.91 11.06 5.94
N HIS G 72 -26.21 9.89 5.38
CA HIS G 72 -27.46 9.20 5.65
C HIS G 72 -27.25 8.15 6.73
N PHE G 73 -28.26 7.99 7.58
CA PHE G 73 -28.26 6.98 8.62
C PHE G 73 -29.64 6.33 8.66
N LYS G 74 -29.68 5.01 8.82
CA LYS G 74 -30.93 4.27 8.85
C LYS G 74 -31.23 3.82 10.27
N TYR G 75 -32.43 4.12 10.75
CA TYR G 75 -32.78 3.87 12.15
C TYR G 75 -34.30 3.87 12.28
N LYS G 76 -34.85 2.75 12.77
CA LYS G 76 -36.28 2.62 13.04
C LYS G 76 -37.10 2.93 11.78
N ASN G 77 -36.68 2.34 10.67
CA ASN G 77 -37.31 2.53 9.36
C ASN G 77 -37.38 4.01 8.96
N THR G 78 -36.47 4.83 9.50
CA THR G 78 -36.42 6.25 9.20
C THR G 78 -35.01 6.61 8.75
N LEU G 79 -34.92 7.43 7.71
CA LEU G 79 -33.64 7.87 7.16
C LEU G 79 -33.33 9.26 7.72
N TYR G 80 -32.31 9.33 8.57
CA TYR G 80 -31.87 10.58 9.15
C TYR G 80 -30.72 11.15 8.34
N ARG G 81 -30.71 12.47 8.20
CA ARG G 81 -29.65 13.18 7.50
C ARG G 81 -28.80 13.91 8.54
N LEU G 82 -27.53 13.51 8.66
CA LEU G 82 -26.60 14.11 9.59
C LEU G 82 -25.76 15.14 8.85
N HIS G 83 -25.90 16.40 9.24
CA HIS G 83 -25.04 17.47 8.74
C HIS G 83 -23.82 17.56 9.65
N VAL G 84 -22.63 17.41 9.06
CA VAL G 84 -21.39 17.31 9.81
C VAL G 84 -20.48 18.44 9.37
N TRP G 85 -19.88 19.13 10.34
CA TRP G 85 -18.87 20.15 10.12
C TRP G 85 -17.63 19.79 10.92
N VAL G 86 -16.47 19.87 10.28
CA VAL G 86 -15.20 19.51 10.90
C VAL G 86 -14.23 20.66 10.71
N ASP G 87 -13.52 21.01 11.79
CA ASP G 87 -12.51 22.06 11.74
C ASP G 87 -11.20 21.47 11.24
N THR G 88 -10.68 22.03 10.14
CA THR G 88 -9.52 21.45 9.48
C THR G 88 -8.23 21.59 10.27
N PHE G 89 -8.23 22.37 11.35
CA PHE G 89 -7.05 22.50 12.20
C PHE G 89 -7.10 21.56 13.40
N SER G 90 -8.22 21.53 14.12
CA SER G 90 -8.33 20.75 15.34
C SER G 90 -9.10 19.45 15.18
N GLY G 91 -9.88 19.31 14.10
CA GLY G 91 -10.69 18.14 13.91
C GLY G 91 -11.98 18.12 14.69
N SER G 92 -12.33 19.22 15.35
CA SER G 92 -13.55 19.25 16.16
C SER G 92 -14.78 19.09 15.26
N VAL G 93 -15.77 18.36 15.77
CA VAL G 93 -16.92 17.93 14.98
C VAL G 93 -18.18 18.54 15.56
N SER G 94 -19.04 19.04 14.68
CA SER G 94 -20.41 19.40 15.04
C SER G 94 -21.34 18.66 14.10
N ALA G 95 -22.29 17.92 14.67
CA ALA G 95 -23.20 17.12 13.87
C ALA G 95 -24.62 17.34 14.35
N THR G 96 -25.55 17.47 13.41
CA THR G 96 -26.96 17.62 13.71
C THR G 96 -27.77 16.67 12.85
N HIS G 97 -28.78 16.05 13.43
CA HIS G 97 -29.63 15.10 12.71
C HIS G 97 -30.94 15.78 12.32
N LYS G 98 -31.29 15.67 11.04
CA LYS G 98 -32.50 16.28 10.49
C LYS G 98 -33.27 15.24 9.70
N LYS G 99 -34.51 15.59 9.36
CA LYS G 99 -35.39 14.70 8.61
C LYS G 99 -35.15 14.73 7.11
N ARG G 100 -34.58 15.82 6.60
CA ARG G 100 -34.35 15.95 5.17
C ARG G 100 -33.23 16.95 4.92
N GLU G 101 -32.71 16.92 3.70
CA GLU G 101 -31.66 17.83 3.25
C GLU G 101 -32.30 19.01 2.53
N THR G 102 -32.06 20.22 3.05
CA THR G 102 -32.68 21.42 2.52
C THR G 102 -31.75 22.59 2.81
N SER G 103 -31.89 23.66 2.03
CA SER G 103 -31.08 24.86 2.26
C SER G 103 -31.31 25.43 3.65
N SER G 104 -32.57 25.41 4.11
CA SER G 104 -32.86 25.86 5.46
C SER G 104 -32.16 24.99 6.50
N GLU G 105 -32.18 23.67 6.30
CA GLU G 105 -31.50 22.77 7.23
C GLU G 105 -29.99 23.00 7.20
N ALA G 106 -29.44 23.27 6.01
CA ALA G 106 -28.02 23.57 5.92
C ALA G 106 -27.67 24.82 6.72
N ILE G 107 -28.48 25.87 6.59
CA ILE G 107 -28.22 27.10 7.34
C ILE G 107 -28.37 26.86 8.84
N SER G 108 -29.40 26.12 9.24
CA SER G 108 -29.61 25.86 10.66
C SER G 108 -28.45 25.06 11.25
N SER G 109 -27.98 24.05 10.51
CA SER G 109 -26.84 23.26 10.98
C SER G 109 -25.57 24.11 11.06
N LEU G 110 -25.37 24.99 10.08
CA LEU G 110 -24.20 25.86 10.13
C LEU G 110 -24.25 26.80 11.33
N LEU G 111 -25.42 27.36 11.63
CA LEU G 111 -25.54 28.24 12.79
C LEU G 111 -25.36 27.47 14.09
N HIS G 112 -25.89 26.24 14.15
CA HIS G 112 -25.66 25.39 15.32
C HIS G 112 -24.17 25.10 15.49
N ALA G 113 -23.46 24.83 14.40
CA ALA G 113 -22.03 24.60 14.47
C ALA G 113 -21.30 25.85 14.93
N ILE G 114 -21.75 27.03 14.48
CA ILE G 114 -21.13 28.28 14.91
C ILE G 114 -21.31 28.47 16.40
N ALA G 115 -22.52 28.19 16.91
CA ALA G 115 -22.76 28.31 18.34
C ALA G 115 -21.92 27.31 19.14
N HIS G 116 -21.72 26.12 18.57
CA HIS G 116 -20.95 25.09 19.28
C HIS G 116 -19.45 25.40 19.27
N LEU G 117 -18.92 25.83 18.12
CA LEU G 117 -17.49 25.94 17.92
C LEU G 117 -17.00 27.37 17.77
N GLY G 118 -17.66 28.17 16.93
CA GLY G 118 -17.22 29.53 16.66
C GLY G 118 -17.48 29.94 15.24
N ARG G 119 -17.02 31.13 14.84
CA ARG G 119 -17.26 31.62 13.49
C ARG G 119 -16.06 31.31 12.61
N PRO G 120 -16.23 30.58 11.51
CA PRO G 120 -15.11 30.27 10.62
C PRO G 120 -14.89 31.32 9.55
N SER G 121 -13.62 31.48 9.17
CA SER G 121 -13.27 32.41 8.10
C SER G 121 -13.74 31.88 6.74
N HIS G 122 -13.35 30.65 6.38
CA HIS G 122 -13.75 30.04 5.14
C HIS G 122 -14.35 28.66 5.40
N ILE G 123 -15.26 28.25 4.53
CA ILE G 123 -15.80 26.90 4.54
C ILE G 123 -15.81 26.38 3.11
N ASN G 124 -15.54 25.09 2.96
CA ASN G 124 -15.61 24.45 1.64
C ASN G 124 -16.36 23.14 1.75
N THR G 125 -17.20 22.88 0.75
CA THR G 125 -18.00 21.67 0.69
C THR G 125 -18.12 21.23 -0.77
N ASP G 126 -18.46 19.97 -0.97
CA ASP G 126 -18.72 19.50 -2.32
C ASP G 126 -19.98 20.16 -2.87
N ASN G 127 -20.08 20.24 -4.19
CA ASN G 127 -21.16 20.98 -4.82
C ASN G 127 -22.50 20.23 -4.70
N GLY G 128 -22.99 20.08 -3.48
CA GLY G 128 -24.28 19.47 -3.26
C GLY G 128 -25.41 20.41 -3.65
N PRO G 129 -26.61 19.85 -3.82
CA PRO G 129 -27.74 20.70 -4.24
C PRO G 129 -28.09 21.80 -3.25
N ALA G 130 -27.93 21.54 -1.96
CA ALA G 130 -28.31 22.49 -0.92
C ALA G 130 -27.20 23.44 -0.52
N TYR G 131 -26.01 23.31 -1.11
CA TYR G 131 -24.88 24.18 -0.80
C TYR G 131 -24.64 25.24 -1.86
N ALA G 132 -25.07 25.02 -3.10
CA ALA G 132 -24.89 25.98 -4.18
C ALA G 132 -26.08 26.91 -4.33
N SER G 133 -27.07 26.81 -3.46
CA SER G 133 -28.25 27.65 -3.57
C SER G 133 -27.93 29.09 -3.24
N GLN G 134 -28.76 30.00 -3.78
CA GLN G 134 -28.63 31.41 -3.45
C GLN G 134 -28.87 31.66 -1.97
N GLU G 135 -29.76 30.88 -1.36
CA GLU G 135 -30.08 31.06 0.06
C GLU G 135 -28.85 30.84 0.93
N PHE G 136 -28.11 29.75 0.66
CA PHE G 136 -26.92 29.46 1.46
C PHE G 136 -25.83 30.50 1.24
N GLN G 137 -25.66 30.96 0.00
CA GLN G 137 -24.66 31.99 -0.27
C GLN G 137 -25.00 33.29 0.43
N HIS G 138 -26.29 33.67 0.43
CA HIS G 138 -26.70 34.89 1.13
C HIS G 138 -26.46 34.75 2.63
N ALA G 139 -26.79 33.59 3.20
CA ALA G 139 -26.56 33.38 4.63
C ALA G 139 -25.08 33.45 4.97
N CYS G 140 -24.23 32.86 4.13
CA CYS G 140 -22.79 32.93 4.37
C CYS G 140 -22.27 34.35 4.24
N THR G 141 -22.74 35.09 3.22
CA THR G 141 -22.27 36.44 3.00
C THR G 141 -22.67 37.37 4.14
N SER G 142 -23.88 37.20 4.68
CA SER G 142 -24.30 38.01 5.81
C SER G 142 -23.40 37.83 7.03
N LEU G 143 -22.74 36.69 7.15
CA LEU G 143 -21.82 36.40 8.25
C LEU G 143 -20.36 36.57 7.87
N ALA G 144 -20.08 37.09 6.67
CA ALA G 144 -18.72 37.25 6.17
C ALA G 144 -17.97 35.92 6.12
N ILE G 145 -18.64 34.90 5.60
CA ILE G 145 -18.06 33.57 5.43
C ILE G 145 -17.87 33.34 3.94
N ARG G 146 -16.62 33.11 3.54
CA ARG G 146 -16.30 32.83 2.14
C ARG G 146 -16.43 31.34 1.87
N HIS G 147 -17.27 30.99 0.90
CA HIS G 147 -17.59 29.59 0.61
C HIS G 147 -17.06 29.22 -0.77
N THR G 148 -16.29 28.13 -0.82
CA THR G 148 -15.78 27.57 -2.06
C THR G 148 -16.28 26.14 -2.22
N THR G 149 -16.22 25.64 -3.44
CA THR G 149 -16.67 24.29 -3.76
C THR G 149 -15.52 23.47 -4.32
N HIS G 150 -15.74 22.17 -4.41
CA HIS G 150 -14.74 21.21 -4.85
C HIS G 150 -14.92 20.90 -6.33
N ILE G 151 -13.97 20.14 -6.87
CA ILE G 151 -14.12 19.59 -8.22
C ILE G 151 -15.25 18.56 -8.21
N PRO G 152 -16.18 18.60 -9.16
CA PRO G 152 -17.28 17.65 -9.13
C PRO G 152 -16.82 16.20 -9.29
N TYR G 153 -17.58 15.29 -8.68
CA TYR G 153 -17.34 13.85 -8.74
C TYR G 153 -15.98 13.46 -8.15
N ASN G 154 -15.49 14.19 -7.17
CA ASN G 154 -14.23 13.86 -6.50
C ASN G 154 -14.45 13.92 -5.00
N PRO G 155 -15.06 12.89 -4.41
CA PRO G 155 -15.27 12.89 -2.95
C PRO G 155 -13.99 12.89 -2.14
N THR G 156 -12.85 12.50 -2.71
CA THR G 156 -11.60 12.51 -1.97
C THR G 156 -11.11 13.92 -1.67
N SER G 157 -11.62 14.93 -2.37
CA SER G 157 -11.24 16.31 -2.09
C SER G 157 -11.80 16.82 -0.77
N SER G 158 -12.69 16.06 -0.14
CA SER G 158 -13.22 16.38 1.17
C SER G 158 -12.91 15.24 2.14
N GLY G 159 -11.65 14.79 2.15
CA GLY G 159 -11.34 13.55 2.85
C GLY G 159 -11.58 13.60 4.34
N LEU G 160 -11.28 14.72 4.97
CA LEU G 160 -11.40 14.81 6.43
C LEU G 160 -12.85 14.68 6.87
N VAL G 161 -13.76 15.36 6.20
CA VAL G 161 -15.16 15.27 6.63
C VAL G 161 -15.73 13.89 6.34
N GLU G 162 -15.36 13.27 5.21
CA GLU G 162 -15.85 11.93 4.91
C GLU G 162 -15.35 10.92 5.94
N ARG G 163 -14.08 11.01 6.32
CA ARG G 163 -13.55 10.15 7.37
C ARG G 163 -14.28 10.35 8.68
N THR G 164 -14.60 11.61 9.01
CA THR G 164 -15.36 11.88 10.22
C THR G 164 -16.77 11.30 10.14
N ASN G 165 -17.38 11.31 8.95
CA ASN G 165 -18.66 10.62 8.78
C ASN G 165 -18.54 9.15 9.15
N GLY G 166 -17.47 8.50 8.68
CA GLY G 166 -17.27 7.10 9.02
C GLY G 166 -17.11 6.86 10.51
N ILE G 167 -16.30 7.70 11.16
CA ILE G 167 -16.07 7.55 12.61
C ILE G 167 -17.38 7.72 13.37
N LEU G 168 -18.14 8.76 13.02
CA LEU G 168 -19.40 9.04 13.72
C LEU G 168 -20.39 7.90 13.57
N LYS G 169 -20.53 7.38 12.35
CA LYS G 169 -21.46 6.27 12.13
C LYS G 169 -21.02 5.01 12.85
N THR G 170 -19.71 4.76 12.91
CA THR G 170 -19.22 3.59 13.65
C THR G 170 -19.59 3.68 15.13
N LEU G 171 -19.41 4.85 15.73
CA LEU G 171 -19.80 5.02 17.13
C LEU G 171 -21.30 4.85 17.30
N LEU G 172 -22.10 5.38 16.37
CA LEU G 172 -23.55 5.23 16.47
C LEU G 172 -23.96 3.77 16.42
N TYR G 173 -23.34 2.99 15.54
CA TYR G 173 -23.64 1.57 15.45
C TYR G 173 -23.24 0.84 16.73
N LYS G 174 -22.08 1.20 17.30
CA LYS G 174 -21.68 0.60 18.57
C LYS G 174 -22.71 0.85 19.66
N TYR G 175 -23.22 2.08 19.74
CA TYR G 175 -24.21 2.40 20.77
C TYR G 175 -25.52 1.66 20.53
N PHE G 176 -26.01 1.68 19.28
CA PHE G 176 -27.27 1.01 18.98
C PHE G 176 -27.17 -0.51 19.09
N SER G 177 -25.96 -1.07 19.11
CA SER G 177 -25.81 -2.49 19.31
C SER G 177 -26.26 -2.92 20.70
N ASP G 178 -26.21 -2.01 21.67
CA ASP G 178 -26.60 -2.32 23.04
C ASP G 178 -28.06 -1.99 23.31
N ASN G 179 -28.49 -0.78 22.96
CA ASN G 179 -29.87 -0.34 23.18
C ASN G 179 -30.52 -0.04 21.84
N PRO G 180 -31.22 -1.00 21.24
CA PRO G 180 -31.98 -0.70 20.02
C PRO G 180 -33.08 0.31 20.23
N ASN G 181 -33.51 0.54 21.48
CA ASN G 181 -34.54 1.51 21.81
C ASN G 181 -33.97 2.83 22.28
N LEU G 182 -32.66 3.02 22.20
CA LEU G 182 -32.06 4.29 22.59
C LEU G 182 -32.49 5.39 21.62
N PRO G 183 -32.92 6.56 22.11
CA PRO G 183 -33.31 7.64 21.21
C PRO G 183 -32.11 8.14 20.41
N MET G 184 -32.40 8.64 19.21
CA MET G 184 -31.34 9.05 18.30
C MET G 184 -30.55 10.24 18.84
N ASP G 185 -31.23 11.24 19.39
CA ASP G 185 -30.53 12.43 19.87
C ASP G 185 -29.64 12.11 21.07
N ASN G 186 -30.10 11.22 21.95
CA ASN G 186 -29.26 10.78 23.05
C ASN G 186 -27.95 10.18 22.53
N ALA G 187 -28.06 9.26 21.56
CA ALA G 187 -26.88 8.61 21.02
C ALA G 187 -25.96 9.61 20.33
N LEU G 188 -26.54 10.54 19.56
CA LEU G 188 -25.72 11.54 18.87
C LEU G 188 -24.97 12.42 19.87
N SER G 189 -25.66 12.85 20.93
CA SER G 189 -25.00 13.68 21.93
C SER G 189 -23.88 12.93 22.64
N VAL G 190 -24.11 11.66 23.00
CA VAL G 190 -23.08 10.88 23.66
C VAL G 190 -21.89 10.67 22.73
N ALA G 191 -22.16 10.39 21.45
CA ALA G 191 -21.08 10.19 20.49
C ALA G 191 -20.28 11.46 20.29
N LEU G 192 -20.95 12.62 20.21
CA LEU G 192 -20.24 13.88 20.05
C LEU G 192 -19.37 14.18 21.27
N TRP G 193 -19.90 13.93 22.46
CA TRP G 193 -19.10 14.11 23.67
C TRP G 193 -17.88 13.20 23.67
N THR G 194 -18.07 11.94 23.27
CA THR G 194 -16.97 10.99 23.22
C THR G 194 -15.91 11.42 22.22
N ILE G 195 -16.33 11.86 21.04
CA ILE G 195 -15.38 12.19 19.98
C ILE G 195 -14.59 13.44 20.33
N ASN G 196 -15.26 14.48 20.81
CA ASN G 196 -14.58 15.75 21.03
C ASN G 196 -13.86 15.80 22.36
N HIS G 197 -14.43 15.20 23.41
CA HIS G 197 -13.91 15.36 24.77
C HIS G 197 -13.21 14.14 25.32
N LEU G 198 -13.47 12.95 24.79
CA LEU G 198 -12.91 11.72 25.36
C LEU G 198 -11.87 11.06 24.46
N ASN G 199 -12.18 10.85 23.18
CA ASN G 199 -11.24 10.19 22.29
C ASN G 199 -10.00 11.05 22.08
N VAL G 200 -8.87 10.40 21.82
CA VAL G 200 -7.59 11.06 21.66
C VAL G 200 -7.12 10.86 20.23
N LEU G 201 -6.67 11.93 19.59
CA LEU G 201 -6.15 11.85 18.24
C LEU G 201 -4.91 10.98 18.18
N THR G 202 -4.76 10.25 17.08
CA THR G 202 -3.76 9.18 17.03
C THR G 202 -2.34 9.72 17.02
N HIS G 203 -2.09 10.82 16.30
CA HIS G 203 -0.72 11.25 16.05
C HIS G 203 -0.24 12.37 16.95
N CYS G 204 -1.11 13.33 17.31
CA CYS G 204 -0.70 14.40 18.20
C CYS G 204 -0.96 14.08 19.67
N GLN G 205 -1.65 12.97 19.95
CA GLN G 205 -1.88 12.50 21.32
C GLN G 205 -2.62 13.55 22.16
N LYS G 206 -3.56 14.23 21.55
CA LYS G 206 -4.40 15.21 22.23
C LYS G 206 -5.82 15.09 21.69
N THR G 207 -6.78 15.54 22.50
CA THR G 207 -8.16 15.49 22.05
C THR G 207 -8.47 16.67 21.14
N ARG G 208 -9.60 16.56 20.42
CA ARG G 208 -10.01 17.63 19.52
C ARG G 208 -10.32 18.91 20.28
N TRP G 209 -10.99 18.78 21.43
CA TRP G 209 -11.33 19.96 22.23
C TRP G 209 -10.08 20.64 22.78
N GLN G 210 -9.06 19.87 23.13
CA GLN G 210 -7.82 20.47 23.62
C GLN G 210 -7.16 21.32 22.53
N LEU G 211 -7.16 20.83 21.29
CA LEU G 211 -6.60 21.62 20.20
C LEU G 211 -7.45 22.85 19.89
N HIS G 212 -8.77 22.70 19.97
CA HIS G 212 -9.65 23.80 19.59
C HIS G 212 -9.57 24.98 20.54
N HIS G 213 -9.35 24.73 21.83
CA HIS G 213 -9.27 25.79 22.83
C HIS G 213 -7.85 25.98 23.35
N SER G 214 -6.86 25.49 22.62
CA SER G 214 -5.47 25.73 22.98
C SER G 214 -5.17 27.22 22.89
N PRO G 215 -4.18 27.70 23.63
CA PRO G 215 -3.82 29.13 23.56
C PRO G 215 -3.48 29.52 22.12
N ARG G 216 -4.20 30.53 21.63
CA ARG G 216 -4.02 31.05 20.27
C ARG G 216 -2.82 31.96 20.16
N LEU G 217 -1.92 31.92 21.14
CA LEU G 217 -0.73 32.77 21.12
C LEU G 217 0.10 32.64 19.83
N PRO G 218 0.37 31.45 19.30
CA PRO G 218 1.09 31.38 18.01
C PRO G 218 0.30 32.06 16.92
N PRO G 219 0.88 33.07 16.28
CA PRO G 219 0.17 33.80 15.21
C PRO G 219 0.10 32.98 13.94
N ILE G 220 -0.61 33.52 12.97
CA ILE G 220 -0.77 32.86 11.67
C ILE G 220 0.54 32.95 10.90
N PRO G 221 1.11 31.84 10.44
CA PRO G 221 2.25 31.93 9.53
C PRO G 221 1.86 32.56 8.21
N GLU G 222 2.83 33.19 7.57
CA GLU G 222 2.60 33.87 6.31
C GLU G 222 2.37 32.86 5.18
N GLU G 223 1.70 33.32 4.14
CA GLU G 223 1.38 32.50 2.97
C GLU G 223 2.06 33.07 1.73
N LYS G 224 2.11 32.26 0.68
CA LYS G 224 2.70 32.66 -0.59
C LYS G 224 1.82 32.19 -1.74
N PRO G 225 1.32 33.12 -2.57
CA PRO G 225 0.47 32.72 -3.72
C PRO G 225 1.24 32.40 -4.99
N VAL G 226 2.56 32.27 -4.94
CA VAL G 226 3.36 32.03 -6.12
C VAL G 226 3.23 30.56 -6.52
N THR G 227 2.92 30.31 -7.78
CA THR G 227 2.80 28.97 -8.33
C THR G 227 3.80 28.77 -9.46
N THR G 228 3.87 27.55 -9.97
CA THR G 228 4.76 27.24 -11.07
C THR G 228 4.32 27.98 -12.33
N SER G 229 5.28 28.57 -13.04
CA SER G 229 4.99 29.37 -14.21
C SER G 229 5.02 28.57 -15.51
N LYS G 230 5.27 27.27 -15.44
CA LYS G 230 5.35 26.43 -16.62
C LYS G 230 4.16 25.47 -16.67
N THR G 231 3.85 25.02 -17.88
CA THR G 231 2.75 24.08 -18.11
C THR G 231 3.22 23.00 -19.08
N HIS G 232 2.57 21.84 -19.01
CA HIS G 232 2.93 20.67 -19.79
C HIS G 232 1.71 20.13 -20.51
N TRP G 233 1.94 19.03 -21.24
CA TRP G 233 0.89 18.28 -21.91
C TRP G 233 0.48 17.11 -21.04
N TYR G 234 -0.80 16.73 -21.14
CA TYR G 234 -1.36 15.72 -20.24
C TYR G 234 -2.36 14.84 -20.96
N TYR G 235 -2.23 13.52 -20.78
CA TYR G 235 -3.37 12.64 -20.96
C TYR G 235 -4.27 12.76 -19.73
N PHE G 236 -5.56 12.54 -19.92
CA PHE G 236 -6.49 12.79 -18.83
C PHE G 236 -7.70 11.88 -18.93
N LYS G 237 -8.39 11.75 -17.80
CA LYS G 237 -9.69 11.12 -17.70
C LYS G 237 -10.63 12.07 -16.97
N ILE G 238 -11.90 12.07 -17.39
CA ILE G 238 -12.88 12.96 -16.78
C ILE G 238 -13.36 12.36 -15.46
N PRO G 239 -13.32 13.10 -14.36
CA PRO G 239 -13.71 12.50 -13.07
C PRO G 239 -15.13 11.95 -13.05
N GLY G 240 -16.07 12.62 -13.72
CA GLY G 240 -17.46 12.19 -13.67
C GLY G 240 -17.67 10.81 -14.25
N LEU G 241 -17.11 10.58 -15.44
CA LEU G 241 -17.30 9.32 -16.17
C LEU G 241 -15.97 8.60 -16.25
N ASN G 242 -15.93 7.37 -15.76
CA ASN G 242 -14.72 6.57 -15.87
C ASN G 242 -14.55 6.05 -17.30
N SER G 243 -13.30 5.99 -17.74
CA SER G 243 -12.98 5.53 -19.08
C SER G 243 -11.84 4.53 -19.01
N ARG G 244 -11.87 3.57 -19.93
CA ARG G 244 -10.83 2.55 -19.98
C ARG G 244 -9.49 3.16 -20.37
N GLN G 245 -9.47 4.00 -21.40
CA GLN G 245 -8.24 4.55 -21.94
C GLN G 245 -8.22 6.07 -21.76
N TRP G 246 -7.00 6.61 -21.76
CA TRP G 246 -6.82 8.04 -21.56
C TRP G 246 -7.34 8.82 -22.76
N LYS G 247 -7.45 10.14 -22.57
CA LYS G 247 -7.83 11.08 -23.62
C LYS G 247 -6.73 12.11 -23.76
N GLY G 248 -6.62 12.67 -24.97
CA GLY G 248 -5.62 13.69 -25.23
C GLY G 248 -4.54 13.21 -26.16
N PRO G 249 -3.31 13.72 -25.98
CA PRO G 249 -2.93 14.71 -24.96
C PRO G 249 -3.29 16.16 -25.31
N GLN G 250 -3.29 17.02 -24.31
CA GLN G 250 -3.62 18.43 -24.47
C GLN G 250 -2.75 19.24 -23.53
N ARG G 251 -2.62 20.53 -23.81
CA ARG G 251 -1.76 21.40 -23.02
C ARG G 251 -2.56 22.05 -21.89
N ALA G 252 -1.91 22.20 -20.74
CA ALA G 252 -2.55 22.78 -19.57
C ALA G 252 -2.47 24.29 -19.61
N LEU G 253 -3.62 24.94 -19.42
CA LEU G 253 -3.64 26.41 -19.37
C LEU G 253 -2.82 26.92 -18.18
N GLN G 254 -3.02 26.33 -17.01
CA GLN G 254 -2.21 26.60 -15.83
C GLN G 254 -2.43 25.47 -14.85
N GLU G 255 -1.40 25.18 -14.05
CA GLU G 255 -1.44 24.07 -13.13
C GLU G 255 -1.16 24.56 -11.72
N ALA G 256 -2.11 24.31 -10.81
CA ALA G 256 -1.95 24.62 -9.40
C ALA G 256 -1.37 23.42 -8.66
N ALA G 257 -1.23 23.55 -7.35
CA ALA G 257 -0.72 22.47 -6.53
C ALA G 257 -1.87 21.51 -6.23
N GLY G 258 -2.02 20.48 -7.05
CA GLY G 258 -3.05 19.47 -6.85
C GLY G 258 -4.00 19.26 -8.00
N ALA G 259 -4.03 20.14 -8.99
CA ALA G 259 -4.93 19.98 -10.13
C ALA G 259 -4.40 20.85 -11.28
N ALA G 260 -5.10 20.79 -12.41
CA ALA G 260 -4.75 21.61 -13.57
C ALA G 260 -5.97 21.90 -14.42
N LEU G 261 -5.87 22.97 -15.22
CA LEU G 261 -6.84 23.28 -16.25
C LEU G 261 -6.48 22.53 -17.52
N ILE G 262 -7.36 21.65 -17.95
CA ILE G 262 -7.24 20.92 -19.20
C ILE G 262 -8.41 21.35 -20.09
N PRO G 263 -8.16 21.81 -21.31
CA PRO G 263 -9.26 22.08 -22.22
C PRO G 263 -9.88 20.78 -22.72
N VAL G 264 -11.04 20.42 -22.17
CA VAL G 264 -11.66 19.14 -22.52
C VAL G 264 -12.18 19.19 -23.95
N SER G 265 -12.85 20.27 -24.32
CA SER G 265 -13.37 20.47 -25.66
C SER G 265 -12.77 21.73 -26.25
N ASP G 266 -13.28 22.13 -27.42
CA ASP G 266 -12.78 23.32 -28.08
C ASP G 266 -13.32 24.60 -27.46
N THR G 267 -14.29 24.51 -26.56
CA THR G 267 -14.95 25.68 -26.00
C THR G 267 -14.81 25.81 -24.49
N ALA G 268 -14.82 24.71 -23.76
CA ALA G 268 -14.82 24.74 -22.30
C ALA G 268 -13.62 23.99 -21.75
N ALA G 269 -12.95 24.58 -20.77
CA ALA G 269 -11.87 23.95 -20.02
C ALA G 269 -12.42 23.43 -18.69
N GLN G 270 -11.59 22.68 -17.98
CA GLN G 270 -12.06 22.02 -16.77
C GLN G 270 -10.87 21.77 -15.84
N TRP G 271 -11.18 21.58 -14.56
CA TRP G 271 -10.16 21.30 -13.55
C TRP G 271 -10.10 19.80 -13.31
N ILE G 272 -8.91 19.23 -13.42
CA ILE G 272 -8.72 17.80 -13.21
C ILE G 272 -7.63 17.60 -12.16
N PRO G 273 -7.88 16.75 -11.15
CA PRO G 273 -6.85 16.48 -10.14
C PRO G 273 -5.71 15.64 -10.71
N TRP G 274 -4.60 15.65 -9.97
CA TRP G 274 -3.40 14.94 -10.41
C TRP G 274 -3.59 13.43 -10.47
N LYS G 275 -4.63 12.89 -9.81
CA LYS G 275 -4.86 11.45 -9.82
C LYS G 275 -5.47 10.96 -11.13
N LEU G 276 -5.96 11.86 -11.97
CA LEU G 276 -6.55 11.50 -13.24
C LEU G 276 -5.78 12.10 -14.41
N LEU G 277 -4.49 12.39 -14.20
CA LEU G 277 -3.63 12.96 -15.22
C LEU G 277 -2.43 12.04 -15.43
N LYS G 278 -1.91 12.05 -16.66
CA LYS G 278 -0.76 11.25 -17.03
C LYS G 278 0.19 12.11 -17.85
N ARG G 279 1.48 12.05 -17.53
CA ARG G 279 2.46 12.87 -18.22
C ARG G 279 2.59 12.44 -19.68
N ALA G 280 2.65 13.43 -20.56
CA ALA G 280 2.79 13.23 -21.99
C ALA G 280 4.13 13.79 -22.45
N VAL G 281 4.35 13.75 -23.76
CA VAL G 281 5.55 14.29 -24.38
C VAL G 281 5.15 15.38 -25.36
N CYS G 282 6.03 16.36 -25.52
CA CYS G 282 5.72 17.51 -26.35
C CYS G 282 5.68 17.10 -27.82
N PRO G 283 4.57 17.37 -28.53
CA PRO G 283 4.50 16.99 -29.95
C PRO G 283 5.53 17.69 -30.82
N ARG G 284 6.02 18.85 -30.42
CA ARG G 284 7.03 19.56 -31.21
C ARG G 284 8.41 19.39 -30.59
N LEU H 344 12.72 50.67 9.35
CA LEU H 344 13.94 49.97 9.02
C LEU H 344 13.70 48.93 7.93
N LEU H 345 13.92 47.65 8.27
CA LEU H 345 13.73 46.56 7.32
C LEU H 345 13.18 45.35 8.06
N HIS H 346 12.53 44.48 7.30
CA HIS H 346 11.99 43.25 7.88
C HIS H 346 13.11 42.33 8.33
N ILE H 347 12.91 41.68 9.49
CA ILE H 347 13.95 40.85 10.07
C ILE H 347 14.19 39.59 9.23
N ARG H 348 13.16 39.10 8.54
CA ARG H 348 13.31 37.87 7.78
C ARG H 348 13.86 38.09 6.38
N ASP H 349 14.14 39.33 5.99
CA ASP H 349 14.65 39.64 4.66
C ASP H 349 16.12 40.04 4.67
N VAL H 350 16.88 39.59 5.67
CA VAL H 350 18.30 39.93 5.77
C VAL H 350 19.08 38.64 5.98
N PRO H 351 20.37 38.63 5.63
CA PRO H 351 21.17 37.44 5.83
C PRO H 351 21.24 37.07 7.31
N PRO H 352 21.34 35.78 7.62
CA PRO H 352 21.38 35.37 9.03
C PRO H 352 22.61 35.87 9.78
N ALA H 353 23.66 36.29 9.07
CA ALA H 353 24.87 36.74 9.75
C ALA H 353 24.61 37.96 10.62
N ASP H 354 23.83 38.91 10.12
CA ASP H 354 23.50 40.13 10.86
C ASP H 354 22.03 40.21 11.23
N GLN H 355 21.30 39.08 11.15
CA GLN H 355 19.88 39.09 11.51
C GLN H 355 19.70 39.36 12.99
N GLU H 356 20.56 38.80 13.84
CA GLU H 356 20.46 39.05 15.27
C GLU H 356 20.69 40.52 15.59
N LYS H 357 21.60 41.17 14.86
CA LYS H 357 21.82 42.60 15.05
C LYS H 357 20.55 43.40 14.75
N LEU H 358 19.85 43.06 13.67
CA LEU H 358 18.62 43.77 13.34
C LEU H 358 17.54 43.48 14.37
N PHE H 359 17.52 42.26 14.90
CA PHE H 359 16.59 41.93 15.98
C PHE H 359 16.85 42.79 17.21
N ILE H 360 18.12 42.97 17.57
CA ILE H 360 18.47 43.83 18.70
C ILE H 360 18.07 45.27 18.42
N GLN H 361 18.28 45.73 17.18
CA GLN H 361 17.90 47.10 16.84
C GLN H 361 16.40 47.32 16.97
N LYS H 362 15.60 46.36 16.51
CA LYS H 362 14.15 46.49 16.69
C LYS H 362 13.75 46.37 18.15
N LEU H 363 14.48 45.56 18.93
CA LEU H 363 14.21 45.48 20.35
C LEU H 363 14.43 46.82 21.04
N ARG H 364 15.53 47.50 20.70
CA ARG H 364 15.78 48.83 21.23
C ARG H 364 14.84 49.87 20.64
N GLN H 365 14.21 49.58 19.50
CA GLN H 365 13.27 50.50 18.90
C GLN H 365 11.96 50.57 19.67
N CYS H 366 11.68 49.59 20.51
CA CYS H 366 10.49 49.60 21.36
C CYS H 366 10.75 50.21 22.73
N CYS H 367 11.97 50.69 22.98
CA CYS H 367 12.28 51.35 24.23
C CYS H 367 11.69 52.75 24.34
N VAL H 368 11.28 53.33 23.21
CA VAL H 368 10.67 54.66 23.22
C VAL H 368 9.24 54.54 23.75
N LEU H 369 8.89 55.45 24.67
CA LEU H 369 7.57 55.44 25.28
C LEU H 369 6.59 56.28 24.48
N PHE H 370 5.31 55.99 24.65
CA PHE H 370 4.24 56.76 24.03
C PHE H 370 3.12 56.94 25.04
N ASP H 371 2.61 58.16 25.15
CA ASP H 371 1.58 58.50 26.13
C ASP H 371 0.22 58.51 25.43
N PHE H 372 -0.68 57.64 25.90
CA PHE H 372 -2.03 57.59 25.38
C PHE H 372 -3.01 58.40 26.22
N VAL H 373 -2.70 58.63 27.50
CA VAL H 373 -3.62 59.34 28.37
C VAL H 373 -3.43 60.85 28.26
N SER H 374 -2.25 61.31 27.84
CA SER H 374 -2.01 62.74 27.73
C SER H 374 -2.92 63.38 26.69
N ASP H 375 -3.07 62.74 25.53
CA ASP H 375 -3.96 63.22 24.49
C ASP H 375 -4.21 62.09 23.52
N PRO H 376 -5.44 61.91 23.03
CA PRO H 376 -5.74 60.76 22.17
C PRO H 376 -4.96 60.75 20.86
N LEU H 377 -4.66 61.91 20.29
CA LEU H 377 -4.01 61.99 18.98
C LEU H 377 -2.63 62.61 19.15
N SER H 378 -1.58 61.79 19.07
CA SER H 378 -0.21 62.27 19.14
C SER H 378 0.70 61.19 18.60
N ASP H 379 1.47 61.53 17.55
CA ASP H 379 2.43 60.61 16.94
C ASP H 379 1.75 59.30 16.51
N LEU H 380 0.72 59.46 15.66
CA LEU H 380 -0.06 58.30 15.23
C LEU H 380 0.79 57.29 14.47
N LYS H 381 1.62 57.77 13.54
CA LYS H 381 2.42 56.85 12.74
C LYS H 381 3.50 56.17 13.57
N TRP H 382 4.05 56.87 14.56
CA TRP H 382 5.02 56.23 15.45
C TRP H 382 4.39 55.08 16.21
N LYS H 383 3.18 55.28 16.74
CA LYS H 383 2.48 54.19 17.42
C LYS H 383 2.16 53.04 16.47
N GLU H 384 1.76 53.38 15.24
CA GLU H 384 1.44 52.33 14.28
C GLU H 384 2.66 51.49 13.92
N VAL H 385 3.81 52.13 13.71
CA VAL H 385 5.01 51.36 13.38
C VAL H 385 5.50 50.58 14.59
N LYS H 386 5.29 51.10 15.81
CA LYS H 386 5.63 50.33 17.00
C LYS H 386 4.77 49.07 17.10
N ARG H 387 3.47 49.20 16.81
CA ARG H 387 2.59 48.03 16.83
C ARG H 387 3.01 47.02 15.78
N ALA H 388 3.35 47.49 14.57
CA ALA H 388 3.80 46.59 13.52
C ALA H 388 5.09 45.89 13.92
N ALA H 389 6.02 46.63 14.52
CA ALA H 389 7.29 46.03 14.93
C ALA H 389 7.07 44.97 16.00
N LEU H 390 6.22 45.24 16.98
CA LEU H 390 5.94 44.25 18.02
C LEU H 390 5.32 42.99 17.43
N SER H 391 4.33 43.16 16.54
CA SER H 391 3.69 42.01 15.92
C SER H 391 4.69 41.20 15.10
N GLU H 392 5.53 41.87 14.32
CA GLU H 392 6.50 41.17 13.50
C GLU H 392 7.52 40.41 14.35
N MET H 393 8.01 41.04 15.42
CA MET H 393 8.99 40.37 16.27
C MET H 393 8.40 39.15 16.94
N VAL H 394 7.16 39.24 17.44
CA VAL H 394 6.58 38.08 18.11
C VAL H 394 6.24 36.99 17.11
N GLU H 395 5.86 37.36 15.89
CA GLU H 395 5.65 36.35 14.86
C GLU H 395 6.96 35.68 14.47
N TYR H 396 8.07 36.43 14.55
CA TYR H 396 9.38 35.86 14.22
C TYR H 396 9.86 34.90 15.29
N ILE H 397 9.66 35.26 16.57
CA ILE H 397 10.30 34.53 17.65
C ILE H 397 9.72 33.12 17.80
N THR H 398 8.46 32.92 17.45
CA THR H 398 7.77 31.66 17.69
C THR H 398 7.78 30.74 16.48
N HIS H 399 8.55 31.07 15.44
CA HIS H 399 8.66 30.23 14.26
C HIS H 399 10.09 29.90 13.89
N ASN H 400 11.05 30.20 14.77
CA ASN H 400 12.46 29.92 14.52
C ASN H 400 13.08 29.32 15.77
N ARG H 401 14.11 28.52 15.57
CA ARG H 401 14.84 27.90 16.66
C ARG H 401 16.31 28.31 16.59
N ASN H 402 16.97 28.22 17.75
CA ASN H 402 18.37 28.62 17.91
C ASN H 402 18.58 30.09 17.53
N VAL H 403 17.60 30.93 17.88
CA VAL H 403 17.75 32.37 17.74
C VAL H 403 18.06 33.03 19.09
N ILE H 404 17.86 32.34 20.19
CA ILE H 404 18.13 32.89 21.52
C ILE H 404 19.60 32.67 21.85
N THR H 405 20.32 33.75 22.13
CA THR H 405 21.73 33.69 22.45
C THR H 405 22.01 34.70 23.56
N GLU H 406 23.15 34.55 24.21
CA GLU H 406 23.48 35.39 25.37
C GLU H 406 23.32 36.89 25.12
N PRO H 407 23.84 37.48 24.04
CA PRO H 407 23.67 38.92 23.84
C PRO H 407 22.24 39.38 23.61
N ILE H 408 21.27 38.47 23.66
CA ILE H 408 19.86 38.84 23.51
C ILE H 408 19.18 38.76 24.87
N TYR H 409 19.75 37.98 25.79
CA TYR H 409 19.07 37.73 27.07
C TYR H 409 18.80 38.99 27.88
N PRO H 410 19.78 39.86 28.18
CA PRO H 410 19.51 40.94 29.14
C PRO H 410 18.52 42.01 28.66
N GLU H 411 18.78 42.64 27.52
CA GLU H 411 18.04 43.85 27.18
C GLU H 411 16.58 43.55 26.85
N VAL H 412 16.24 42.31 26.49
CA VAL H 412 14.83 41.95 26.34
C VAL H 412 14.09 42.25 27.64
N VAL H 413 14.63 41.77 28.76
CA VAL H 413 14.07 42.11 30.06
C VAL H 413 14.03 43.62 30.23
N HIS H 414 15.12 44.29 29.80
CA HIS H 414 15.16 45.75 29.87
C HIS H 414 13.96 46.36 29.17
N MET H 415 13.66 45.87 27.96
CA MET H 415 12.50 46.40 27.23
C MET H 415 11.23 46.21 28.05
N PHE H 416 11.05 45.03 28.64
CA PHE H 416 9.93 44.79 29.53
C PHE H 416 9.93 45.81 30.66
N ALA H 417 11.08 45.98 31.31
CA ALA H 417 11.20 46.95 32.39
C ALA H 417 10.92 48.37 31.91
N VAL H 418 11.25 48.67 30.65
CA VAL H 418 10.97 50.00 30.12
C VAL H 418 9.47 50.21 29.91
N ASN H 419 8.73 49.15 29.59
CA ASN H 419 7.33 49.29 29.19
C ASN H 419 6.36 49.14 30.36
N MET H 420 6.71 48.37 31.39
CA MET H 420 5.75 47.99 32.41
C MET H 420 6.07 48.57 33.78
N PHE H 421 7.32 48.49 34.22
CA PHE H 421 7.69 48.96 35.55
C PHE H 421 7.55 50.47 35.57
N ARG H 422 6.47 50.94 36.18
CA ARG H 422 6.12 52.36 36.13
C ARG H 422 5.20 52.68 37.30
N THR H 423 4.95 53.98 37.48
CA THR H 423 4.00 54.41 38.50
C THR H 423 2.59 54.01 38.12
N LEU H 424 1.80 53.63 39.13
CA LEU H 424 0.44 53.17 38.89
C LEU H 424 -0.48 54.36 38.61
N PRO H 425 -1.51 54.17 37.79
CA PRO H 425 -2.48 55.23 37.59
C PRO H 425 -3.24 55.52 38.88
N PRO H 426 -3.71 56.74 39.05
CA PRO H 426 -4.45 57.08 40.28
C PRO H 426 -5.70 56.23 40.43
N SER H 427 -5.99 55.85 41.67
CA SER H 427 -7.15 55.00 41.94
C SER H 427 -8.45 55.76 41.70
N SER H 428 -9.45 55.03 41.22
CA SER H 428 -10.76 55.61 40.96
C SER H 428 -11.91 54.78 41.53
N ASN H 429 -11.62 53.65 42.15
CA ASN H 429 -12.65 52.77 42.74
C ASN H 429 -13.71 52.37 41.72
N GLU H 441 -18.54 49.76 36.05
CA GLU H 441 -17.52 48.99 35.34
C GLU H 441 -16.14 49.63 35.50
N PRO H 442 -15.12 48.80 35.66
CA PRO H 442 -13.76 49.32 35.79
C PRO H 442 -13.24 49.91 34.48
N THR H 443 -12.39 50.91 34.61
CA THR H 443 -11.80 51.55 33.44
C THR H 443 -10.68 50.69 32.88
N LEU H 444 -10.40 50.90 31.59
CA LEU H 444 -9.35 50.19 30.88
C LEU H 444 -8.24 51.16 30.49
N GLU H 445 -6.99 50.68 30.56
CA GLU H 445 -5.86 51.54 30.26
C GLU H 445 -5.86 51.94 28.78
N ALA H 446 -5.57 53.22 28.53
CA ALA H 446 -5.59 53.74 27.17
C ALA H 446 -4.40 53.23 26.34
N ALA H 447 -3.35 52.74 27.00
CA ALA H 447 -2.19 52.18 26.32
C ALA H 447 -2.30 50.67 26.15
N TRP H 448 -3.50 50.12 26.26
CA TRP H 448 -3.65 48.67 26.20
C TRP H 448 -3.18 48.01 24.90
N PRO H 449 -3.27 48.63 23.70
CA PRO H 449 -2.75 47.94 22.50
C PRO H 449 -1.30 47.51 22.63
N HIS H 450 -0.40 48.48 22.87
CA HIS H 450 1.01 48.13 23.01
C HIS H 450 1.25 47.27 24.24
N LEU H 451 0.45 47.45 25.29
CA LEU H 451 0.57 46.63 26.49
C LEU H 451 0.28 45.17 26.17
N GLN H 452 -0.76 44.90 25.39
CA GLN H 452 -1.09 43.53 25.03
C GLN H 452 -0.03 42.93 24.13
N LEU H 453 0.48 43.72 23.18
CA LEU H 453 1.54 43.20 22.31
C LEU H 453 2.78 42.83 23.12
N VAL H 454 3.20 43.69 24.05
CA VAL H 454 4.42 43.40 24.81
C VAL H 454 4.18 42.24 25.77
N TYR H 455 2.98 42.16 26.36
CA TYR H 455 2.66 41.01 27.21
C TYR H 455 2.75 39.71 26.43
N GLU H 456 2.11 39.65 25.26
CA GLU H 456 2.10 38.41 24.50
C GLU H 456 3.49 38.07 23.99
N PHE H 457 4.28 39.09 23.63
CA PHE H 457 5.66 38.87 23.23
C PHE H 457 6.49 38.26 24.36
N PHE H 458 6.39 38.85 25.56
CA PHE H 458 7.14 38.33 26.70
C PHE H 458 6.69 36.93 27.06
N LEU H 459 5.38 36.67 27.00
CA LEU H 459 4.87 35.35 27.34
C LEU H 459 5.39 34.28 26.39
N ARG H 460 5.37 34.56 25.08
CA ARG H 460 5.91 33.60 24.13
C ARG H 460 7.42 33.47 24.25
N PHE H 461 8.11 34.57 24.57
CA PHE H 461 9.55 34.51 24.77
C PHE H 461 9.91 33.58 25.93
N LEU H 462 9.16 33.68 27.03
CA LEU H 462 9.42 32.85 28.20
C LEU H 462 9.10 31.38 27.96
N GLU H 463 8.31 31.07 26.95
CA GLU H 463 7.93 29.69 26.64
C GLU H 463 8.70 29.12 25.46
N SER H 464 9.73 29.81 24.97
CA SER H 464 10.50 29.31 23.84
C SER H 464 11.27 28.07 24.24
N PRO H 465 11.24 26.99 23.45
CA PRO H 465 11.97 25.78 23.82
C PRO H 465 13.48 25.98 23.91
N ASP H 466 14.03 26.99 23.26
CA ASP H 466 15.45 27.28 23.33
C ASP H 466 15.82 28.14 24.53
N PHE H 467 14.84 28.56 25.34
CA PHE H 467 15.12 29.34 26.53
C PHE H 467 15.87 28.50 27.55
N GLN H 468 16.95 29.06 28.09
CA GLN H 468 17.74 28.35 29.10
C GLN H 468 17.51 28.98 30.47
N PRO H 469 17.09 28.20 31.46
CA PRO H 469 16.82 28.78 32.79
C PRO H 469 18.08 29.16 33.56
N ASN H 470 19.25 28.73 33.12
CA ASN H 470 20.50 29.02 33.82
C ASN H 470 21.17 30.30 33.33
N ILE H 471 20.57 31.00 32.36
CA ILE H 471 21.11 32.26 31.88
C ILE H 471 20.40 33.47 32.48
N ALA H 472 19.14 33.32 32.89
CA ALA H 472 18.39 34.40 33.50
C ALA H 472 18.71 34.57 34.98
N LYS H 473 19.51 33.69 35.57
CA LYS H 473 19.89 33.82 36.97
C LYS H 473 20.78 35.03 37.23
N LYS H 474 21.39 35.61 36.19
CA LYS H 474 22.20 36.80 36.33
C LYS H 474 21.52 38.04 35.76
N TYR H 475 20.32 37.89 35.19
CA TYR H 475 19.60 39.02 34.60
C TYR H 475 18.22 39.24 35.21
N ILE H 476 17.60 38.20 35.76
CA ILE H 476 16.32 38.33 36.46
C ILE H 476 16.59 38.02 37.92
N ASP H 477 16.38 39.01 38.79
CA ASP H 477 16.65 38.86 40.20
C ASP H 477 15.47 39.34 41.04
N GLN H 478 15.67 39.47 42.36
CA GLN H 478 14.57 39.79 43.25
C GLN H 478 13.97 41.17 42.98
N LYS H 479 14.78 42.11 42.49
CA LYS H 479 14.23 43.43 42.16
C LYS H 479 13.23 43.34 41.02
N PHE H 480 13.52 42.51 40.01
CA PHE H 480 12.55 42.26 38.95
C PHE H 480 11.30 41.62 39.51
N VAL H 481 11.46 40.70 40.46
CA VAL H 481 10.31 40.04 41.07
C VAL H 481 9.42 41.05 41.78
N LEU H 482 10.04 41.95 42.55
CA LEU H 482 9.27 42.98 43.25
C LEU H 482 8.56 43.91 42.27
N GLN H 483 9.26 44.36 41.24
CA GLN H 483 8.65 45.27 40.28
C GLN H 483 7.53 44.59 39.51
N LEU H 484 7.62 43.27 39.30
CA LEU H 484 6.54 42.56 38.64
C LEU H 484 5.36 42.36 39.58
N LEU H 485 5.62 42.02 40.84
CA LEU H 485 4.53 41.74 41.78
C LEU H 485 3.77 43.01 42.14
N GLU H 486 4.46 44.14 42.27
CA GLU H 486 3.79 45.40 42.57
C GLU H 486 2.80 45.80 41.48
N LEU H 487 2.93 45.25 40.27
CA LEU H 487 2.00 45.52 39.20
C LEU H 487 0.66 44.82 39.39
N PHE H 488 0.58 43.85 40.30
CA PHE H 488 -0.67 43.14 40.55
C PHE H 488 -1.75 44.03 41.16
N ASP H 489 -1.39 45.21 41.66
CA ASP H 489 -2.38 46.14 42.20
C ASP H 489 -3.20 46.81 41.09
N SER H 490 -2.83 46.61 39.83
CA SER H 490 -3.51 47.29 38.74
C SER H 490 -4.98 46.92 38.69
N GLU H 491 -5.81 47.92 38.41
CA GLU H 491 -7.25 47.71 38.29
C GLU H 491 -7.65 47.11 36.94
N ASP H 492 -6.71 46.97 36.01
CA ASP H 492 -7.00 46.41 34.69
C ASP H 492 -7.00 44.89 34.78
N PRO H 493 -8.15 44.25 34.57
CA PRO H 493 -8.20 42.78 34.68
C PRO H 493 -7.32 42.07 33.65
N ARG H 494 -7.14 42.64 32.46
CA ARG H 494 -6.24 42.04 31.48
C ARG H 494 -4.82 41.97 32.01
N GLU H 495 -4.35 43.05 32.63
CA GLU H 495 -3.00 43.05 33.18
C GLU H 495 -2.85 42.00 34.27
N ARG H 496 -3.88 41.85 35.12
CA ARG H 496 -3.80 40.87 36.19
C ARG H 496 -3.80 39.44 35.64
N ASP H 497 -4.60 39.18 34.60
CA ASP H 497 -4.60 37.85 33.99
C ASP H 497 -3.24 37.53 33.36
N PHE H 498 -2.67 38.49 32.63
CA PHE H 498 -1.36 38.28 32.04
C PHE H 498 -0.28 38.14 33.11
N LEU H 499 -0.38 38.92 34.19
CA LEU H 499 0.59 38.80 35.27
C LEU H 499 0.50 37.44 35.95
N LYS H 500 -0.71 36.92 36.10
CA LYS H 500 -0.88 35.57 36.65
C LYS H 500 -0.17 34.55 35.77
N THR H 501 -0.45 34.57 34.46
CA THR H 501 0.14 33.58 33.57
C THR H 501 1.64 33.81 33.38
N THR H 502 2.16 34.98 33.72
CA THR H 502 3.60 35.21 33.65
C THR H 502 4.30 34.76 34.93
N LEU H 503 3.76 35.15 36.08
CA LEU H 503 4.35 34.77 37.36
C LEU H 503 4.34 33.26 37.54
N HIS H 504 3.30 32.59 37.06
CA HIS H 504 3.25 31.13 37.19
C HIS H 504 4.42 30.48 36.48
N ARG H 505 4.70 30.89 35.24
CA ARG H 505 5.80 30.29 34.50
C ARG H 505 7.15 30.67 35.10
N ILE H 506 7.28 31.91 35.58
CA ILE H 506 8.55 32.31 36.21
C ILE H 506 8.80 31.48 37.46
N TYR H 507 7.78 31.27 38.28
CA TYR H 507 7.93 30.44 39.46
C TYR H 507 8.25 29.00 39.10
N GLY H 508 7.59 28.48 38.06
CA GLY H 508 7.83 27.09 37.67
C GLY H 508 9.22 26.85 37.13
N LYS H 509 9.71 27.74 36.27
CA LYS H 509 11.00 27.53 35.63
C LYS H 509 12.15 27.68 36.63
N PHE H 510 12.12 28.74 37.43
CA PHE H 510 13.23 29.03 38.34
C PHE H 510 13.07 28.24 39.64
N LEU H 511 14.21 27.94 40.26
CA LEU H 511 14.23 27.18 41.51
C LEU H 511 14.76 27.98 42.69
N GLY H 512 15.65 28.94 42.45
CA GLY H 512 16.22 29.74 43.52
C GLY H 512 15.43 30.96 43.93
N LEU H 513 14.24 31.17 43.35
CA LEU H 513 13.43 32.35 43.64
C LEU H 513 12.04 31.99 44.12
N ARG H 514 11.86 30.79 44.69
CA ARG H 514 10.53 30.34 45.09
C ARG H 514 10.18 30.79 46.51
N ALA H 515 11.06 30.53 47.47
CA ALA H 515 10.81 30.95 48.85
C ALA H 515 10.71 32.47 48.94
N TYR H 516 11.44 33.20 48.11
CA TYR H 516 11.36 34.65 48.11
C TYR H 516 9.97 35.11 47.69
N ILE H 517 9.40 34.51 46.64
CA ILE H 517 8.05 34.86 46.23
C ILE H 517 7.04 34.48 47.30
N ARG H 518 7.24 33.34 47.95
CA ARG H 518 6.32 32.93 49.02
C ARG H 518 6.34 33.93 50.17
N LYS H 519 7.53 34.36 50.59
CA LYS H 519 7.61 35.36 51.66
C LYS H 519 7.01 36.68 51.22
N GLN H 520 7.24 37.07 49.97
CA GLN H 520 6.69 38.33 49.47
C GLN H 520 5.18 38.30 49.45
N ILE H 521 4.58 37.19 49.03
CA ILE H 521 3.13 37.10 49.00
C ILE H 521 2.56 37.02 50.41
N ASN H 522 3.30 36.42 51.36
CA ASN H 522 2.88 36.48 52.75
C ASN H 522 2.87 37.92 53.26
N ASN H 523 3.91 38.70 52.90
CA ASN H 523 3.97 40.09 53.32
C ASN H 523 2.83 40.90 52.71
N ILE H 524 2.52 40.68 51.43
CA ILE H 524 1.44 41.43 50.81
C ILE H 524 0.10 41.02 51.40
N PHE H 525 -0.07 39.75 51.78
CA PHE H 525 -1.29 39.33 52.46
C PHE H 525 -1.42 40.04 53.82
N TYR H 526 -0.32 40.12 54.57
CA TYR H 526 -0.36 40.82 55.85
C TYR H 526 -0.74 42.28 55.66
N ARG H 527 -0.11 42.96 54.70
CA ARG H 527 -0.40 44.37 54.48
C ARG H 527 -1.84 44.58 54.01
N PHE H 528 -2.33 43.69 53.15
CA PHE H 528 -3.71 43.80 52.66
C PHE H 528 -4.71 43.57 53.79
N ILE H 529 -4.44 42.62 54.67
CA ILE H 529 -5.43 42.26 55.68
C ILE H 529 -5.39 43.21 56.88
N TYR H 530 -4.25 43.85 57.14
CA TYR H 530 -4.08 44.67 58.33
C TYR H 530 -3.88 46.14 58.00
N GLU H 531 -2.91 46.47 57.14
CA GLU H 531 -2.54 47.86 56.95
C GLU H 531 -3.51 48.58 56.02
N THR H 532 -3.60 48.16 54.77
CA THR H 532 -4.43 48.81 53.77
C THR H 532 -5.37 47.80 53.14
N GLU H 533 -6.66 48.12 53.13
CA GLU H 533 -7.66 47.23 52.54
C GLU H 533 -7.74 47.37 51.03
N HIS H 534 -7.17 48.43 50.45
CA HIS H 534 -7.30 48.70 49.02
C HIS H 534 -6.41 47.73 48.24
N HIS H 535 -7.00 46.68 47.69
CA HIS H 535 -6.30 45.76 46.82
C HIS H 535 -7.32 45.02 45.97
N ASN H 536 -6.96 44.77 44.70
CA ASN H 536 -7.85 44.10 43.78
C ASN H 536 -7.20 42.97 43.00
N GLY H 537 -5.91 42.72 43.19
CA GLY H 537 -5.25 41.60 42.53
C GLY H 537 -5.23 40.36 43.40
N ILE H 538 -6.29 40.17 44.18
CA ILE H 538 -6.33 39.09 45.15
C ILE H 538 -6.89 37.79 44.58
N ALA H 539 -7.71 37.86 43.54
CA ALA H 539 -8.32 36.64 43.00
C ALA H 539 -7.29 35.77 42.29
N GLU H 540 -6.41 36.38 41.48
CA GLU H 540 -5.44 35.61 40.73
C GLU H 540 -4.30 35.10 41.60
N LEU H 541 -3.94 35.84 42.64
CA LEU H 541 -2.87 35.39 43.54
C LEU H 541 -3.24 34.07 44.19
N LEU H 542 -4.49 33.92 44.61
CA LEU H 542 -4.93 32.66 45.21
C LEU H 542 -4.90 31.52 44.19
N GLU H 543 -5.19 31.81 42.92
CA GLU H 543 -5.10 30.78 41.89
C GLU H 543 -3.66 30.31 41.72
N ILE H 544 -2.70 31.24 41.71
CA ILE H 544 -1.29 30.86 41.64
C ILE H 544 -0.92 30.04 42.87
N LEU H 545 -1.39 30.46 44.04
CA LEU H 545 -1.12 29.71 45.27
C LEU H 545 -1.66 28.30 45.18
N GLY H 546 -2.89 28.14 44.69
CA GLY H 546 -3.46 26.80 44.56
C GLY H 546 -2.66 25.94 43.62
N SER H 547 -2.15 26.53 42.53
CA SER H 547 -1.26 25.78 41.64
C SER H 547 -0.02 25.31 42.38
N ILE H 548 0.54 26.15 43.25
CA ILE H 548 1.73 25.74 44.01
C ILE H 548 1.36 24.68 45.05
N ILE H 549 0.21 24.84 45.72
CA ILE H 549 -0.18 23.94 46.79
C ILE H 549 -0.41 22.53 46.25
N ASN H 550 -1.06 22.43 45.08
CA ASN H 550 -1.37 21.12 44.52
C ASN H 550 -0.13 20.29 44.26
N GLY H 551 1.04 20.92 44.10
CA GLY H 551 2.26 20.19 43.84
C GLY H 551 3.04 19.80 45.08
N PHE H 552 2.40 19.85 46.24
CA PHE H 552 3.07 19.48 47.47
C PHE H 552 3.28 17.98 47.57
N ALA H 553 4.14 17.57 48.49
CA ALA H 553 4.46 16.18 48.74
C ALA H 553 4.18 15.84 50.20
N LEU H 554 4.51 14.61 50.58
CA LEU H 554 4.29 14.13 51.94
C LEU H 554 5.61 13.78 52.61
N PRO H 555 5.79 14.12 53.89
CA PRO H 555 4.83 14.88 54.71
C PRO H 555 4.90 16.39 54.46
N LEU H 556 3.84 17.09 54.85
CA LEU H 556 3.79 18.54 54.64
C LEU H 556 4.76 19.26 55.55
N LYS H 557 5.34 20.34 55.03
CA LYS H 557 6.24 21.17 55.82
C LYS H 557 5.44 22.05 56.77
N GLU H 558 6.05 22.33 57.94
CA GLU H 558 5.39 23.14 58.95
C GLU H 558 5.24 24.60 58.52
N GLU H 559 6.06 25.05 57.58
CA GLU H 559 5.91 26.41 57.05
C GLU H 559 4.57 26.59 56.38
N HIS H 560 4.11 25.58 55.63
CA HIS H 560 2.79 25.66 55.01
C HIS H 560 1.69 25.71 56.06
N LYS H 561 1.88 25.01 57.18
CA LYS H 561 0.93 25.11 58.28
C LYS H 561 0.89 26.53 58.83
N ILE H 562 2.05 27.16 58.99
CA ILE H 562 2.07 28.57 59.40
C ILE H 562 1.35 29.43 58.38
N PHE H 563 1.59 29.16 57.09
CA PHE H 563 0.94 29.93 56.03
C PHE H 563 -0.57 29.90 56.17
N LEU H 564 -1.14 28.70 56.28
CA LEU H 564 -2.59 28.58 56.39
C LEU H 564 -3.11 29.16 57.69
N LEU H 565 -2.41 28.92 58.81
CA LEU H 565 -2.91 29.37 60.10
C LEU H 565 -2.66 30.85 60.37
N LYS H 566 -1.90 31.53 59.52
CA LYS H 566 -1.58 32.93 59.75
C LYS H 566 -2.13 33.88 58.68
N VAL H 567 -2.04 33.52 57.40
CA VAL H 567 -2.43 34.42 56.33
C VAL H 567 -3.56 33.88 55.46
N LEU H 568 -3.93 32.60 55.60
CA LEU H 568 -4.94 32.06 54.70
C LEU H 568 -6.32 32.03 55.35
N LEU H 569 -6.45 31.44 56.54
CA LEU H 569 -7.72 31.47 57.26
C LEU H 569 -8.16 32.89 57.62
N PRO H 570 -7.32 33.77 58.16
CA PRO H 570 -7.79 35.12 58.51
C PRO H 570 -8.29 35.91 57.32
N LEU H 571 -7.89 35.54 56.10
CA LEU H 571 -8.36 36.21 54.89
C LEU H 571 -9.89 36.22 54.78
N HIS H 572 -10.58 35.45 55.63
CA HIS H 572 -12.04 35.42 55.60
C HIS H 572 -12.67 36.65 56.23
N LYS H 573 -11.97 37.32 57.16
CA LYS H 573 -12.57 38.43 57.87
C LYS H 573 -12.52 39.74 57.09
N VAL H 574 -12.28 39.69 55.80
CA VAL H 574 -12.25 40.89 54.95
C VAL H 574 -13.64 41.13 54.39
N LYS H 575 -14.05 42.40 54.35
CA LYS H 575 -15.37 42.75 53.83
C LYS H 575 -15.50 42.39 52.36
N SER H 576 -14.40 42.43 51.61
CA SER H 576 -14.43 42.24 50.16
C SER H 576 -14.12 40.80 49.76
N LEU H 577 -14.52 39.82 50.58
CA LEU H 577 -14.32 38.42 50.24
C LEU H 577 -15.20 37.98 49.07
N SER H 578 -16.33 38.65 48.86
CA SER H 578 -17.30 38.21 47.86
C SER H 578 -16.68 38.12 46.47
N VAL H 579 -15.73 38.99 46.15
CA VAL H 579 -15.14 38.98 44.82
C VAL H 579 -14.28 37.73 44.62
N TYR H 580 -13.60 37.28 45.68
CA TYR H 580 -12.64 36.18 45.55
C TYR H 580 -12.95 35.03 46.50
N HIS H 581 -14.23 34.81 46.79
CA HIS H 581 -14.61 33.68 47.65
C HIS H 581 -14.22 32.32 47.08
N PRO H 582 -14.44 31.99 45.78
CA PRO H 582 -14.24 30.60 45.35
C PRO H 582 -12.78 30.19 45.34
N GLN H 583 -11.91 31.03 44.78
CA GLN H 583 -10.50 30.69 44.66
C GLN H 583 -9.90 30.36 46.02
N LEU H 584 -10.12 31.25 46.99
CA LEU H 584 -9.68 30.99 48.36
C LEU H 584 -10.16 29.62 48.84
N ALA H 585 -11.45 29.35 48.66
CA ALA H 585 -12.00 28.06 49.05
C ALA H 585 -11.26 26.92 48.35
N TYR H 586 -11.06 27.06 47.04
CA TYR H 586 -10.33 26.04 46.29
C TYR H 586 -9.00 25.75 46.95
N CYS H 587 -8.30 26.81 47.38
CA CYS H 587 -6.98 26.64 47.96
C CYS H 587 -7.00 25.74 49.18
N VAL H 588 -7.96 25.94 50.09
CA VAL H 588 -7.98 25.12 51.29
C VAL H 588 -8.34 23.68 50.93
N VAL H 589 -9.20 23.49 49.93
CA VAL H 589 -9.51 22.14 49.47
C VAL H 589 -8.27 21.49 48.87
N GLN H 590 -7.37 22.31 48.31
CA GLN H 590 -6.12 21.80 47.78
C GLN H 590 -5.07 21.56 48.86
N PHE H 591 -5.36 21.92 50.11
CA PHE H 591 -4.40 21.74 51.19
C PHE H 591 -4.79 20.57 52.10
N LEU H 592 -6.04 20.53 52.55
CA LEU H 592 -6.48 19.50 53.49
C LEU H 592 -6.58 18.12 52.85
N GLU H 593 -6.63 18.04 51.52
CA GLU H 593 -6.70 16.74 50.87
C GLU H 593 -5.40 15.96 51.04
N LYS H 594 -4.27 16.64 51.21
CA LYS H 594 -3.00 15.95 51.46
C LYS H 594 -3.02 15.22 52.79
N ASP H 595 -3.54 15.87 53.84
CA ASP H 595 -3.59 15.30 55.18
C ASP H 595 -4.90 15.68 55.84
N SER H 596 -5.71 14.67 56.18
CA SER H 596 -6.98 14.91 56.85
C SER H 596 -6.84 15.11 58.35
N THR H 597 -5.67 14.83 58.92
CA THR H 597 -5.45 15.02 60.36
C THR H 597 -5.41 16.49 60.73
N LEU H 598 -4.85 17.34 59.85
CA LEU H 598 -4.65 18.75 60.14
C LEU H 598 -5.83 19.62 59.74
N THR H 599 -7.04 19.05 59.71
CA THR H 599 -8.22 19.80 59.33
C THR H 599 -8.97 20.38 60.54
N GLU H 600 -8.73 19.84 61.73
CA GLU H 600 -9.43 20.35 62.92
C GLU H 600 -9.12 21.81 63.21
N PRO H 601 -7.87 22.30 63.15
CA PRO H 601 -7.67 23.75 63.33
C PRO H 601 -8.40 24.57 62.29
N VAL H 602 -8.53 24.05 61.06
CA VAL H 602 -9.19 24.81 60.00
C VAL H 602 -10.65 25.06 60.37
N VAL H 603 -11.37 24.01 60.76
CA VAL H 603 -12.78 24.18 61.11
C VAL H 603 -12.92 24.96 62.41
N MET H 604 -11.96 24.80 63.33
CA MET H 604 -12.02 25.55 64.58
C MET H 604 -11.93 27.05 64.34
N ALA H 605 -11.00 27.47 63.48
CA ALA H 605 -10.91 28.89 63.14
C ALA H 605 -12.08 29.34 62.27
N LEU H 606 -12.56 28.45 61.39
CA LEU H 606 -13.67 28.79 60.52
C LEU H 606 -14.93 29.08 61.32
N LEU H 607 -15.20 28.30 62.37
CA LEU H 607 -16.34 28.55 63.24
C LEU H 607 -16.21 29.83 64.03
N LYS H 608 -14.99 30.29 64.29
CA LYS H 608 -14.76 31.54 65.02
C LYS H 608 -14.90 32.77 64.15
N TYR H 609 -14.46 32.69 62.88
CA TYR H 609 -14.64 33.81 61.97
C TYR H 609 -16.07 33.97 61.51
N TRP H 610 -16.95 33.04 61.85
CA TRP H 610 -18.36 33.15 61.46
C TRP H 610 -18.97 34.38 62.13
N PRO H 611 -19.59 35.28 61.37
CA PRO H 611 -20.25 36.45 61.98
C PRO H 611 -21.50 36.03 62.73
N LYS H 612 -21.55 36.39 64.03
CA LYS H 612 -22.64 35.96 64.89
C LYS H 612 -23.97 36.61 64.53
N THR H 613 -23.98 37.66 63.73
CA THR H 613 -25.20 38.35 63.34
C THR H 613 -25.65 37.93 61.95
N HIS H 614 -26.93 38.16 61.67
CA HIS H 614 -27.50 37.83 60.37
C HIS H 614 -26.97 38.78 59.31
N SER H 615 -26.53 38.24 58.18
CA SER H 615 -26.01 39.05 57.09
C SER H 615 -26.07 38.22 55.81
N PRO H 616 -26.11 38.87 54.64
CA PRO H 616 -26.08 38.11 53.38
C PRO H 616 -24.79 37.32 53.19
N LYS H 617 -23.70 37.72 53.84
CA LYS H 617 -22.41 37.07 53.68
C LYS H 617 -22.35 35.68 54.32
N GLU H 618 -23.36 35.30 55.10
CA GLU H 618 -23.31 34.01 55.78
C GLU H 618 -23.31 32.85 54.80
N VAL H 619 -24.10 32.95 53.73
CA VAL H 619 -24.33 31.80 52.86
C VAL H 619 -23.03 31.26 52.29
N MET H 620 -22.11 32.16 51.90
CA MET H 620 -20.83 31.72 51.35
C MET H 620 -20.11 30.80 52.32
N PHE H 621 -20.10 31.17 53.60
CA PHE H 621 -19.48 30.32 54.61
C PHE H 621 -20.06 28.91 54.56
N LEU H 622 -21.39 28.82 54.52
CA LEU H 622 -22.05 27.52 54.43
C LEU H 622 -21.54 26.74 53.24
N ASN H 623 -21.45 27.42 52.08
CA ASN H 623 -20.95 26.76 50.87
C ASN H 623 -19.61 26.10 51.13
N GLU H 624 -18.68 26.85 51.74
CA GLU H 624 -17.36 26.29 52.03
C GLU H 624 -17.49 25.04 52.88
N LEU H 625 -18.30 25.13 53.95
CA LEU H 625 -18.49 23.98 54.83
C LEU H 625 -18.92 22.75 54.05
N GLU H 626 -19.82 22.93 53.08
CA GLU H 626 -20.31 21.80 52.30
C GLU H 626 -19.15 21.03 51.68
N GLU H 627 -18.25 21.75 51.00
CA GLU H 627 -17.12 21.07 50.39
C GLU H 627 -16.27 20.37 51.43
N ILE H 628 -15.99 21.07 52.55
CA ILE H 628 -15.25 20.44 53.63
C ILE H 628 -15.98 19.21 54.13
N LEU H 629 -17.31 19.32 54.27
CA LEU H 629 -18.10 18.17 54.70
C LEU H 629 -17.90 17.01 53.73
N ASP H 630 -17.93 17.30 52.43
CA ASP H 630 -17.83 16.25 51.42
C ASP H 630 -16.49 15.53 51.51
N VAL H 631 -15.51 16.10 52.20
CA VAL H 631 -14.22 15.45 52.41
C VAL H 631 -14.04 14.96 53.84
N ILE H 632 -14.71 15.57 54.82
CA ILE H 632 -14.41 15.30 56.22
C ILE H 632 -15.19 14.11 56.77
N GLU H 633 -16.26 13.67 56.09
CA GLU H 633 -17.04 12.55 56.60
C GLU H 633 -16.23 11.26 56.78
N PRO H 634 -15.39 10.84 55.83
CA PRO H 634 -14.58 9.64 56.06
C PRO H 634 -13.55 9.85 57.16
N SER H 635 -12.82 8.76 57.46
CA SER H 635 -11.76 8.76 58.47
C SER H 635 -12.30 9.01 59.88
N GLU H 636 -13.61 8.90 60.05
CA GLU H 636 -14.27 9.03 61.34
C GLU H 636 -13.90 10.35 62.03
N PHE H 637 -14.28 11.44 61.39
CA PHE H 637 -14.01 12.78 61.89
C PHE H 637 -15.30 13.32 62.53
N VAL H 638 -15.49 13.00 63.81
CA VAL H 638 -16.63 13.47 64.57
C VAL H 638 -16.15 14.16 65.84
N LYS H 639 -14.85 14.49 65.87
CA LYS H 639 -14.28 15.16 67.03
C LYS H 639 -14.88 16.53 67.23
N ILE H 640 -15.09 17.27 66.15
CA ILE H 640 -15.63 18.62 66.21
C ILE H 640 -17.01 18.69 65.56
N MET H 641 -17.67 17.55 65.39
CA MET H 641 -19.01 17.56 64.79
C MET H 641 -20.03 18.22 65.71
N GLU H 642 -19.99 17.90 67.00
CA GLU H 642 -20.96 18.49 67.93
C GLU H 642 -20.85 20.00 68.05
N PRO H 643 -19.67 20.60 68.29
CA PRO H 643 -19.63 22.07 68.32
C PRO H 643 -19.96 22.71 66.99
N LEU H 644 -19.62 22.06 65.87
CA LEU H 644 -20.00 22.59 64.55
C LEU H 644 -21.51 22.63 64.40
N PHE H 645 -22.20 21.55 64.82
CA PHE H 645 -23.65 21.53 64.76
C PHE H 645 -24.25 22.58 65.70
N ARG H 646 -23.66 22.74 66.89
CA ARG H 646 -24.17 23.73 67.84
C ARG H 646 -24.05 25.14 67.27
N GLN H 647 -22.91 25.45 66.65
CA GLN H 647 -22.73 26.77 66.05
C GLN H 647 -23.63 26.96 64.83
N LEU H 648 -23.84 25.90 64.05
CA LEU H 648 -24.70 26.00 62.87
C LEU H 648 -26.15 26.20 63.24
N ALA H 649 -26.60 25.62 64.37
CA ALA H 649 -27.99 25.76 64.77
C ALA H 649 -28.35 27.22 65.08
N LYS H 650 -27.45 27.95 65.73
CA LYS H 650 -27.70 29.35 66.06
C LYS H 650 -27.65 30.22 64.80
#